data_3FSD
# 
_entry.id   3FSD 
# 
_audit_conform.dict_name       mmcif_pdbx.dic 
_audit_conform.dict_version    5.397 
_audit_conform.dict_location   http://mmcif.pdb.org/dictionaries/ascii/mmcif_pdbx.dic 
# 
loop_
_database_2.database_id 
_database_2.database_code 
_database_2.pdbx_database_accession 
_database_2.pdbx_DOI 
PDB   3FSD         pdb_00003fsd 10.2210/pdb3fsd/pdb 
RCSB  RCSB050982   ?            ?                   
WWPDB D_1000050982 ?            ?                   
# 
loop_
_pdbx_audit_revision_history.ordinal 
_pdbx_audit_revision_history.data_content_type 
_pdbx_audit_revision_history.major_revision 
_pdbx_audit_revision_history.minor_revision 
_pdbx_audit_revision_history.revision_date 
1 'Structure model' 1 0 2009-02-10 
2 'Structure model' 1 1 2011-07-13 
3 'Structure model' 1 2 2016-02-17 
4 'Structure model' 1 3 2017-10-11 
5 'Structure model' 1 4 2017-10-25 
6 'Structure model' 1 5 2019-07-24 
7 'Structure model' 1 6 2023-02-01 
8 'Structure model' 1 7 2024-10-30 
# 
_pdbx_audit_revision_details.ordinal             1 
_pdbx_audit_revision_details.revision_ordinal    1 
_pdbx_audit_revision_details.data_content_type   'Structure model' 
_pdbx_audit_revision_details.provider            repository 
_pdbx_audit_revision_details.type                'Initial release' 
_pdbx_audit_revision_details.description         ? 
_pdbx_audit_revision_details.details             ? 
# 
loop_
_pdbx_audit_revision_group.ordinal 
_pdbx_audit_revision_group.revision_ordinal 
_pdbx_audit_revision_group.data_content_type 
_pdbx_audit_revision_group.group 
1  2 'Structure model' Advisory                     
2  2 'Structure model' 'Version format compliance'  
3  3 'Structure model' 'Refinement description'     
4  4 'Structure model' 'Data collection'            
5  4 'Structure model' 'Refinement description'     
6  5 'Structure model' 'Author supporting evidence' 
7  6 'Structure model' 'Data collection'            
8  6 'Structure model' 'Derived calculations'       
9  6 'Structure model' 'Refinement description'     
10 7 'Structure model' 'Database references'        
11 7 'Structure model' 'Derived calculations'       
12 8 'Structure model' 'Data collection'            
13 8 'Structure model' 'Structure summary'          
# 
loop_
_pdbx_audit_revision_category.ordinal 
_pdbx_audit_revision_category.revision_ordinal 
_pdbx_audit_revision_category.data_content_type 
_pdbx_audit_revision_category.category 
1  4 'Structure model' reflns_shell                       
2  4 'Structure model' software                           
3  5 'Structure model' pdbx_struct_assembly_auth_evidence 
4  6 'Structure model' software                           
5  6 'Structure model' struct_conn                        
6  7 'Structure model' database_2                         
7  7 'Structure model' struct_ref_seq_dif                 
8  7 'Structure model' struct_site                        
9  8 'Structure model' chem_comp_atom                     
10 8 'Structure model' chem_comp_bond                     
11 8 'Structure model' pdbx_entry_details                 
12 8 'Structure model' pdbx_modification_feature          
# 
loop_
_pdbx_audit_revision_item.ordinal 
_pdbx_audit_revision_item.revision_ordinal 
_pdbx_audit_revision_item.data_content_type 
_pdbx_audit_revision_item.item 
1  4 'Structure model' '_reflns_shell.percent_possible_all'           
2  4 'Structure model' '_software.classification'                     
3  4 'Structure model' '_software.name'                               
4  6 'Structure model' '_software.classification'                     
5  6 'Structure model' '_software.contact_author'                     
6  6 'Structure model' '_software.contact_author_email'               
7  6 'Structure model' '_software.language'                           
8  6 'Structure model' '_software.location'                           
9  6 'Structure model' '_software.name'                               
10 6 'Structure model' '_software.type'                               
11 6 'Structure model' '_software.version'                            
12 6 'Structure model' '_struct_conn.pdbx_leaving_atom_flag'          
13 7 'Structure model' '_database_2.pdbx_DOI'                         
14 7 'Structure model' '_database_2.pdbx_database_accession'          
15 7 'Structure model' '_struct_ref_seq_dif.details'                  
16 7 'Structure model' '_struct_site.pdbx_auth_asym_id'               
17 7 'Structure model' '_struct_site.pdbx_auth_comp_id'               
18 7 'Structure model' '_struct_site.pdbx_auth_seq_id'                
19 8 'Structure model' '_pdbx_entry_details.has_protein_modification' 
# 
_pdbx_database_status.SG_entry                        Y 
_pdbx_database_status.entry_id                        3FSD 
_pdbx_database_status.deposit_site                    RCSB 
_pdbx_database_status.process_site                    RCSB 
_pdbx_database_status.recvd_initial_deposition_date   2009-01-09 
_pdbx_database_status.status_code                     REL 
_pdbx_database_status.status_code_sf                  REL 
_pdbx_database_status.status_code_mr                  ? 
_pdbx_database_status.status_code_cs                  ? 
_pdbx_database_status.pdb_format_compatible           Y 
_pdbx_database_status.methods_development_category    ? 
_pdbx_database_status.status_code_nmr_data            ? 
# 
_pdbx_database_related.db_name        TargetDB 
_pdbx_database_related.db_id          378192 
_pdbx_database_related.details        . 
_pdbx_database_related.content_type   unspecified 
# 
_audit_author.name           'Joint Center for Structural Genomics (JCSG)' 
_audit_author.pdbx_ordinal   1 
# 
_citation.id                        primary 
_citation.title                     
;Crystal structure of NTF2-like protein of unknown function in nutrient uptake (YP_427473.1) from RHODOSPIRILLUM RUBRUM ATCC 11170 at 1.70 A resolution
;
_citation.journal_abbrev            'To be published' 
_citation.journal_volume            ? 
_citation.page_first                ? 
_citation.page_last                 ? 
_citation.year                      ? 
_citation.journal_id_ASTM           ? 
_citation.country                   ? 
_citation.journal_id_ISSN           ? 
_citation.journal_id_CSD            0353 
_citation.book_publisher            ? 
_citation.pdbx_database_id_PubMed   ? 
_citation.pdbx_database_id_DOI      ? 
# 
_citation_author.citation_id        primary 
_citation_author.name               'Joint Center for Structural Genomics (JCSG)' 
_citation_author.ordinal            1 
_citation_author.identifier_ORCID   ? 
# 
loop_
_entity.id 
_entity.type 
_entity.src_method 
_entity.pdbx_description 
_entity.formula_weight 
_entity.pdbx_number_of_molecules 
_entity.pdbx_ec 
_entity.pdbx_mutation 
_entity.pdbx_fragment 
_entity.details 
1 polymer     man 'NTF2-like protein of unknown function in nutrient uptake' 14614.410 1  ? ? ? ? 
2 non-polymer syn 'UNKNOWN LIGAND'                                           ?         1  ? ? ? ? 
3 non-polymer syn 1,2-ETHANEDIOL                                             62.068    2  ? ? ? ? 
4 water       nat water                                                      18.015    93 ? ? ? ? 
# 
_entity_poly.entity_id                      1 
_entity_poly.type                           'polypeptide(L)' 
_entity_poly.nstd_linkage                   no 
_entity_poly.nstd_monomer                   yes 
_entity_poly.pdbx_seq_one_letter_code       
;G(MSE)SNALATLASPADDIAFYEERLRAA(MSE)LTGDLKGLETLLADDLAFVDHTGCVKTKQTHLEPYRAGLLKLSRL
DLSDAVVRAAGEDGRVVVVRAVTAGVYDGEAFTETLRFTRIWRRTQGPAGWKLVAGHCSVIL
;
_entity_poly.pdbx_seq_one_letter_code_can   
;GMSNALATLASPADDIAFYEERLRAAMLTGDLKGLETLLADDLAFVDHTGCVKTKQTHLEPYRAGLLKLSRLDLSDAVVR
AAGEDGRVVVVRAVTAGVYDGEAFTETLRFTRIWRRTQGPAGWKLVAGHCSVIL
;
_entity_poly.pdbx_strand_id                 A 
_entity_poly.pdbx_target_identifier         378192 
# 
loop_
_pdbx_entity_nonpoly.entity_id 
_pdbx_entity_nonpoly.name 
_pdbx_entity_nonpoly.comp_id 
2 'UNKNOWN LIGAND' UNL 
3 1,2-ETHANEDIOL   EDO 
4 water            HOH 
# 
loop_
_entity_poly_seq.entity_id 
_entity_poly_seq.num 
_entity_poly_seq.mon_id 
_entity_poly_seq.hetero 
1 1   GLY n 
1 2   MSE n 
1 3   SER n 
1 4   ASN n 
1 5   ALA n 
1 6   LEU n 
1 7   ALA n 
1 8   THR n 
1 9   LEU n 
1 10  ALA n 
1 11  SER n 
1 12  PRO n 
1 13  ALA n 
1 14  ASP n 
1 15  ASP n 
1 16  ILE n 
1 17  ALA n 
1 18  PHE n 
1 19  TYR n 
1 20  GLU n 
1 21  GLU n 
1 22  ARG n 
1 23  LEU n 
1 24  ARG n 
1 25  ALA n 
1 26  ALA n 
1 27  MSE n 
1 28  LEU n 
1 29  THR n 
1 30  GLY n 
1 31  ASP n 
1 32  LEU n 
1 33  LYS n 
1 34  GLY n 
1 35  LEU n 
1 36  GLU n 
1 37  THR n 
1 38  LEU n 
1 39  LEU n 
1 40  ALA n 
1 41  ASP n 
1 42  ASP n 
1 43  LEU n 
1 44  ALA n 
1 45  PHE n 
1 46  VAL n 
1 47  ASP n 
1 48  HIS n 
1 49  THR n 
1 50  GLY n 
1 51  CYS n 
1 52  VAL n 
1 53  LYS n 
1 54  THR n 
1 55  LYS n 
1 56  GLN n 
1 57  THR n 
1 58  HIS n 
1 59  LEU n 
1 60  GLU n 
1 61  PRO n 
1 62  TYR n 
1 63  ARG n 
1 64  ALA n 
1 65  GLY n 
1 66  LEU n 
1 67  LEU n 
1 68  LYS n 
1 69  LEU n 
1 70  SER n 
1 71  ARG n 
1 72  LEU n 
1 73  ASP n 
1 74  LEU n 
1 75  SER n 
1 76  ASP n 
1 77  ALA n 
1 78  VAL n 
1 79  VAL n 
1 80  ARG n 
1 81  ALA n 
1 82  ALA n 
1 83  GLY n 
1 84  GLU n 
1 85  ASP n 
1 86  GLY n 
1 87  ARG n 
1 88  VAL n 
1 89  VAL n 
1 90  VAL n 
1 91  VAL n 
1 92  ARG n 
1 93  ALA n 
1 94  VAL n 
1 95  THR n 
1 96  ALA n 
1 97  GLY n 
1 98  VAL n 
1 99  TYR n 
1 100 ASP n 
1 101 GLY n 
1 102 GLU n 
1 103 ALA n 
1 104 PHE n 
1 105 THR n 
1 106 GLU n 
1 107 THR n 
1 108 LEU n 
1 109 ARG n 
1 110 PHE n 
1 111 THR n 
1 112 ARG n 
1 113 ILE n 
1 114 TRP n 
1 115 ARG n 
1 116 ARG n 
1 117 THR n 
1 118 GLN n 
1 119 GLY n 
1 120 PRO n 
1 121 ALA n 
1 122 GLY n 
1 123 TRP n 
1 124 LYS n 
1 125 LEU n 
1 126 VAL n 
1 127 ALA n 
1 128 GLY n 
1 129 HIS n 
1 130 CYS n 
1 131 SER n 
1 132 VAL n 
1 133 ILE n 
1 134 LEU n 
# 
_entity_src_gen.entity_id                          1 
_entity_src_gen.pdbx_src_id                        1 
_entity_src_gen.pdbx_alt_source_flag               sample 
_entity_src_gen.pdbx_seq_type                      ? 
_entity_src_gen.pdbx_beg_seq_num                   ? 
_entity_src_gen.pdbx_end_seq_num                   ? 
_entity_src_gen.gene_src_common_name               ? 
_entity_src_gen.gene_src_genus                     ? 
_entity_src_gen.pdbx_gene_src_gene                 'Rru_A2386, YP_427473.1' 
_entity_src_gen.gene_src_species                   ? 
_entity_src_gen.gene_src_strain                    ? 
_entity_src_gen.gene_src_tissue                    ? 
_entity_src_gen.gene_src_tissue_fraction           ? 
_entity_src_gen.gene_src_details                   ? 
_entity_src_gen.pdbx_gene_src_fragment             ? 
_entity_src_gen.pdbx_gene_src_scientific_name      'Rhodospirillum rubrum ATCC 11170' 
_entity_src_gen.pdbx_gene_src_ncbi_taxonomy_id     269796 
_entity_src_gen.pdbx_gene_src_variant              ? 
_entity_src_gen.pdbx_gene_src_cell_line            ? 
_entity_src_gen.pdbx_gene_src_atcc                 11170 
_entity_src_gen.pdbx_gene_src_organ                ? 
_entity_src_gen.pdbx_gene_src_organelle            ? 
_entity_src_gen.pdbx_gene_src_cell                 ? 
_entity_src_gen.pdbx_gene_src_cellular_location    ? 
_entity_src_gen.host_org_common_name               ? 
_entity_src_gen.pdbx_host_org_scientific_name      'Escherichia coli' 
_entity_src_gen.pdbx_host_org_ncbi_taxonomy_id     562 
_entity_src_gen.host_org_genus                     ? 
_entity_src_gen.pdbx_host_org_gene                 ? 
_entity_src_gen.pdbx_host_org_organ                ? 
_entity_src_gen.host_org_species                   ? 
_entity_src_gen.pdbx_host_org_tissue               ? 
_entity_src_gen.pdbx_host_org_tissue_fraction      ? 
_entity_src_gen.pdbx_host_org_strain               HK100 
_entity_src_gen.pdbx_host_org_variant              ? 
_entity_src_gen.pdbx_host_org_cell_line            ? 
_entity_src_gen.pdbx_host_org_atcc                 ? 
_entity_src_gen.pdbx_host_org_culture_collection   ? 
_entity_src_gen.pdbx_host_org_cell                 ? 
_entity_src_gen.pdbx_host_org_organelle            ? 
_entity_src_gen.pdbx_host_org_cellular_location    ? 
_entity_src_gen.pdbx_host_org_vector_type          Plasmid 
_entity_src_gen.pdbx_host_org_vector               ? 
_entity_src_gen.host_org_details                   ? 
_entity_src_gen.expression_system_id               ? 
_entity_src_gen.plasmid_name                       SpeedET 
_entity_src_gen.plasmid_details                    ? 
_entity_src_gen.pdbx_description                   ? 
# 
loop_
_chem_comp.id 
_chem_comp.type 
_chem_comp.mon_nstd_flag 
_chem_comp.name 
_chem_comp.pdbx_synonyms 
_chem_comp.formula 
_chem_comp.formula_weight 
ALA 'L-peptide linking' y ALANINE          ?                 'C3 H7 N O2'     89.093  
ARG 'L-peptide linking' y ARGININE         ?                 'C6 H15 N4 O2 1' 175.209 
ASN 'L-peptide linking' y ASPARAGINE       ?                 'C4 H8 N2 O3'    132.118 
ASP 'L-peptide linking' y 'ASPARTIC ACID'  ?                 'C4 H7 N O4'     133.103 
CYS 'L-peptide linking' y CYSTEINE         ?                 'C3 H7 N O2 S'   121.158 
EDO non-polymer         . 1,2-ETHANEDIOL   'ETHYLENE GLYCOL' 'C2 H6 O2'       62.068  
GLN 'L-peptide linking' y GLUTAMINE        ?                 'C5 H10 N2 O3'   146.144 
GLU 'L-peptide linking' y 'GLUTAMIC ACID'  ?                 'C5 H9 N O4'     147.129 
GLY 'peptide linking'   y GLYCINE          ?                 'C2 H5 N O2'     75.067  
HIS 'L-peptide linking' y HISTIDINE        ?                 'C6 H10 N3 O2 1' 156.162 
HOH non-polymer         . WATER            ?                 'H2 O'           18.015  
ILE 'L-peptide linking' y ISOLEUCINE       ?                 'C6 H13 N O2'    131.173 
LEU 'L-peptide linking' y LEUCINE          ?                 'C6 H13 N O2'    131.173 
LYS 'L-peptide linking' y LYSINE           ?                 'C6 H15 N2 O2 1' 147.195 
MSE 'L-peptide linking' n SELENOMETHIONINE ?                 'C5 H11 N O2 Se' 196.106 
PHE 'L-peptide linking' y PHENYLALANINE    ?                 'C9 H11 N O2'    165.189 
PRO 'L-peptide linking' y PROLINE          ?                 'C5 H9 N O2'     115.130 
SER 'L-peptide linking' y SERINE           ?                 'C3 H7 N O3'     105.093 
THR 'L-peptide linking' y THREONINE        ?                 'C4 H9 N O3'     119.119 
TRP 'L-peptide linking' y TRYPTOPHAN       ?                 'C11 H12 N2 O2'  204.225 
TYR 'L-peptide linking' y TYROSINE         ?                 'C9 H11 N O3'    181.189 
UNL non-polymer         . 'UNKNOWN LIGAND' ?                 ?                ?       
VAL 'L-peptide linking' y VALINE           ?                 'C5 H11 N O2'    117.146 
# 
loop_
_pdbx_poly_seq_scheme.asym_id 
_pdbx_poly_seq_scheme.entity_id 
_pdbx_poly_seq_scheme.seq_id 
_pdbx_poly_seq_scheme.mon_id 
_pdbx_poly_seq_scheme.ndb_seq_num 
_pdbx_poly_seq_scheme.pdb_seq_num 
_pdbx_poly_seq_scheme.auth_seq_num 
_pdbx_poly_seq_scheme.pdb_mon_id 
_pdbx_poly_seq_scheme.auth_mon_id 
_pdbx_poly_seq_scheme.pdb_strand_id 
_pdbx_poly_seq_scheme.pdb_ins_code 
_pdbx_poly_seq_scheme.hetero 
A 1 1   GLY 1   0   ?   ?   ?   A . n 
A 1 2   MSE 2   1   ?   ?   ?   A . n 
A 1 3   SER 3   2   ?   ?   ?   A . n 
A 1 4   ASN 4   3   ?   ?   ?   A . n 
A 1 5   ALA 5   4   ?   ?   ?   A . n 
A 1 6   LEU 6   5   ?   ?   ?   A . n 
A 1 7   ALA 7   6   ?   ?   ?   A . n 
A 1 8   THR 8   7   ?   ?   ?   A . n 
A 1 9   LEU 9   8   ?   ?   ?   A . n 
A 1 10  ALA 10  9   ?   ?   ?   A . n 
A 1 11  SER 11  10  ?   ?   ?   A . n 
A 1 12  PRO 12  11  ?   ?   ?   A . n 
A 1 13  ALA 13  12  ?   ?   ?   A . n 
A 1 14  ASP 14  13  13  ASP ASP A . n 
A 1 15  ASP 15  14  14  ASP ASP A . n 
A 1 16  ILE 16  15  15  ILE ILE A . n 
A 1 17  ALA 17  16  16  ALA ALA A . n 
A 1 18  PHE 18  17  17  PHE PHE A . n 
A 1 19  TYR 19  18  18  TYR TYR A . n 
A 1 20  GLU 20  19  19  GLU GLU A . n 
A 1 21  GLU 21  20  20  GLU GLU A . n 
A 1 22  ARG 22  21  21  ARG ARG A . n 
A 1 23  LEU 23  22  22  LEU LEU A . n 
A 1 24  ARG 24  23  23  ARG ARG A . n 
A 1 25  ALA 25  24  24  ALA ALA A . n 
A 1 26  ALA 26  25  25  ALA ALA A . n 
A 1 27  MSE 27  26  26  MSE MSE A . n 
A 1 28  LEU 28  27  27  LEU LEU A . n 
A 1 29  THR 29  28  28  THR THR A . n 
A 1 30  GLY 30  29  29  GLY GLY A . n 
A 1 31  ASP 31  30  30  ASP ASP A . n 
A 1 32  LEU 32  31  31  LEU LEU A . n 
A 1 33  LYS 33  32  32  LYS LYS A . n 
A 1 34  GLY 34  33  33  GLY GLY A . n 
A 1 35  LEU 35  34  34  LEU LEU A . n 
A 1 36  GLU 36  35  35  GLU GLU A . n 
A 1 37  THR 37  36  36  THR THR A . n 
A 1 38  LEU 38  37  37  LEU LEU A . n 
A 1 39  LEU 39  38  38  LEU LEU A . n 
A 1 40  ALA 40  39  39  ALA ALA A . n 
A 1 41  ASP 41  40  40  ASP ASP A . n 
A 1 42  ASP 42  41  41  ASP ASP A . n 
A 1 43  LEU 43  42  42  LEU LEU A . n 
A 1 44  ALA 44  43  43  ALA ALA A . n 
A 1 45  PHE 45  44  44  PHE PHE A . n 
A 1 46  VAL 46  45  45  VAL VAL A . n 
A 1 47  ASP 47  46  46  ASP ASP A . n 
A 1 48  HIS 48  47  47  HIS HIS A . n 
A 1 49  THR 49  48  48  THR THR A . n 
A 1 50  GLY 50  49  49  GLY GLY A . n 
A 1 51  CYS 51  50  50  CYS CYS A . n 
A 1 52  VAL 52  51  51  VAL VAL A . n 
A 1 53  LYS 53  52  52  LYS LYS A . n 
A 1 54  THR 54  53  53  THR THR A . n 
A 1 55  LYS 55  54  54  LYS LYS A . n 
A 1 56  GLN 56  55  55  GLN GLN A . n 
A 1 57  THR 57  56  56  THR THR A . n 
A 1 58  HIS 58  57  57  HIS HIS A . n 
A 1 59  LEU 59  58  58  LEU LEU A . n 
A 1 60  GLU 60  59  59  GLU GLU A . n 
A 1 61  PRO 61  60  60  PRO PRO A . n 
A 1 62  TYR 62  61  61  TYR TYR A . n 
A 1 63  ARG 63  62  62  ARG ARG A . n 
A 1 64  ALA 64  63  63  ALA ALA A . n 
A 1 65  GLY 65  64  64  GLY GLY A . n 
A 1 66  LEU 66  65  65  LEU LEU A . n 
A 1 67  LEU 67  66  66  LEU LEU A . n 
A 1 68  LYS 68  67  67  LYS LYS A . n 
A 1 69  LEU 69  68  68  LEU LEU A . n 
A 1 70  SER 70  69  69  SER SER A . n 
A 1 71  ARG 71  70  70  ARG ARG A . n 
A 1 72  LEU 72  71  71  LEU LEU A . n 
A 1 73  ASP 73  72  72  ASP ASP A . n 
A 1 74  LEU 74  73  73  LEU LEU A . n 
A 1 75  SER 75  74  74  SER SER A . n 
A 1 76  ASP 76  75  75  ASP ASP A . n 
A 1 77  ALA 77  76  76  ALA ALA A . n 
A 1 78  VAL 78  77  77  VAL VAL A . n 
A 1 79  VAL 79  78  78  VAL VAL A . n 
A 1 80  ARG 80  79  79  ARG ARG A . n 
A 1 81  ALA 81  80  80  ALA ALA A . n 
A 1 82  ALA 82  81  81  ALA ALA A . n 
A 1 83  GLY 83  82  82  GLY GLY A . n 
A 1 84  GLU 84  83  83  GLU GLU A . n 
A 1 85  ASP 85  84  84  ASP ASP A . n 
A 1 86  GLY 86  85  85  GLY GLY A . n 
A 1 87  ARG 87  86  86  ARG ARG A . n 
A 1 88  VAL 88  87  87  VAL VAL A . n 
A 1 89  VAL 89  88  88  VAL VAL A . n 
A 1 90  VAL 90  89  89  VAL VAL A . n 
A 1 91  VAL 91  90  90  VAL VAL A . n 
A 1 92  ARG 92  91  91  ARG ARG A . n 
A 1 93  ALA 93  92  92  ALA ALA A . n 
A 1 94  VAL 94  93  93  VAL VAL A . n 
A 1 95  THR 95  94  94  THR THR A . n 
A 1 96  ALA 96  95  95  ALA ALA A . n 
A 1 97  GLY 97  96  96  GLY GLY A . n 
A 1 98  VAL 98  97  97  VAL VAL A . n 
A 1 99  TYR 99  98  98  TYR TYR A . n 
A 1 100 ASP 100 99  99  ASP ASP A . n 
A 1 101 GLY 101 100 100 GLY GLY A . n 
A 1 102 GLU 102 101 101 GLU GLU A . n 
A 1 103 ALA 103 102 102 ALA ALA A . n 
A 1 104 PHE 104 103 103 PHE PHE A . n 
A 1 105 THR 105 104 104 THR THR A . n 
A 1 106 GLU 106 105 105 GLU GLU A . n 
A 1 107 THR 107 106 106 THR THR A . n 
A 1 108 LEU 108 107 107 LEU LEU A . n 
A 1 109 ARG 109 108 108 ARG ARG A . n 
A 1 110 PHE 110 109 109 PHE PHE A . n 
A 1 111 THR 111 110 110 THR THR A . n 
A 1 112 ARG 112 111 111 ARG ARG A . n 
A 1 113 ILE 113 112 112 ILE ILE A . n 
A 1 114 TRP 114 113 113 TRP TRP A . n 
A 1 115 ARG 115 114 114 ARG ARG A . n 
A 1 116 ARG 116 115 115 ARG ARG A . n 
A 1 117 THR 117 116 116 THR THR A . n 
A 1 118 GLN 118 117 117 GLN GLN A . n 
A 1 119 GLY 119 118 118 GLY GLY A . n 
A 1 120 PRO 120 119 119 PRO PRO A . n 
A 1 121 ALA 121 120 120 ALA ALA A . n 
A 1 122 GLY 122 121 121 GLY GLY A . n 
A 1 123 TRP 123 122 122 TRP TRP A . n 
A 1 124 LYS 124 123 123 LYS LYS A . n 
A 1 125 LEU 125 124 124 LEU LEU A . n 
A 1 126 VAL 126 125 125 VAL VAL A . n 
A 1 127 ALA 127 126 126 ALA ALA A . n 
A 1 128 GLY 128 127 127 GLY GLY A . n 
A 1 129 HIS 129 128 128 HIS HIS A . n 
A 1 130 CYS 130 129 129 CYS CYS A . n 
A 1 131 SER 131 130 130 SER SER A . n 
A 1 132 VAL 132 131 131 VAL VAL A . n 
A 1 133 ILE 133 132 132 ILE ILE A . n 
A 1 134 LEU 134 133 133 LEU LEU A . n 
# 
loop_
_pdbx_nonpoly_scheme.asym_id 
_pdbx_nonpoly_scheme.entity_id 
_pdbx_nonpoly_scheme.mon_id 
_pdbx_nonpoly_scheme.ndb_seq_num 
_pdbx_nonpoly_scheme.pdb_seq_num 
_pdbx_nonpoly_scheme.auth_seq_num 
_pdbx_nonpoly_scheme.pdb_mon_id 
_pdbx_nonpoly_scheme.auth_mon_id 
_pdbx_nonpoly_scheme.pdb_strand_id 
_pdbx_nonpoly_scheme.pdb_ins_code 
B 2 UNL 1  134 1  UNL UNL A . 
C 3 EDO 1  135 2  EDO EDO A . 
D 3 EDO 1  136 3  EDO EDO A . 
E 4 HOH 1  137 4  HOH HOH A . 
E 4 HOH 2  138 5  HOH HOH A . 
E 4 HOH 3  139 6  HOH HOH A . 
E 4 HOH 4  140 7  HOH HOH A . 
E 4 HOH 5  141 8  HOH HOH A . 
E 4 HOH 6  142 9  HOH HOH A . 
E 4 HOH 7  143 10 HOH HOH A . 
E 4 HOH 8  144 11 HOH HOH A . 
E 4 HOH 9  145 12 HOH HOH A . 
E 4 HOH 10 146 13 HOH HOH A . 
E 4 HOH 11 147 14 HOH HOH A . 
E 4 HOH 12 148 15 HOH HOH A . 
E 4 HOH 13 149 16 HOH HOH A . 
E 4 HOH 14 150 17 HOH HOH A . 
E 4 HOH 15 151 18 HOH HOH A . 
E 4 HOH 16 152 19 HOH HOH A . 
E 4 HOH 17 153 20 HOH HOH A . 
E 4 HOH 18 154 21 HOH HOH A . 
E 4 HOH 19 155 22 HOH HOH A . 
E 4 HOH 20 156 23 HOH HOH A . 
E 4 HOH 21 157 24 HOH HOH A . 
E 4 HOH 22 158 25 HOH HOH A . 
E 4 HOH 23 159 26 HOH HOH A . 
E 4 HOH 24 160 27 HOH HOH A . 
E 4 HOH 25 161 28 HOH HOH A . 
E 4 HOH 26 162 29 HOH HOH A . 
E 4 HOH 27 163 30 HOH HOH A . 
E 4 HOH 28 164 31 HOH HOH A . 
E 4 HOH 29 165 32 HOH HOH A . 
E 4 HOH 30 166 33 HOH HOH A . 
E 4 HOH 31 167 34 HOH HOH A . 
E 4 HOH 32 168 35 HOH HOH A . 
E 4 HOH 33 169 36 HOH HOH A . 
E 4 HOH 34 170 37 HOH HOH A . 
E 4 HOH 35 171 38 HOH HOH A . 
E 4 HOH 36 172 39 HOH HOH A . 
E 4 HOH 37 173 40 HOH HOH A . 
E 4 HOH 38 174 41 HOH HOH A . 
E 4 HOH 39 175 42 HOH HOH A . 
E 4 HOH 40 176 43 HOH HOH A . 
E 4 HOH 41 177 44 HOH HOH A . 
E 4 HOH 42 178 45 HOH HOH A . 
E 4 HOH 43 179 46 HOH HOH A . 
E 4 HOH 44 180 47 HOH HOH A . 
E 4 HOH 45 181 48 HOH HOH A . 
E 4 HOH 46 182 49 HOH HOH A . 
E 4 HOH 47 183 50 HOH HOH A . 
E 4 HOH 48 184 51 HOH HOH A . 
E 4 HOH 49 185 52 HOH HOH A . 
E 4 HOH 50 186 53 HOH HOH A . 
E 4 HOH 51 187 54 HOH HOH A . 
E 4 HOH 52 188 55 HOH HOH A . 
E 4 HOH 53 189 56 HOH HOH A . 
E 4 HOH 54 190 57 HOH HOH A . 
E 4 HOH 55 191 58 HOH HOH A . 
E 4 HOH 56 192 59 HOH HOH A . 
E 4 HOH 57 193 60 HOH HOH A . 
E 4 HOH 58 194 61 HOH HOH A . 
E 4 HOH 59 195 62 HOH HOH A . 
E 4 HOH 60 196 63 HOH HOH A . 
E 4 HOH 61 197 64 HOH HOH A . 
E 4 HOH 62 198 65 HOH HOH A . 
E 4 HOH 63 199 66 HOH HOH A . 
E 4 HOH 64 200 67 HOH HOH A . 
E 4 HOH 65 201 68 HOH HOH A . 
E 4 HOH 66 202 69 HOH HOH A . 
E 4 HOH 67 203 70 HOH HOH A . 
E 4 HOH 68 204 71 HOH HOH A . 
E 4 HOH 69 205 72 HOH HOH A . 
E 4 HOH 70 206 73 HOH HOH A . 
E 4 HOH 71 207 74 HOH HOH A . 
E 4 HOH 72 208 75 HOH HOH A . 
E 4 HOH 73 209 76 HOH HOH A . 
E 4 HOH 74 210 77 HOH HOH A . 
E 4 HOH 75 211 78 HOH HOH A . 
E 4 HOH 76 212 79 HOH HOH A . 
E 4 HOH 77 213 80 HOH HOH A . 
E 4 HOH 78 214 81 HOH HOH A . 
E 4 HOH 79 215 82 HOH HOH A . 
E 4 HOH 80 216 83 HOH HOH A . 
E 4 HOH 81 217 84 HOH HOH A . 
E 4 HOH 82 218 85 HOH HOH A . 
E 4 HOH 83 219 86 HOH HOH A . 
E 4 HOH 84 220 87 HOH HOH A . 
E 4 HOH 85 221 88 HOH HOH A . 
E 4 HOH 86 222 89 HOH HOH A . 
E 4 HOH 87 223 90 HOH HOH A . 
E 4 HOH 88 224 91 HOH HOH A . 
E 4 HOH 89 225 92 HOH HOH A . 
E 4 HOH 90 226 93 HOH HOH A . 
E 4 HOH 91 227 94 HOH HOH A . 
E 4 HOH 92 228 95 HOH HOH A . 
E 4 HOH 93 229 96 HOH HOH A . 
# 
loop_
_pdbx_unobs_or_zero_occ_atoms.id 
_pdbx_unobs_or_zero_occ_atoms.PDB_model_num 
_pdbx_unobs_or_zero_occ_atoms.polymer_flag 
_pdbx_unobs_or_zero_occ_atoms.occupancy_flag 
_pdbx_unobs_or_zero_occ_atoms.auth_asym_id 
_pdbx_unobs_or_zero_occ_atoms.auth_comp_id 
_pdbx_unobs_or_zero_occ_atoms.auth_seq_id 
_pdbx_unobs_or_zero_occ_atoms.PDB_ins_code 
_pdbx_unobs_or_zero_occ_atoms.auth_atom_id 
_pdbx_unobs_or_zero_occ_atoms.label_alt_id 
_pdbx_unobs_or_zero_occ_atoms.label_asym_id 
_pdbx_unobs_or_zero_occ_atoms.label_comp_id 
_pdbx_unobs_or_zero_occ_atoms.label_seq_id 
_pdbx_unobs_or_zero_occ_atoms.label_atom_id 
1  1 Y 1 A ASP 13  ? CG  ? A ASP 14  CG  
2  1 Y 1 A ASP 13  ? OD1 ? A ASP 14  OD1 
3  1 Y 1 A ASP 13  ? OD2 ? A ASP 14  OD2 
4  1 Y 1 A LYS 32  ? CG  ? A LYS 33  CG  
5  1 Y 1 A LYS 32  ? CD  ? A LYS 33  CD  
6  1 Y 1 A LYS 32  ? CE  ? A LYS 33  CE  
7  1 Y 1 A LYS 32  ? NZ  ? A LYS 33  NZ  
8  1 Y 1 A GLN 117 ? CG  ? A GLN 118 CG  
9  1 Y 1 A GLN 117 ? CD  ? A GLN 118 CD  
10 1 Y 1 A GLN 117 ? OE1 ? A GLN 118 OE1 
11 1 Y 1 A GLN 117 ? NE2 ? A GLN 118 NE2 
# 
loop_
_software.name 
_software.version 
_software.date 
_software.type 
_software.contact_author 
_software.contact_author_email 
_software.classification 
_software.location 
_software.language 
_software.citation_id 
_software.pdbx_ordinal 
REFMAC      5.2.0019 ?               program 'Garib N. Murshudov'         garib@ysbl.york.ac.uk                refinement        
http://www.ccp4.ac.uk/dist/html/refmac5.html Fortran_77 ? 1 
PHENIX      .        ?               package 'P.D. Adams'                 PDAdams@lbl.gov                      refinement        
http://www.phenix-online.org/                C++        ? 2 
SHELX       .        ?               package 'George M. Sheldrick'        gsheldr@shelx.uni-ac.gwdg.de         phasing           
http://shelx.uni-ac.gwdg.de/SHELX/           Fortran_77 ? 3 
MolProbity  3beta29  ?               package 'D.C. & J.S. Richardson lab' molprobity@kinemage.biochem.duke.edu 'model building'  
http://kinemage.biochem.duke.edu/molprobity/ ?          ? 4 
SCALA       3.2.5    5/04/2004       other   'Phil R. Evans'              pre@mrc-lmb.cam.ac.uk                'data scaling'    
http://www.ccp4.ac.uk/dist/html/scala.html   Fortran_77 ? 5 
PDB_EXTRACT 3.006    'June 11, 2008' package PDB                          help@deposit.rcsb.org                'data extraction' 
http://sw-tools.pdb.org/apps/PDB_EXTRACT/    C++        ? 6 
MOSFLM      .        ?               ?       ?                            ?                                    'data reduction'  ? 
?          ? 7 
SHELXD      .        ?               ?       ?                            ?                                    phasing           ? 
?          ? 8 
autoSHARP   .        ?               ?       ?                            ?                                    phasing           ? 
?          ? 9 
# 
_cell.entry_id           3FSD 
_cell.length_a           61.018 
_cell.length_b           61.018 
_cell.length_c           56.442 
_cell.angle_alpha        90.000 
_cell.angle_beta         90.000 
_cell.angle_gamma        90.000 
_cell.pdbx_unique_axis   ? 
_cell.Z_PDB              8 
_cell.length_a_esd       ? 
_cell.length_b_esd       ? 
_cell.length_c_esd       ? 
_cell.angle_alpha_esd    ? 
_cell.angle_beta_esd     ? 
_cell.angle_gamma_esd    ? 
# 
_symmetry.entry_id                         3FSD 
_symmetry.Int_Tables_number                94 
_symmetry.space_group_name_H-M             'P 42 21 2' 
_symmetry.pdbx_full_space_group_name_H-M   ? 
_symmetry.cell_setting                     ? 
_symmetry.space_group_name_Hall            ? 
# 
_exptl.crystals_number   1 
_exptl.method            'X-RAY DIFFRACTION' 
_exptl.entry_id          3FSD 
# 
_exptl_crystal.id                    1 
_exptl_crystal.density_Matthews      1.80 
_exptl_crystal.density_meas          ? 
_exptl_crystal.density_percent_sol   31.57 
_exptl_crystal.description           ? 
_exptl_crystal.F_000                 ? 
_exptl_crystal.preparation           ? 
# 
_exptl_crystal_grow.crystal_id      1 
_exptl_crystal_grow.method          'VAPOR DIFFUSION, SITTING DROP' 
_exptl_crystal_grow.pH              ? 
_exptl_crystal_grow.temp            293 
_exptl_crystal_grow.pdbx_details    
;20.0% polyethylene glycol 3350, 0.2M magnesium chloride, ADDITIVE: 0.001M uridine 5'-monophosphate (UMP), NANODROP, VAPOR DIFFUSION, SITTING DROP, temperature 293K.
;
_exptl_crystal_grow.temp_details    ? 
_exptl_crystal_grow.pdbx_pH_range   ? 
# 
_diffrn.id                     1 
_diffrn.ambient_temp           100 
_diffrn.ambient_temp_details   ? 
_diffrn.crystal_id             1 
# 
_diffrn_detector.diffrn_id              1 
_diffrn_detector.detector               CCD 
_diffrn_detector.type                   'MARMOSAIC 325 mm CCD' 
_diffrn_detector.details                'Flat mirror (vertical focusing)' 
_diffrn_detector.pdbx_collection_date   2008-11-13 
# 
_diffrn_radiation.diffrn_id                        1 
_diffrn_radiation.pdbx_monochromatic_or_laue_m_l   M 
_diffrn_radiation.monochromator                    'Single crystal Si(111) bent monochromator (horizontal focusing)' 
_diffrn_radiation.pdbx_diffrn_protocol             MAD 
_diffrn_radiation.wavelength_id                    1 
_diffrn_radiation.pdbx_scattering_type             x-ray 
# 
loop_
_diffrn_radiation_wavelength.id 
_diffrn_radiation_wavelength.wavelength 
_diffrn_radiation_wavelength.wt 
1 0.97867 1.0 
2 0.97776 1.0 
3 0.91162 1.0 
# 
_diffrn_source.diffrn_id                   1 
_diffrn_source.source                      SYNCHROTRON 
_diffrn_source.pdbx_synchrotron_beamline   BL11-1 
_diffrn_source.type                        'SSRL BEAMLINE BL11-1' 
_diffrn_source.pdbx_wavelength_list        0.97867,0.97776,0.91162 
_diffrn_source.pdbx_wavelength             ? 
_diffrn_source.pdbx_synchrotron_site       SSRL 
# 
_reflns.entry_id                     3FSD 
_reflns.d_resolution_high            1.70 
_reflns.d_resolution_low             27.287 
_reflns.number_obs                   12272 
_reflns.pdbx_Rmerge_I_obs            0.095 
_reflns.pdbx_netI_over_sigmaI        15.8 
_reflns.pdbx_Rsym_value              0.095 
_reflns.pdbx_redundancy              9.400 
_reflns.percent_possible_obs         100.000 
_reflns.observed_criterion_sigma_F   ? 
_reflns.observed_criterion_sigma_I   ? 
_reflns.number_all                   ? 
_reflns.B_iso_Wilson_estimate        20.479 
_reflns.R_free_details               ? 
_reflns.limit_h_max                  ? 
_reflns.limit_h_min                  ? 
_reflns.limit_k_max                  ? 
_reflns.limit_k_min                  ? 
_reflns.limit_l_max                  ? 
_reflns.limit_l_min                  ? 
_reflns.observed_criterion_F_max     ? 
_reflns.observed_criterion_F_min     ? 
_reflns.pdbx_chi_squared             ? 
_reflns.pdbx_scaling_rejects         ? 
_reflns.pdbx_ordinal                 1 
_reflns.pdbx_diffrn_id               1 
# 
loop_
_reflns_shell.d_res_high 
_reflns_shell.d_res_low 
_reflns_shell.number_measured_obs 
_reflns_shell.number_measured_all 
_reflns_shell.number_unique_obs 
_reflns_shell.Rmerge_I_obs 
_reflns_shell.meanI_over_sigI_obs 
_reflns_shell.pdbx_Rsym_value 
_reflns_shell.pdbx_chi_squared 
_reflns_shell.pdbx_redundancy 
_reflns_shell.percent_possible_obs 
_reflns_shell.number_unique_all 
_reflns_shell.percent_possible_all 
_reflns_shell.pdbx_ordinal 
_reflns_shell.pdbx_diffrn_id 
1.70 1.74  ? 8443 ? 0.755 2.4  0.755 ? 9.60 ? 884 100.0  1  1 
1.74 1.79  ? 8211 ? 0.600 3.0  0.600 ? 9.50 ? 860 100.00 2  1 
1.79 1.84  ? 8145 ? 0.453 4.1  0.453 ? 9.50 ? 854 100.00 3  1 
1.84 1.90  ? 7652 ? 0.373 5.1  0.373 ? 9.60 ? 801 100.00 4  1 
1.90 1.96  ? 7607 ? 0.284 6.8  0.284 ? 9.60 ? 794 100.00 5  1 
1.96 2.03  ? 7476 ? 0.240 8.1  0.240 ? 9.50 ? 785 100.00 6  1 
2.03 2.11  ? 7079 ? 0.191 10.2 0.191 ? 9.50 ? 743 100.00 7  1 
2.11 2.19  ? 6747 ? 0.163 12.6 0.163 ? 9.50 ? 707 100.00 8  1 
2.19 2.29  ? 6496 ? 0.139 15.1 0.139 ? 9.50 ? 686 100.00 9  1 
2.29 2.40  ? 6247 ? 0.139 16.5 0.139 ? 9.50 ? 657 100.00 10 1 
2.40 2.53  ? 6053 ? 0.133 18.2 0.133 ? 9.40 ? 642 100.00 11 1 
2.53 2.69  ? 5668 ? 0.123 20.8 0.123 ? 9.30 ? 607 100.00 12 1 
2.69 2.87  ? 5247 ? 0.107 25.4 0.107 ? 9.30 ? 562 100.00 13 1 
2.87 3.10  ? 4928 ? 0.085 28.9 0.085 ? 9.30 ? 532 100.00 14 1 
3.10 3.40  ? 4568 ? 0.069 34.0 0.069 ? 9.30 ? 492 100.00 15 1 
3.40 3.80  ? 4217 ? 0.060 36.5 0.060 ? 9.30 ? 455 100.00 16 1 
3.80 4.39  ? 3666 ? 0.056 40.0 0.056 ? 9.00 ? 406 100.00 17 1 
4.39 5.38  ? 3101 ? 0.055 39.4 0.055 ? 9.00 ? 345 100.00 18 1 
5.38 7.60  ? 2409 ? 0.055 33.5 0.055 ? 8.40 ? 286 100.00 19 1 
7.60 27.29 ? 1286 ? 0.051 34.6 0.051 ? 7.40 ? 174 98.20  20 1 
# 
_refine.entry_id                                 3FSD 
_refine.ls_d_res_high                            1.700 
_refine.ls_d_res_low                             27.287 
_refine.pdbx_ls_sigma_F                          0.00 
_refine.pdbx_data_cutoff_high_absF               ? 
_refine.pdbx_data_cutoff_low_absF                ? 
_refine.ls_percent_reflns_obs                    99.950 
_refine.ls_number_reflns_obs                     12236 
_refine.ls_number_reflns_all                     ? 
_refine.pdbx_ls_cross_valid_method               THROUGHOUT 
_refine.pdbx_R_Free_selection_details            RANDOM 
_refine.details                                  
;1.HYDROGENS HAVE BEEN ADDED IN THE RIDING POSITIONS. 2.A MET-INHIBITION PROTOCOL WAS USED FOR SELENOMETHIONINE INCORPORATION DURING PROTEIN EXPRESSION. THE OCCUPANCY OF THE SE ATOMS IN THE MSE RESIDUES WAS REDUCED TO 0.75 FOR THE REDUCED SCATTERING POWER DUE TO PARTIAL S-MET INCORPORATION. 3.AN UNIDENTIFIED LIGAND (UNL) HAS BEEN MODELED AT THE PUTATIVE ACTIVE SITE. 4.1,2-ETHANEDIOL (EDO) MOLECULES  FROM THE CRYOPROTECTION CONDITION HAVE BEEN MODELED IN THE SOLVENT STRUCTURE. 5.GLY 118 IN CHAIN A HAS BEEN MODELED INTO POOR ELECTRON DENSITY.
;
_refine.ls_R_factor_all                          ? 
_refine.ls_R_factor_obs                          0.175 
_refine.ls_R_factor_R_work                       0.172 
_refine.ls_wR_factor_R_work                      ? 
_refine.ls_R_factor_R_free                       0.221 
_refine.ls_wR_factor_R_free                      ? 
_refine.ls_percent_reflns_R_free                 4.800 
_refine.ls_number_reflns_R_free                  585 
_refine.ls_R_factor_R_free_error                 ? 
_refine.B_iso_mean                               24.583 
_refine.solvent_model_param_bsol                 ? 
_refine.solvent_model_param_ksol                 ? 
_refine.pdbx_isotropic_thermal_model             ? 
_refine.aniso_B[1][1]                            -1.230 
_refine.aniso_B[2][2]                            -1.230 
_refine.aniso_B[3][3]                            2.450 
_refine.aniso_B[1][2]                            0.000 
_refine.aniso_B[1][3]                            0.000 
_refine.aniso_B[2][3]                            0.000 
_refine.correlation_coeff_Fo_to_Fc               0.965 
_refine.correlation_coeff_Fo_to_Fc_free          0.945 
_refine.overall_SU_R_Cruickshank_DPI             ? 
_refine.overall_SU_R_free                        ? 
_refine.pdbx_overall_ESU_R                       0.112 
_refine.pdbx_overall_ESU_R_Free                  0.115 
_refine.overall_SU_ML                            0.078 
_refine.overall_SU_B                             2.352 
_refine.solvent_model_details                    MASK 
_refine.pdbx_solvent_vdw_probe_radii             1.200 
_refine.pdbx_solvent_ion_probe_radii             0.800 
_refine.pdbx_solvent_shrinkage_radii             0.800 
_refine.ls_number_parameters                     ? 
_refine.ls_number_restraints                     ? 
_refine.pdbx_method_to_determine_struct          MAD 
_refine.pdbx_stereochemistry_target_values       'MAXIMUM LIKELIHOOD WITH PHASES' 
_refine.pdbx_stereochem_target_val_spec_case     ? 
_refine.overall_FOM_work_R_set                   ? 
_refine.B_iso_max                                64.65 
_refine.B_iso_min                                5.89 
_refine.occupancy_max                            1.00 
_refine.occupancy_min                            0.50 
_refine.pdbx_ls_sigma_I                          ? 
_refine.ls_redundancy_reflns_obs                 ? 
_refine.ls_R_factor_R_free_error_details         ? 
_refine.pdbx_starting_model                      ? 
_refine.pdbx_data_cutoff_high_rms_absF           ? 
_refine.overall_FOM_free_R_set                   ? 
_refine.pdbx_overall_phase_error                 ? 
_refine.pdbx_refine_id                           'X-RAY DIFFRACTION' 
_refine.pdbx_TLS_residual_ADP_flag               'LIKELY RESIDUAL' 
_refine.pdbx_diffrn_id                           1 
_refine.pdbx_overall_SU_R_free_Cruickshank_DPI   ? 
_refine.pdbx_overall_SU_R_Blow_DPI               ? 
_refine.pdbx_overall_SU_R_free_Blow_DPI          ? 
# 
_refine_hist.pdbx_refine_id                   'X-RAY DIFFRACTION' 
_refine_hist.cycle_id                         LAST 
_refine_hist.pdbx_number_atoms_protein        927 
_refine_hist.pdbx_number_atoms_nucleic_acid   0 
_refine_hist.pdbx_number_atoms_ligand         18 
_refine_hist.number_atoms_solvent             93 
_refine_hist.number_atoms_total               1038 
_refine_hist.d_res_high                       1.700 
_refine_hist.d_res_low                        27.287 
# 
loop_
_refine_ls_restr.type 
_refine_ls_restr.pdbx_refine_id 
_refine_ls_restr.number 
_refine_ls_restr.dev_ideal 
_refine_ls_restr.dev_ideal_target 
_refine_ls_restr.weight 
_refine_ls_restr.pdbx_restraint_function 
r_bond_refined_d         'X-RAY DIFFRACTION' 966  0.017  0.022  ? ? 
r_bond_other_d           'X-RAY DIFFRACTION' 652  0.002  0.020  ? ? 
r_angle_refined_deg      'X-RAY DIFFRACTION' 1312 1.684  1.971  ? ? 
r_angle_other_deg        'X-RAY DIFFRACTION' 1574 0.984  3.000  ? ? 
r_dihedral_angle_1_deg   'X-RAY DIFFRACTION' 126  5.694  5.000  ? ? 
r_dihedral_angle_2_deg   'X-RAY DIFFRACTION' 40   29.878 21.500 ? ? 
r_dihedral_angle_3_deg   'X-RAY DIFFRACTION' 158  12.759 15.000 ? ? 
r_dihedral_angle_4_deg   'X-RAY DIFFRACTION' 11   14.510 15.000 ? ? 
r_chiral_restr           'X-RAY DIFFRACTION' 156  0.094  0.200  ? ? 
r_gen_planes_refined     'X-RAY DIFFRACTION' 1087 0.006  0.020  ? ? 
r_gen_planes_other       'X-RAY DIFFRACTION' 214  0.001  0.020  ? ? 
r_nbd_refined            'X-RAY DIFFRACTION' 141  0.189  0.201  ? ? 
r_nbd_other              'X-RAY DIFFRACTION' 680  0.214  0.200  ? ? 
r_nbtor_refined          'X-RAY DIFFRACTION' 447  0.173  0.200  ? ? 
r_nbtor_other            'X-RAY DIFFRACTION' 578  0.090  0.200  ? ? 
r_xyhbond_nbd_refined    'X-RAY DIFFRACTION' 59   0.218  0.200  ? ? 
r_symmetry_vdw_refined   'X-RAY DIFFRACTION' 10   0.166  0.200  ? ? 
r_symmetry_vdw_other     'X-RAY DIFFRACTION' 53   0.309  0.200  ? ? 
r_symmetry_hbond_refined 'X-RAY DIFFRACTION' 15   0.180  0.200  ? ? 
r_mcbond_it              'X-RAY DIFFRACTION' 651  2.556  3.000  ? ? 
r_mcbond_other           'X-RAY DIFFRACTION' 254  0.633  3.000  ? ? 
r_mcangle_it             'X-RAY DIFFRACTION' 972  3.556  5.000  ? ? 
r_scbond_it              'X-RAY DIFFRACTION' 387  5.513  8.000  ? ? 
r_scangle_it             'X-RAY DIFFRACTION' 338  7.041  11.000 ? ? 
# 
_refine_ls_shell.d_res_high                       1.700 
_refine_ls_shell.d_res_low                        1.744 
_refine_ls_shell.pdbx_total_number_of_bins_used   20 
_refine_ls_shell.percent_reflns_obs               100.000 
_refine_ls_shell.number_reflns_R_work             849 
_refine_ls_shell.R_factor_all                     ? 
_refine_ls_shell.R_factor_R_work                  0.234 
_refine_ls_shell.R_factor_R_free                  0.280 
_refine_ls_shell.percent_reflns_R_free            ? 
_refine_ls_shell.number_reflns_R_free             35 
_refine_ls_shell.R_factor_R_free_error            ? 
_refine_ls_shell.number_reflns_all                884 
_refine_ls_shell.number_reflns_obs                ? 
_refine_ls_shell.redundancy_reflns_obs            ? 
_refine_ls_shell.pdbx_refine_id                   'X-RAY DIFFRACTION' 
# 
_struct.entry_id                  3FSD 
_struct.title                     
;Crystal structure of NTF2-like protein of unknown function in nutrient uptake (YP_427473.1) from RHODOSPIRILLUM RUBRUM ATCC 11170 at 1.70 A resolution
;
_struct.pdbx_model_details        ? 
_struct.pdbx_CASP_flag            ? 
_struct.pdbx_model_type_details   ? 
# 
_struct_keywords.text            
;YP_427473.1, NTF2-like protein of unknown function in nutrient uptake, Structural Genomics, Joint Center for Structural Genomics, JCSG, Protein Structure Initiative, PSI-2, unknown function
;
_struct_keywords.pdbx_keywords   'structural genomics, unknown function' 
_struct_keywords.entry_id        3FSD 
# 
loop_
_struct_asym.id 
_struct_asym.pdbx_blank_PDB_chainid_flag 
_struct_asym.pdbx_modified 
_struct_asym.entity_id 
_struct_asym.details 
A N N 1 ? 
B N N 2 ? 
C N N 3 ? 
D N N 3 ? 
E N N 4 ? 
# 
_struct_ref.id                         1 
_struct_ref.db_name                    UNP 
_struct_ref.db_code                    Q2RRQ9_RHORT 
_struct_ref.pdbx_db_accession          Q2RRQ9 
_struct_ref.entity_id                  1 
_struct_ref.pdbx_seq_one_letter_code   
;MSNALATLASPADDIAFYEERLRAAMLTGDLKGLETLLADDLAFVDHTGCVKTKQTHLEPYRAGLLKLSRLDLSDAVVRA
AGEDGRVVVVRAVTAGVYDGEAFTETLRFTRIWRRTQGPAGWKLVAGHCSVIL
;
_struct_ref.pdbx_align_begin           1 
_struct_ref.pdbx_db_isoform            ? 
# 
_struct_ref_seq.align_id                      1 
_struct_ref_seq.ref_id                        1 
_struct_ref_seq.pdbx_PDB_id_code              3FSD 
_struct_ref_seq.pdbx_strand_id                A 
_struct_ref_seq.seq_align_beg                 2 
_struct_ref_seq.pdbx_seq_align_beg_ins_code   ? 
_struct_ref_seq.seq_align_end                 134 
_struct_ref_seq.pdbx_seq_align_end_ins_code   ? 
_struct_ref_seq.pdbx_db_accession             Q2RRQ9 
_struct_ref_seq.db_align_beg                  1 
_struct_ref_seq.pdbx_db_align_beg_ins_code    ? 
_struct_ref_seq.db_align_end                  133 
_struct_ref_seq.pdbx_db_align_end_ins_code    ? 
_struct_ref_seq.pdbx_auth_seq_align_beg       1 
_struct_ref_seq.pdbx_auth_seq_align_end       133 
# 
_struct_ref_seq_dif.align_id                     1 
_struct_ref_seq_dif.pdbx_pdb_id_code             3FSD 
_struct_ref_seq_dif.mon_id                       GLY 
_struct_ref_seq_dif.pdbx_pdb_strand_id           A 
_struct_ref_seq_dif.seq_num                      1 
_struct_ref_seq_dif.pdbx_pdb_ins_code            ? 
_struct_ref_seq_dif.pdbx_seq_db_name             UNP 
_struct_ref_seq_dif.pdbx_seq_db_accession_code   Q2RRQ9 
_struct_ref_seq_dif.db_mon_id                    ? 
_struct_ref_seq_dif.pdbx_seq_db_seq_num          ? 
_struct_ref_seq_dif.details                      'expression tag' 
_struct_ref_seq_dif.pdbx_auth_seq_num            0 
_struct_ref_seq_dif.pdbx_ordinal                 1 
# 
_pdbx_struct_assembly.id                   1 
_pdbx_struct_assembly.details              author_and_software_defined_assembly 
_pdbx_struct_assembly.method_details       PISA 
_pdbx_struct_assembly.oligomeric_details   dimeric 
_pdbx_struct_assembly.oligomeric_count     2 
# 
loop_
_pdbx_struct_assembly_prop.biol_id 
_pdbx_struct_assembly_prop.type 
_pdbx_struct_assembly_prop.value 
_pdbx_struct_assembly_prop.details 
1 'ABSA (A^2)' 4090  ? 
1 MORE         -4    ? 
1 'SSA (A^2)'  10640 ? 
# 
_pdbx_struct_assembly_gen.assembly_id       1 
_pdbx_struct_assembly_gen.oper_expression   1,2 
_pdbx_struct_assembly_gen.asym_id_list      A,B,C,D,E 
# 
loop_
_pdbx_struct_assembly_auth_evidence.id 
_pdbx_struct_assembly_auth_evidence.assembly_id 
_pdbx_struct_assembly_auth_evidence.experimental_support 
_pdbx_struct_assembly_auth_evidence.details 
1 1 'gel filtration'   ? 
2 1 'light scattering' ? 
# 
loop_
_pdbx_struct_oper_list.id 
_pdbx_struct_oper_list.type 
_pdbx_struct_oper_list.name 
_pdbx_struct_oper_list.symmetry_operation 
_pdbx_struct_oper_list.matrix[1][1] 
_pdbx_struct_oper_list.matrix[1][2] 
_pdbx_struct_oper_list.matrix[1][3] 
_pdbx_struct_oper_list.vector[1] 
_pdbx_struct_oper_list.matrix[2][1] 
_pdbx_struct_oper_list.matrix[2][2] 
_pdbx_struct_oper_list.matrix[2][3] 
_pdbx_struct_oper_list.vector[2] 
_pdbx_struct_oper_list.matrix[3][1] 
_pdbx_struct_oper_list.matrix[3][2] 
_pdbx_struct_oper_list.matrix[3][3] 
_pdbx_struct_oper_list.vector[3] 
1 'identity operation'         1_555 x,y,z  1.0000000000 0.0000000000  0.0000000000 0.0000000000 0.0000000000  1.0000000000  0.0000000000  0.0000000000   0.0000000000 0.0000000000  1.0000000000  0.0000000000   
2 'crystal symmetry operation' 7_555 y,x,-z 0.2777673522 -0.2562085698 0.9258522921 6.5180694604 -0.2562085698 -0.9486269303 -0.1856451342 -16.5254560268 0.9258522921 -0.1856451342 -0.3291404218 -13.5686220315 
# 
_struct_biol.id        1 
_struct_biol.details   
;CRYSTAL PACKING ANALYSIS SUGGESTS THAT A DIMER IS THE                  
 STABLE OLIGOMERIC FORM IN SOLUTION. THE ASSIGNMENT OF A   
 DIMER AS THE SIGNIFICANT OLIGOMERIC FORM IN SOLUTION  
 IS SUPPORTED BY ANALYTICAL SIZE EXCLUSION CHROMATOGRAPHY  
 AND STATIC LIGHT SCATTERING.
;
# 
loop_
_struct_conf.conf_type_id 
_struct_conf.id 
_struct_conf.pdbx_PDB_helix_id 
_struct_conf.beg_label_comp_id 
_struct_conf.beg_label_asym_id 
_struct_conf.beg_label_seq_id 
_struct_conf.pdbx_beg_PDB_ins_code 
_struct_conf.end_label_comp_id 
_struct_conf.end_label_asym_id 
_struct_conf.end_label_seq_id 
_struct_conf.pdbx_end_PDB_ins_code 
_struct_conf.beg_auth_comp_id 
_struct_conf.beg_auth_asym_id 
_struct_conf.beg_auth_seq_id 
_struct_conf.end_auth_comp_id 
_struct_conf.end_auth_asym_id 
_struct_conf.end_auth_seq_id 
_struct_conf.pdbx_PDB_helix_class 
_struct_conf.details 
_struct_conf.pdbx_PDB_helix_length 
HELX_P HELX_P1 1 ASP A 15 ? GLY A 30 ? ASP A 14 GLY A 29 1 ? 16 
HELX_P HELX_P2 2 ASP A 31 ? LEU A 38 ? ASP A 30 LEU A 37 1 ? 8  
HELX_P HELX_P3 3 THR A 54 ? ALA A 64 ? THR A 53 ALA A 63 1 ? 11 
# 
_struct_conf_type.id          HELX_P 
_struct_conf_type.criteria    ? 
_struct_conf_type.reference   ? 
# 
loop_
_struct_conn.id 
_struct_conn.conn_type_id 
_struct_conn.pdbx_leaving_atom_flag 
_struct_conn.pdbx_PDB_id 
_struct_conn.ptnr1_label_asym_id 
_struct_conn.ptnr1_label_comp_id 
_struct_conn.ptnr1_label_seq_id 
_struct_conn.ptnr1_label_atom_id 
_struct_conn.pdbx_ptnr1_label_alt_id 
_struct_conn.pdbx_ptnr1_PDB_ins_code 
_struct_conn.pdbx_ptnr1_standard_comp_id 
_struct_conn.ptnr1_symmetry 
_struct_conn.ptnr2_label_asym_id 
_struct_conn.ptnr2_label_comp_id 
_struct_conn.ptnr2_label_seq_id 
_struct_conn.ptnr2_label_atom_id 
_struct_conn.pdbx_ptnr2_label_alt_id 
_struct_conn.pdbx_ptnr2_PDB_ins_code 
_struct_conn.ptnr1_auth_asym_id 
_struct_conn.ptnr1_auth_comp_id 
_struct_conn.ptnr1_auth_seq_id 
_struct_conn.ptnr2_auth_asym_id 
_struct_conn.ptnr2_auth_comp_id 
_struct_conn.ptnr2_auth_seq_id 
_struct_conn.ptnr2_symmetry 
_struct_conn.pdbx_ptnr3_label_atom_id 
_struct_conn.pdbx_ptnr3_label_seq_id 
_struct_conn.pdbx_ptnr3_label_comp_id 
_struct_conn.pdbx_ptnr3_label_asym_id 
_struct_conn.pdbx_ptnr3_label_alt_id 
_struct_conn.pdbx_ptnr3_PDB_ins_code 
_struct_conn.details 
_struct_conn.pdbx_dist_value 
_struct_conn.pdbx_value_order 
_struct_conn.pdbx_role 
covale1 covale both ? A ALA 26 C ? ? ? 1_555 A MSE 27 N ? ? A ALA 25 A MSE 26 1_555 ? ? ? ? ? ? ? 1.333 ? ? 
covale2 covale both ? A MSE 27 C ? ? ? 1_555 A LEU 28 N ? ? A MSE 26 A LEU 27 1_555 ? ? ? ? ? ? ? 1.322 ? ? 
# 
_struct_conn_type.id          covale 
_struct_conn_type.criteria    ? 
_struct_conn_type.reference   ? 
# 
_pdbx_modification_feature.ordinal                            1 
_pdbx_modification_feature.label_comp_id                      MSE 
_pdbx_modification_feature.label_asym_id                      A 
_pdbx_modification_feature.label_seq_id                       27 
_pdbx_modification_feature.label_alt_id                       ? 
_pdbx_modification_feature.modified_residue_label_comp_id     . 
_pdbx_modification_feature.modified_residue_label_asym_id     . 
_pdbx_modification_feature.modified_residue_label_seq_id      . 
_pdbx_modification_feature.modified_residue_label_alt_id      . 
_pdbx_modification_feature.auth_comp_id                       MSE 
_pdbx_modification_feature.auth_asym_id                       A 
_pdbx_modification_feature.auth_seq_id                        26 
_pdbx_modification_feature.PDB_ins_code                       ? 
_pdbx_modification_feature.symmetry                           1_555 
_pdbx_modification_feature.modified_residue_auth_comp_id      . 
_pdbx_modification_feature.modified_residue_auth_asym_id      . 
_pdbx_modification_feature.modified_residue_auth_seq_id       . 
_pdbx_modification_feature.modified_residue_PDB_ins_code      . 
_pdbx_modification_feature.modified_residue_symmetry          . 
_pdbx_modification_feature.comp_id_linking_atom               . 
_pdbx_modification_feature.modified_residue_id_linking_atom   . 
_pdbx_modification_feature.modified_residue_id                MET 
_pdbx_modification_feature.ref_pcm_id                         1 
_pdbx_modification_feature.ref_comp_id                        MSE 
_pdbx_modification_feature.type                               Selenomethionine 
_pdbx_modification_feature.category                           'Named protein modification' 
# 
_struct_sheet.id               A 
_struct_sheet.type             ? 
_struct_sheet.number_strands   6 
_struct_sheet.details          ? 
# 
loop_
_struct_sheet_order.sheet_id 
_struct_sheet_order.range_id_1 
_struct_sheet_order.range_id_2 
_struct_sheet_order.offset 
_struct_sheet_order.sense 
A 1 2 ? anti-parallel 
A 2 3 ? parallel      
A 3 4 ? anti-parallel 
A 4 5 ? anti-parallel 
A 5 6 ? anti-parallel 
# 
loop_
_struct_sheet_range.sheet_id 
_struct_sheet_range.id 
_struct_sheet_range.beg_label_comp_id 
_struct_sheet_range.beg_label_asym_id 
_struct_sheet_range.beg_label_seq_id 
_struct_sheet_range.pdbx_beg_PDB_ins_code 
_struct_sheet_range.end_label_comp_id 
_struct_sheet_range.end_label_asym_id 
_struct_sheet_range.end_label_seq_id 
_struct_sheet_range.pdbx_end_PDB_ins_code 
_struct_sheet_range.beg_auth_comp_id 
_struct_sheet_range.beg_auth_asym_id 
_struct_sheet_range.beg_auth_seq_id 
_struct_sheet_range.end_auth_comp_id 
_struct_sheet_range.end_auth_asym_id 
_struct_sheet_range.end_auth_seq_id 
A 1 VAL A 52  ? LYS A 53  ? VAL A 51  LYS A 52  
A 2 LEU A 39  ? VAL A 46  ? LEU A 38  VAL A 45  
A 3 GLY A 122 ? VAL A 132 ? GLY A 121 VAL A 131 
A 4 GLU A 102 ? THR A 117 ? GLU A 101 THR A 116 
A 5 GLY A 86  ? TYR A 99  ? GLY A 85  TYR A 98  
A 6 LEU A 67  ? ALA A 81  ? LEU A 66  ALA A 80  
# 
loop_
_pdbx_struct_sheet_hbond.sheet_id 
_pdbx_struct_sheet_hbond.range_id_1 
_pdbx_struct_sheet_hbond.range_id_2 
_pdbx_struct_sheet_hbond.range_1_label_atom_id 
_pdbx_struct_sheet_hbond.range_1_label_comp_id 
_pdbx_struct_sheet_hbond.range_1_label_asym_id 
_pdbx_struct_sheet_hbond.range_1_label_seq_id 
_pdbx_struct_sheet_hbond.range_1_PDB_ins_code 
_pdbx_struct_sheet_hbond.range_1_auth_atom_id 
_pdbx_struct_sheet_hbond.range_1_auth_comp_id 
_pdbx_struct_sheet_hbond.range_1_auth_asym_id 
_pdbx_struct_sheet_hbond.range_1_auth_seq_id 
_pdbx_struct_sheet_hbond.range_2_label_atom_id 
_pdbx_struct_sheet_hbond.range_2_label_comp_id 
_pdbx_struct_sheet_hbond.range_2_label_asym_id 
_pdbx_struct_sheet_hbond.range_2_label_seq_id 
_pdbx_struct_sheet_hbond.range_2_PDB_ins_code 
_pdbx_struct_sheet_hbond.range_2_auth_atom_id 
_pdbx_struct_sheet_hbond.range_2_auth_comp_id 
_pdbx_struct_sheet_hbond.range_2_auth_asym_id 
_pdbx_struct_sheet_hbond.range_2_auth_seq_id 
A 1 2 O LYS A 53  ? O LYS A 52  N PHE A 45  ? N PHE A 44  
A 2 3 N VAL A 46  ? N VAL A 45  O GLY A 128 ? O GLY A 127 
A 3 4 O ALA A 127 ? O ALA A 126 N ILE A 113 ? N ILE A 112 
A 4 5 O TRP A 114 ? O TRP A 113 N ARG A 87  ? N ARG A 86  
A 5 6 O VAL A 88  ? O VAL A 87  N ARG A 80  ? N ARG A 79  
# 
loop_
_struct_site.id 
_struct_site.pdbx_evidence_code 
_struct_site.pdbx_auth_asym_id 
_struct_site.pdbx_auth_comp_id 
_struct_site.pdbx_auth_seq_id 
_struct_site.pdbx_auth_ins_code 
_struct_site.pdbx_num_residues 
_struct_site.details 
AC1 Software A UNL 134 ? 6 'BINDING SITE FOR RESIDUE UNL A 134' 
AC2 Software A EDO 135 ? 4 'BINDING SITE FOR RESIDUE EDO A 135' 
AC3 Software A EDO 136 ? 4 'BINDING SITE FOR RESIDUE EDO A 136' 
# 
loop_
_struct_site_gen.id 
_struct_site_gen.site_id 
_struct_site_gen.pdbx_num_res 
_struct_site_gen.label_comp_id 
_struct_site_gen.label_asym_id 
_struct_site_gen.label_seq_id 
_struct_site_gen.pdbx_auth_ins_code 
_struct_site_gen.auth_comp_id 
_struct_site_gen.auth_asym_id 
_struct_site_gen.auth_seq_id 
_struct_site_gen.label_atom_id 
_struct_site_gen.label_alt_id 
_struct_site_gen.symmetry 
_struct_site_gen.details 
1  AC1 6 ASP A 47  ? ASP A 46  . ? 1_555 ? 
2  AC1 6 HIS A 48  ? HIS A 47  . ? 1_555 ? 
3  AC1 6 GLU A 106 ? GLU A 105 . ? 1_555 ? 
4  AC1 6 CYS A 130 ? CYS A 129 . ? 1_555 ? 
5  AC1 6 HOH E .   ? HOH A 175 . ? 1_555 ? 
6  AC1 6 HOH E .   ? HOH A 217 . ? 1_555 ? 
7  AC2 4 GLU A 20  ? GLU A 19  . ? 1_555 ? 
8  AC2 4 VAL A 79  ? VAL A 78  . ? 1_555 ? 
9  AC2 4 HOH E .   ? HOH A 168 . ? 1_555 ? 
10 AC2 4 HOH E .   ? HOH A 170 . ? 1_555 ? 
11 AC3 4 LEU A 43  ? LEU A 42  . ? 7_555 ? 
12 AC3 4 ALA A 44  ? ALA A 43  . ? 7_555 ? 
13 AC3 4 LYS A 53  ? LYS A 52  . ? 7_555 ? 
14 AC3 4 ARG A 80  ? ARG A 79  . ? 1_555 ? 
# 
_pdbx_entry_details.entry_id                   3FSD 
_pdbx_entry_details.compound_details           ? 
_pdbx_entry_details.source_details             ? 
_pdbx_entry_details.nonpolymer_details         ? 
_pdbx_entry_details.sequence_details           
;THIS CONSTRUCT WAS EXPRESSED WITH A PURIFICATION TAG MGSDKIHHHHHHENLYFQG. THE TAG WAS REMOVED WITH TEV PROTEASE LEAVING ONLY A GLYCINE (0) FOLLOWED BY THE TARGET SEQUENCE.
;
_pdbx_entry_details.has_ligand_of_interest     ? 
_pdbx_entry_details.has_protein_modification   Y 
# 
loop_
_pdbx_validate_torsion.id 
_pdbx_validate_torsion.PDB_model_num 
_pdbx_validate_torsion.auth_comp_id 
_pdbx_validate_torsion.auth_asym_id 
_pdbx_validate_torsion.auth_seq_id 
_pdbx_validate_torsion.PDB_ins_code 
_pdbx_validate_torsion.label_alt_id 
_pdbx_validate_torsion.phi 
_pdbx_validate_torsion.psi 
1 1 LEU A 71  ? ? -160.17 83.00   
2 1 GLN A 117 ? ? -115.58 -166.73 
# 
_pdbx_SG_project.project_name          'PSI, Protein Structure Initiative' 
_pdbx_SG_project.full_name_of_center   'Joint Center for Structural Genomics' 
_pdbx_SG_project.id                    1 
_pdbx_SG_project.initial_of_center     JCSG 
# 
_pdbx_struct_mod_residue.id               1 
_pdbx_struct_mod_residue.label_asym_id    A 
_pdbx_struct_mod_residue.label_comp_id    MSE 
_pdbx_struct_mod_residue.label_seq_id     27 
_pdbx_struct_mod_residue.auth_asym_id     A 
_pdbx_struct_mod_residue.auth_comp_id     MSE 
_pdbx_struct_mod_residue.auth_seq_id      26 
_pdbx_struct_mod_residue.PDB_ins_code     ? 
_pdbx_struct_mod_residue.parent_comp_id   MET 
_pdbx_struct_mod_residue.details          SELENOMETHIONINE 
# 
loop_
_pdbx_struct_special_symmetry.id 
_pdbx_struct_special_symmetry.PDB_model_num 
_pdbx_struct_special_symmetry.auth_asym_id 
_pdbx_struct_special_symmetry.auth_comp_id 
_pdbx_struct_special_symmetry.auth_seq_id 
_pdbx_struct_special_symmetry.PDB_ins_code 
_pdbx_struct_special_symmetry.label_asym_id 
_pdbx_struct_special_symmetry.label_comp_id 
_pdbx_struct_special_symmetry.label_seq_id 
1 1 A HOH 218 ? E HOH . 
2 1 A HOH 219 ? E HOH . 
3 1 A HOH 220 ? E HOH . 
4 1 A HOH 222 ? E HOH . 
# 
_phasing.method   MAD 
# 
loop_
_pdbx_unobs_or_zero_occ_residues.id 
_pdbx_unobs_or_zero_occ_residues.PDB_model_num 
_pdbx_unobs_or_zero_occ_residues.polymer_flag 
_pdbx_unobs_or_zero_occ_residues.occupancy_flag 
_pdbx_unobs_or_zero_occ_residues.auth_asym_id 
_pdbx_unobs_or_zero_occ_residues.auth_comp_id 
_pdbx_unobs_or_zero_occ_residues.auth_seq_id 
_pdbx_unobs_or_zero_occ_residues.PDB_ins_code 
_pdbx_unobs_or_zero_occ_residues.label_asym_id 
_pdbx_unobs_or_zero_occ_residues.label_comp_id 
_pdbx_unobs_or_zero_occ_residues.label_seq_id 
1  1 Y 1 A GLY 0  ? A GLY 1  
2  1 Y 1 A MSE 1  ? A MSE 2  
3  1 Y 1 A SER 2  ? A SER 3  
4  1 Y 1 A ASN 3  ? A ASN 4  
5  1 Y 1 A ALA 4  ? A ALA 5  
6  1 Y 1 A LEU 5  ? A LEU 6  
7  1 Y 1 A ALA 6  ? A ALA 7  
8  1 Y 1 A THR 7  ? A THR 8  
9  1 Y 1 A LEU 8  ? A LEU 9  
10 1 Y 1 A ALA 9  ? A ALA 10 
11 1 Y 1 A SER 10 ? A SER 11 
12 1 Y 1 A PRO 11 ? A PRO 12 
13 1 Y 1 A ALA 12 ? A ALA 13 
# 
loop_
_chem_comp_atom.comp_id 
_chem_comp_atom.atom_id 
_chem_comp_atom.type_symbol 
_chem_comp_atom.pdbx_aromatic_flag 
_chem_comp_atom.pdbx_stereo_config 
_chem_comp_atom.pdbx_ordinal 
ALA N    N  N N 1   
ALA CA   C  N S 2   
ALA C    C  N N 3   
ALA O    O  N N 4   
ALA CB   C  N N 5   
ALA OXT  O  N N 6   
ALA H    H  N N 7   
ALA H2   H  N N 8   
ALA HA   H  N N 9   
ALA HB1  H  N N 10  
ALA HB2  H  N N 11  
ALA HB3  H  N N 12  
ALA HXT  H  N N 13  
ARG N    N  N N 14  
ARG CA   C  N S 15  
ARG C    C  N N 16  
ARG O    O  N N 17  
ARG CB   C  N N 18  
ARG CG   C  N N 19  
ARG CD   C  N N 20  
ARG NE   N  N N 21  
ARG CZ   C  N N 22  
ARG NH1  N  N N 23  
ARG NH2  N  N N 24  
ARG OXT  O  N N 25  
ARG H    H  N N 26  
ARG H2   H  N N 27  
ARG HA   H  N N 28  
ARG HB2  H  N N 29  
ARG HB3  H  N N 30  
ARG HG2  H  N N 31  
ARG HG3  H  N N 32  
ARG HD2  H  N N 33  
ARG HD3  H  N N 34  
ARG HE   H  N N 35  
ARG HH11 H  N N 36  
ARG HH12 H  N N 37  
ARG HH21 H  N N 38  
ARG HH22 H  N N 39  
ARG HXT  H  N N 40  
ASN N    N  N N 41  
ASN CA   C  N S 42  
ASN C    C  N N 43  
ASN O    O  N N 44  
ASN CB   C  N N 45  
ASN CG   C  N N 46  
ASN OD1  O  N N 47  
ASN ND2  N  N N 48  
ASN OXT  O  N N 49  
ASN H    H  N N 50  
ASN H2   H  N N 51  
ASN HA   H  N N 52  
ASN HB2  H  N N 53  
ASN HB3  H  N N 54  
ASN HD21 H  N N 55  
ASN HD22 H  N N 56  
ASN HXT  H  N N 57  
ASP N    N  N N 58  
ASP CA   C  N S 59  
ASP C    C  N N 60  
ASP O    O  N N 61  
ASP CB   C  N N 62  
ASP CG   C  N N 63  
ASP OD1  O  N N 64  
ASP OD2  O  N N 65  
ASP OXT  O  N N 66  
ASP H    H  N N 67  
ASP H2   H  N N 68  
ASP HA   H  N N 69  
ASP HB2  H  N N 70  
ASP HB3  H  N N 71  
ASP HD2  H  N N 72  
ASP HXT  H  N N 73  
CYS N    N  N N 74  
CYS CA   C  N R 75  
CYS C    C  N N 76  
CYS O    O  N N 77  
CYS CB   C  N N 78  
CYS SG   S  N N 79  
CYS OXT  O  N N 80  
CYS H    H  N N 81  
CYS H2   H  N N 82  
CYS HA   H  N N 83  
CYS HB2  H  N N 84  
CYS HB3  H  N N 85  
CYS HG   H  N N 86  
CYS HXT  H  N N 87  
EDO C1   C  N N 88  
EDO O1   O  N N 89  
EDO C2   C  N N 90  
EDO O2   O  N N 91  
EDO H11  H  N N 92  
EDO H12  H  N N 93  
EDO HO1  H  N N 94  
EDO H21  H  N N 95  
EDO H22  H  N N 96  
EDO HO2  H  N N 97  
GLN N    N  N N 98  
GLN CA   C  N S 99  
GLN C    C  N N 100 
GLN O    O  N N 101 
GLN CB   C  N N 102 
GLN CG   C  N N 103 
GLN CD   C  N N 104 
GLN OE1  O  N N 105 
GLN NE2  N  N N 106 
GLN OXT  O  N N 107 
GLN H    H  N N 108 
GLN H2   H  N N 109 
GLN HA   H  N N 110 
GLN HB2  H  N N 111 
GLN HB3  H  N N 112 
GLN HG2  H  N N 113 
GLN HG3  H  N N 114 
GLN HE21 H  N N 115 
GLN HE22 H  N N 116 
GLN HXT  H  N N 117 
GLU N    N  N N 118 
GLU CA   C  N S 119 
GLU C    C  N N 120 
GLU O    O  N N 121 
GLU CB   C  N N 122 
GLU CG   C  N N 123 
GLU CD   C  N N 124 
GLU OE1  O  N N 125 
GLU OE2  O  N N 126 
GLU OXT  O  N N 127 
GLU H    H  N N 128 
GLU H2   H  N N 129 
GLU HA   H  N N 130 
GLU HB2  H  N N 131 
GLU HB3  H  N N 132 
GLU HG2  H  N N 133 
GLU HG3  H  N N 134 
GLU HE2  H  N N 135 
GLU HXT  H  N N 136 
GLY N    N  N N 137 
GLY CA   C  N N 138 
GLY C    C  N N 139 
GLY O    O  N N 140 
GLY OXT  O  N N 141 
GLY H    H  N N 142 
GLY H2   H  N N 143 
GLY HA2  H  N N 144 
GLY HA3  H  N N 145 
GLY HXT  H  N N 146 
HIS N    N  N N 147 
HIS CA   C  N S 148 
HIS C    C  N N 149 
HIS O    O  N N 150 
HIS CB   C  N N 151 
HIS CG   C  Y N 152 
HIS ND1  N  Y N 153 
HIS CD2  C  Y N 154 
HIS CE1  C  Y N 155 
HIS NE2  N  Y N 156 
HIS OXT  O  N N 157 
HIS H    H  N N 158 
HIS H2   H  N N 159 
HIS HA   H  N N 160 
HIS HB2  H  N N 161 
HIS HB3  H  N N 162 
HIS HD1  H  N N 163 
HIS HD2  H  N N 164 
HIS HE1  H  N N 165 
HIS HE2  H  N N 166 
HIS HXT  H  N N 167 
HOH O    O  N N 168 
HOH H1   H  N N 169 
HOH H2   H  N N 170 
ILE N    N  N N 171 
ILE CA   C  N S 172 
ILE C    C  N N 173 
ILE O    O  N N 174 
ILE CB   C  N S 175 
ILE CG1  C  N N 176 
ILE CG2  C  N N 177 
ILE CD1  C  N N 178 
ILE OXT  O  N N 179 
ILE H    H  N N 180 
ILE H2   H  N N 181 
ILE HA   H  N N 182 
ILE HB   H  N N 183 
ILE HG12 H  N N 184 
ILE HG13 H  N N 185 
ILE HG21 H  N N 186 
ILE HG22 H  N N 187 
ILE HG23 H  N N 188 
ILE HD11 H  N N 189 
ILE HD12 H  N N 190 
ILE HD13 H  N N 191 
ILE HXT  H  N N 192 
LEU N    N  N N 193 
LEU CA   C  N S 194 
LEU C    C  N N 195 
LEU O    O  N N 196 
LEU CB   C  N N 197 
LEU CG   C  N N 198 
LEU CD1  C  N N 199 
LEU CD2  C  N N 200 
LEU OXT  O  N N 201 
LEU H    H  N N 202 
LEU H2   H  N N 203 
LEU HA   H  N N 204 
LEU HB2  H  N N 205 
LEU HB3  H  N N 206 
LEU HG   H  N N 207 
LEU HD11 H  N N 208 
LEU HD12 H  N N 209 
LEU HD13 H  N N 210 
LEU HD21 H  N N 211 
LEU HD22 H  N N 212 
LEU HD23 H  N N 213 
LEU HXT  H  N N 214 
LYS N    N  N N 215 
LYS CA   C  N S 216 
LYS C    C  N N 217 
LYS O    O  N N 218 
LYS CB   C  N N 219 
LYS CG   C  N N 220 
LYS CD   C  N N 221 
LYS CE   C  N N 222 
LYS NZ   N  N N 223 
LYS OXT  O  N N 224 
LYS H    H  N N 225 
LYS H2   H  N N 226 
LYS HA   H  N N 227 
LYS HB2  H  N N 228 
LYS HB3  H  N N 229 
LYS HG2  H  N N 230 
LYS HG3  H  N N 231 
LYS HD2  H  N N 232 
LYS HD3  H  N N 233 
LYS HE2  H  N N 234 
LYS HE3  H  N N 235 
LYS HZ1  H  N N 236 
LYS HZ2  H  N N 237 
LYS HZ3  H  N N 238 
LYS HXT  H  N N 239 
MSE N    N  N N 240 
MSE CA   C  N S 241 
MSE C    C  N N 242 
MSE O    O  N N 243 
MSE OXT  O  N N 244 
MSE CB   C  N N 245 
MSE CG   C  N N 246 
MSE SE   SE N N 247 
MSE CE   C  N N 248 
MSE H    H  N N 249 
MSE H2   H  N N 250 
MSE HA   H  N N 251 
MSE HXT  H  N N 252 
MSE HB2  H  N N 253 
MSE HB3  H  N N 254 
MSE HG2  H  N N 255 
MSE HG3  H  N N 256 
MSE HE1  H  N N 257 
MSE HE2  H  N N 258 
MSE HE3  H  N N 259 
PHE N    N  N N 260 
PHE CA   C  N S 261 
PHE C    C  N N 262 
PHE O    O  N N 263 
PHE CB   C  N N 264 
PHE CG   C  Y N 265 
PHE CD1  C  Y N 266 
PHE CD2  C  Y N 267 
PHE CE1  C  Y N 268 
PHE CE2  C  Y N 269 
PHE CZ   C  Y N 270 
PHE OXT  O  N N 271 
PHE H    H  N N 272 
PHE H2   H  N N 273 
PHE HA   H  N N 274 
PHE HB2  H  N N 275 
PHE HB3  H  N N 276 
PHE HD1  H  N N 277 
PHE HD2  H  N N 278 
PHE HE1  H  N N 279 
PHE HE2  H  N N 280 
PHE HZ   H  N N 281 
PHE HXT  H  N N 282 
PRO N    N  N N 283 
PRO CA   C  N S 284 
PRO C    C  N N 285 
PRO O    O  N N 286 
PRO CB   C  N N 287 
PRO CG   C  N N 288 
PRO CD   C  N N 289 
PRO OXT  O  N N 290 
PRO H    H  N N 291 
PRO HA   H  N N 292 
PRO HB2  H  N N 293 
PRO HB3  H  N N 294 
PRO HG2  H  N N 295 
PRO HG3  H  N N 296 
PRO HD2  H  N N 297 
PRO HD3  H  N N 298 
PRO HXT  H  N N 299 
SER N    N  N N 300 
SER CA   C  N S 301 
SER C    C  N N 302 
SER O    O  N N 303 
SER CB   C  N N 304 
SER OG   O  N N 305 
SER OXT  O  N N 306 
SER H    H  N N 307 
SER H2   H  N N 308 
SER HA   H  N N 309 
SER HB2  H  N N 310 
SER HB3  H  N N 311 
SER HG   H  N N 312 
SER HXT  H  N N 313 
THR N    N  N N 314 
THR CA   C  N S 315 
THR C    C  N N 316 
THR O    O  N N 317 
THR CB   C  N R 318 
THR OG1  O  N N 319 
THR CG2  C  N N 320 
THR OXT  O  N N 321 
THR H    H  N N 322 
THR H2   H  N N 323 
THR HA   H  N N 324 
THR HB   H  N N 325 
THR HG1  H  N N 326 
THR HG21 H  N N 327 
THR HG22 H  N N 328 
THR HG23 H  N N 329 
THR HXT  H  N N 330 
TRP N    N  N N 331 
TRP CA   C  N S 332 
TRP C    C  N N 333 
TRP O    O  N N 334 
TRP CB   C  N N 335 
TRP CG   C  Y N 336 
TRP CD1  C  Y N 337 
TRP CD2  C  Y N 338 
TRP NE1  N  Y N 339 
TRP CE2  C  Y N 340 
TRP CE3  C  Y N 341 
TRP CZ2  C  Y N 342 
TRP CZ3  C  Y N 343 
TRP CH2  C  Y N 344 
TRP OXT  O  N N 345 
TRP H    H  N N 346 
TRP H2   H  N N 347 
TRP HA   H  N N 348 
TRP HB2  H  N N 349 
TRP HB3  H  N N 350 
TRP HD1  H  N N 351 
TRP HE1  H  N N 352 
TRP HE3  H  N N 353 
TRP HZ2  H  N N 354 
TRP HZ3  H  N N 355 
TRP HH2  H  N N 356 
TRP HXT  H  N N 357 
TYR N    N  N N 358 
TYR CA   C  N S 359 
TYR C    C  N N 360 
TYR O    O  N N 361 
TYR CB   C  N N 362 
TYR CG   C  Y N 363 
TYR CD1  C  Y N 364 
TYR CD2  C  Y N 365 
TYR CE1  C  Y N 366 
TYR CE2  C  Y N 367 
TYR CZ   C  Y N 368 
TYR OH   O  N N 369 
TYR OXT  O  N N 370 
TYR H    H  N N 371 
TYR H2   H  N N 372 
TYR HA   H  N N 373 
TYR HB2  H  N N 374 
TYR HB3  H  N N 375 
TYR HD1  H  N N 376 
TYR HD2  H  N N 377 
TYR HE1  H  N N 378 
TYR HE2  H  N N 379 
TYR HH   H  N N 380 
TYR HXT  H  N N 381 
VAL N    N  N N 382 
VAL CA   C  N S 383 
VAL C    C  N N 384 
VAL O    O  N N 385 
VAL CB   C  N N 386 
VAL CG1  C  N N 387 
VAL CG2  C  N N 388 
VAL OXT  O  N N 389 
VAL H    H  N N 390 
VAL H2   H  N N 391 
VAL HA   H  N N 392 
VAL HB   H  N N 393 
VAL HG11 H  N N 394 
VAL HG12 H  N N 395 
VAL HG13 H  N N 396 
VAL HG21 H  N N 397 
VAL HG22 H  N N 398 
VAL HG23 H  N N 399 
VAL HXT  H  N N 400 
# 
loop_
_chem_comp_bond.comp_id 
_chem_comp_bond.atom_id_1 
_chem_comp_bond.atom_id_2 
_chem_comp_bond.value_order 
_chem_comp_bond.pdbx_aromatic_flag 
_chem_comp_bond.pdbx_stereo_config 
_chem_comp_bond.pdbx_ordinal 
ALA N   CA   sing N N 1   
ALA N   H    sing N N 2   
ALA N   H2   sing N N 3   
ALA CA  C    sing N N 4   
ALA CA  CB   sing N N 5   
ALA CA  HA   sing N N 6   
ALA C   O    doub N N 7   
ALA C   OXT  sing N N 8   
ALA CB  HB1  sing N N 9   
ALA CB  HB2  sing N N 10  
ALA CB  HB3  sing N N 11  
ALA OXT HXT  sing N N 12  
ARG N   CA   sing N N 13  
ARG N   H    sing N N 14  
ARG N   H2   sing N N 15  
ARG CA  C    sing N N 16  
ARG CA  CB   sing N N 17  
ARG CA  HA   sing N N 18  
ARG C   O    doub N N 19  
ARG C   OXT  sing N N 20  
ARG CB  CG   sing N N 21  
ARG CB  HB2  sing N N 22  
ARG CB  HB3  sing N N 23  
ARG CG  CD   sing N N 24  
ARG CG  HG2  sing N N 25  
ARG CG  HG3  sing N N 26  
ARG CD  NE   sing N N 27  
ARG CD  HD2  sing N N 28  
ARG CD  HD3  sing N N 29  
ARG NE  CZ   sing N N 30  
ARG NE  HE   sing N N 31  
ARG CZ  NH1  sing N N 32  
ARG CZ  NH2  doub N N 33  
ARG NH1 HH11 sing N N 34  
ARG NH1 HH12 sing N N 35  
ARG NH2 HH21 sing N N 36  
ARG NH2 HH22 sing N N 37  
ARG OXT HXT  sing N N 38  
ASN N   CA   sing N N 39  
ASN N   H    sing N N 40  
ASN N   H2   sing N N 41  
ASN CA  C    sing N N 42  
ASN CA  CB   sing N N 43  
ASN CA  HA   sing N N 44  
ASN C   O    doub N N 45  
ASN C   OXT  sing N N 46  
ASN CB  CG   sing N N 47  
ASN CB  HB2  sing N N 48  
ASN CB  HB3  sing N N 49  
ASN CG  OD1  doub N N 50  
ASN CG  ND2  sing N N 51  
ASN ND2 HD21 sing N N 52  
ASN ND2 HD22 sing N N 53  
ASN OXT HXT  sing N N 54  
ASP N   CA   sing N N 55  
ASP N   H    sing N N 56  
ASP N   H2   sing N N 57  
ASP CA  C    sing N N 58  
ASP CA  CB   sing N N 59  
ASP CA  HA   sing N N 60  
ASP C   O    doub N N 61  
ASP C   OXT  sing N N 62  
ASP CB  CG   sing N N 63  
ASP CB  HB2  sing N N 64  
ASP CB  HB3  sing N N 65  
ASP CG  OD1  doub N N 66  
ASP CG  OD2  sing N N 67  
ASP OD2 HD2  sing N N 68  
ASP OXT HXT  sing N N 69  
CYS N   CA   sing N N 70  
CYS N   H    sing N N 71  
CYS N   H2   sing N N 72  
CYS CA  C    sing N N 73  
CYS CA  CB   sing N N 74  
CYS CA  HA   sing N N 75  
CYS C   O    doub N N 76  
CYS C   OXT  sing N N 77  
CYS CB  SG   sing N N 78  
CYS CB  HB2  sing N N 79  
CYS CB  HB3  sing N N 80  
CYS SG  HG   sing N N 81  
CYS OXT HXT  sing N N 82  
EDO C1  O1   sing N N 83  
EDO C1  C2   sing N N 84  
EDO C1  H11  sing N N 85  
EDO C1  H12  sing N N 86  
EDO O1  HO1  sing N N 87  
EDO C2  O2   sing N N 88  
EDO C2  H21  sing N N 89  
EDO C2  H22  sing N N 90  
EDO O2  HO2  sing N N 91  
GLN N   CA   sing N N 92  
GLN N   H    sing N N 93  
GLN N   H2   sing N N 94  
GLN CA  C    sing N N 95  
GLN CA  CB   sing N N 96  
GLN CA  HA   sing N N 97  
GLN C   O    doub N N 98  
GLN C   OXT  sing N N 99  
GLN CB  CG   sing N N 100 
GLN CB  HB2  sing N N 101 
GLN CB  HB3  sing N N 102 
GLN CG  CD   sing N N 103 
GLN CG  HG2  sing N N 104 
GLN CG  HG3  sing N N 105 
GLN CD  OE1  doub N N 106 
GLN CD  NE2  sing N N 107 
GLN NE2 HE21 sing N N 108 
GLN NE2 HE22 sing N N 109 
GLN OXT HXT  sing N N 110 
GLU N   CA   sing N N 111 
GLU N   H    sing N N 112 
GLU N   H2   sing N N 113 
GLU CA  C    sing N N 114 
GLU CA  CB   sing N N 115 
GLU CA  HA   sing N N 116 
GLU C   O    doub N N 117 
GLU C   OXT  sing N N 118 
GLU CB  CG   sing N N 119 
GLU CB  HB2  sing N N 120 
GLU CB  HB3  sing N N 121 
GLU CG  CD   sing N N 122 
GLU CG  HG2  sing N N 123 
GLU CG  HG3  sing N N 124 
GLU CD  OE1  doub N N 125 
GLU CD  OE2  sing N N 126 
GLU OE2 HE2  sing N N 127 
GLU OXT HXT  sing N N 128 
GLY N   CA   sing N N 129 
GLY N   H    sing N N 130 
GLY N   H2   sing N N 131 
GLY CA  C    sing N N 132 
GLY CA  HA2  sing N N 133 
GLY CA  HA3  sing N N 134 
GLY C   O    doub N N 135 
GLY C   OXT  sing N N 136 
GLY OXT HXT  sing N N 137 
HIS N   CA   sing N N 138 
HIS N   H    sing N N 139 
HIS N   H2   sing N N 140 
HIS CA  C    sing N N 141 
HIS CA  CB   sing N N 142 
HIS CA  HA   sing N N 143 
HIS C   O    doub N N 144 
HIS C   OXT  sing N N 145 
HIS CB  CG   sing N N 146 
HIS CB  HB2  sing N N 147 
HIS CB  HB3  sing N N 148 
HIS CG  ND1  sing Y N 149 
HIS CG  CD2  doub Y N 150 
HIS ND1 CE1  doub Y N 151 
HIS ND1 HD1  sing N N 152 
HIS CD2 NE2  sing Y N 153 
HIS CD2 HD2  sing N N 154 
HIS CE1 NE2  sing Y N 155 
HIS CE1 HE1  sing N N 156 
HIS NE2 HE2  sing N N 157 
HIS OXT HXT  sing N N 158 
HOH O   H1   sing N N 159 
HOH O   H2   sing N N 160 
ILE N   CA   sing N N 161 
ILE N   H    sing N N 162 
ILE N   H2   sing N N 163 
ILE CA  C    sing N N 164 
ILE CA  CB   sing N N 165 
ILE CA  HA   sing N N 166 
ILE C   O    doub N N 167 
ILE C   OXT  sing N N 168 
ILE CB  CG1  sing N N 169 
ILE CB  CG2  sing N N 170 
ILE CB  HB   sing N N 171 
ILE CG1 CD1  sing N N 172 
ILE CG1 HG12 sing N N 173 
ILE CG1 HG13 sing N N 174 
ILE CG2 HG21 sing N N 175 
ILE CG2 HG22 sing N N 176 
ILE CG2 HG23 sing N N 177 
ILE CD1 HD11 sing N N 178 
ILE CD1 HD12 sing N N 179 
ILE CD1 HD13 sing N N 180 
ILE OXT HXT  sing N N 181 
LEU N   CA   sing N N 182 
LEU N   H    sing N N 183 
LEU N   H2   sing N N 184 
LEU CA  C    sing N N 185 
LEU CA  CB   sing N N 186 
LEU CA  HA   sing N N 187 
LEU C   O    doub N N 188 
LEU C   OXT  sing N N 189 
LEU CB  CG   sing N N 190 
LEU CB  HB2  sing N N 191 
LEU CB  HB3  sing N N 192 
LEU CG  CD1  sing N N 193 
LEU CG  CD2  sing N N 194 
LEU CG  HG   sing N N 195 
LEU CD1 HD11 sing N N 196 
LEU CD1 HD12 sing N N 197 
LEU CD1 HD13 sing N N 198 
LEU CD2 HD21 sing N N 199 
LEU CD2 HD22 sing N N 200 
LEU CD2 HD23 sing N N 201 
LEU OXT HXT  sing N N 202 
LYS N   CA   sing N N 203 
LYS N   H    sing N N 204 
LYS N   H2   sing N N 205 
LYS CA  C    sing N N 206 
LYS CA  CB   sing N N 207 
LYS CA  HA   sing N N 208 
LYS C   O    doub N N 209 
LYS C   OXT  sing N N 210 
LYS CB  CG   sing N N 211 
LYS CB  HB2  sing N N 212 
LYS CB  HB3  sing N N 213 
LYS CG  CD   sing N N 214 
LYS CG  HG2  sing N N 215 
LYS CG  HG3  sing N N 216 
LYS CD  CE   sing N N 217 
LYS CD  HD2  sing N N 218 
LYS CD  HD3  sing N N 219 
LYS CE  NZ   sing N N 220 
LYS CE  HE2  sing N N 221 
LYS CE  HE3  sing N N 222 
LYS NZ  HZ1  sing N N 223 
LYS NZ  HZ2  sing N N 224 
LYS NZ  HZ3  sing N N 225 
LYS OXT HXT  sing N N 226 
MSE N   CA   sing N N 227 
MSE N   H    sing N N 228 
MSE N   H2   sing N N 229 
MSE CA  C    sing N N 230 
MSE CA  CB   sing N N 231 
MSE CA  HA   sing N N 232 
MSE C   O    doub N N 233 
MSE C   OXT  sing N N 234 
MSE OXT HXT  sing N N 235 
MSE CB  CG   sing N N 236 
MSE CB  HB2  sing N N 237 
MSE CB  HB3  sing N N 238 
MSE CG  SE   sing N N 239 
MSE CG  HG2  sing N N 240 
MSE CG  HG3  sing N N 241 
MSE SE  CE   sing N N 242 
MSE CE  HE1  sing N N 243 
MSE CE  HE2  sing N N 244 
MSE CE  HE3  sing N N 245 
PHE N   CA   sing N N 246 
PHE N   H    sing N N 247 
PHE N   H2   sing N N 248 
PHE CA  C    sing N N 249 
PHE CA  CB   sing N N 250 
PHE CA  HA   sing N N 251 
PHE C   O    doub N N 252 
PHE C   OXT  sing N N 253 
PHE CB  CG   sing N N 254 
PHE CB  HB2  sing N N 255 
PHE CB  HB3  sing N N 256 
PHE CG  CD1  doub Y N 257 
PHE CG  CD2  sing Y N 258 
PHE CD1 CE1  sing Y N 259 
PHE CD1 HD1  sing N N 260 
PHE CD2 CE2  doub Y N 261 
PHE CD2 HD2  sing N N 262 
PHE CE1 CZ   doub Y N 263 
PHE CE1 HE1  sing N N 264 
PHE CE2 CZ   sing Y N 265 
PHE CE2 HE2  sing N N 266 
PHE CZ  HZ   sing N N 267 
PHE OXT HXT  sing N N 268 
PRO N   CA   sing N N 269 
PRO N   CD   sing N N 270 
PRO N   H    sing N N 271 
PRO CA  C    sing N N 272 
PRO CA  CB   sing N N 273 
PRO CA  HA   sing N N 274 
PRO C   O    doub N N 275 
PRO C   OXT  sing N N 276 
PRO CB  CG   sing N N 277 
PRO CB  HB2  sing N N 278 
PRO CB  HB3  sing N N 279 
PRO CG  CD   sing N N 280 
PRO CG  HG2  sing N N 281 
PRO CG  HG3  sing N N 282 
PRO CD  HD2  sing N N 283 
PRO CD  HD3  sing N N 284 
PRO OXT HXT  sing N N 285 
SER N   CA   sing N N 286 
SER N   H    sing N N 287 
SER N   H2   sing N N 288 
SER CA  C    sing N N 289 
SER CA  CB   sing N N 290 
SER CA  HA   sing N N 291 
SER C   O    doub N N 292 
SER C   OXT  sing N N 293 
SER CB  OG   sing N N 294 
SER CB  HB2  sing N N 295 
SER CB  HB3  sing N N 296 
SER OG  HG   sing N N 297 
SER OXT HXT  sing N N 298 
THR N   CA   sing N N 299 
THR N   H    sing N N 300 
THR N   H2   sing N N 301 
THR CA  C    sing N N 302 
THR CA  CB   sing N N 303 
THR CA  HA   sing N N 304 
THR C   O    doub N N 305 
THR C   OXT  sing N N 306 
THR CB  OG1  sing N N 307 
THR CB  CG2  sing N N 308 
THR CB  HB   sing N N 309 
THR OG1 HG1  sing N N 310 
THR CG2 HG21 sing N N 311 
THR CG2 HG22 sing N N 312 
THR CG2 HG23 sing N N 313 
THR OXT HXT  sing N N 314 
TRP N   CA   sing N N 315 
TRP N   H    sing N N 316 
TRP N   H2   sing N N 317 
TRP CA  C    sing N N 318 
TRP CA  CB   sing N N 319 
TRP CA  HA   sing N N 320 
TRP C   O    doub N N 321 
TRP C   OXT  sing N N 322 
TRP CB  CG   sing N N 323 
TRP CB  HB2  sing N N 324 
TRP CB  HB3  sing N N 325 
TRP CG  CD1  doub Y N 326 
TRP CG  CD2  sing Y N 327 
TRP CD1 NE1  sing Y N 328 
TRP CD1 HD1  sing N N 329 
TRP CD2 CE2  doub Y N 330 
TRP CD2 CE3  sing Y N 331 
TRP NE1 CE2  sing Y N 332 
TRP NE1 HE1  sing N N 333 
TRP CE2 CZ2  sing Y N 334 
TRP CE3 CZ3  doub Y N 335 
TRP CE3 HE3  sing N N 336 
TRP CZ2 CH2  doub Y N 337 
TRP CZ2 HZ2  sing N N 338 
TRP CZ3 CH2  sing Y N 339 
TRP CZ3 HZ3  sing N N 340 
TRP CH2 HH2  sing N N 341 
TRP OXT HXT  sing N N 342 
TYR N   CA   sing N N 343 
TYR N   H    sing N N 344 
TYR N   H2   sing N N 345 
TYR CA  C    sing N N 346 
TYR CA  CB   sing N N 347 
TYR CA  HA   sing N N 348 
TYR C   O    doub N N 349 
TYR C   OXT  sing N N 350 
TYR CB  CG   sing N N 351 
TYR CB  HB2  sing N N 352 
TYR CB  HB3  sing N N 353 
TYR CG  CD1  doub Y N 354 
TYR CG  CD2  sing Y N 355 
TYR CD1 CE1  sing Y N 356 
TYR CD1 HD1  sing N N 357 
TYR CD2 CE2  doub Y N 358 
TYR CD2 HD2  sing N N 359 
TYR CE1 CZ   doub Y N 360 
TYR CE1 HE1  sing N N 361 
TYR CE2 CZ   sing Y N 362 
TYR CE2 HE2  sing N N 363 
TYR CZ  OH   sing N N 364 
TYR OH  HH   sing N N 365 
TYR OXT HXT  sing N N 366 
VAL N   CA   sing N N 367 
VAL N   H    sing N N 368 
VAL N   H2   sing N N 369 
VAL CA  C    sing N N 370 
VAL CA  CB   sing N N 371 
VAL CA  HA   sing N N 372 
VAL C   O    doub N N 373 
VAL C   OXT  sing N N 374 
VAL CB  CG1  sing N N 375 
VAL CB  CG2  sing N N 376 
VAL CB  HB   sing N N 377 
VAL CG1 HG11 sing N N 378 
VAL CG1 HG12 sing N N 379 
VAL CG1 HG13 sing N N 380 
VAL CG2 HG21 sing N N 381 
VAL CG2 HG22 sing N N 382 
VAL CG2 HG23 sing N N 383 
VAL OXT HXT  sing N N 384 
# 
_atom_sites.entry_id                    3FSD 
_atom_sites.fract_transf_matrix[1][1]   -0.00917793 
_atom_sites.fract_transf_matrix[1][2]   0.01305567 
_atom_sites.fract_transf_matrix[1][3]   -0.00373021 
_atom_sites.fract_transf_matrix[2][1]   -0.00934793 
_atom_sites.fract_transf_matrix[2][2]   -0.00934100 
_atom_sites.fract_transf_matrix[2][3]   -0.00969336 
_atom_sites.fract_transf_matrix[3][1]   -0.01064588 
_atom_sites.fract_transf_matrix[3][2]   -0.00356816 
_atom_sites.fract_transf_matrix[3][3]   0.01370495 
_atom_sites.fract_transf_vector[1]      0.296349 
_atom_sites.fract_transf_vector[2]      0.071390 
_atom_sites.fract_transf_vector[3]      0.098191 
# 
loop_
_atom_type.symbol 
C  
N  
O  
S  
SE 
# 
loop_
_atom_site.group_PDB 
_atom_site.id 
_atom_site.type_symbol 
_atom_site.label_atom_id 
_atom_site.label_alt_id 
_atom_site.label_comp_id 
_atom_site.label_asym_id 
_atom_site.label_entity_id 
_atom_site.label_seq_id 
_atom_site.pdbx_PDB_ins_code 
_atom_site.Cartn_x 
_atom_site.Cartn_y 
_atom_site.Cartn_z 
_atom_site.occupancy 
_atom_site.B_iso_or_equiv 
_atom_site.pdbx_formal_charge 
_atom_site.auth_seq_id 
_atom_site.auth_comp_id 
_atom_site.auth_asym_id 
_atom_site.auth_atom_id 
_atom_site.pdbx_PDB_model_num 
ATOM   1    N  N   . ASP A 1 14  ? -9.659  7.060   -13.522 1.00 48.53 ? 13  ASP A N   1 
ATOM   2    C  CA  . ASP A 1 14  ? -8.778  7.311   -14.717 1.00 47.19 ? 13  ASP A CA  1 
ATOM   3    C  C   . ASP A 1 14  ? -7.249  7.271   -14.423 1.00 45.20 ? 13  ASP A C   1 
ATOM   4    O  O   . ASP A 1 14  ? -6.522  6.400   -14.943 1.00 47.49 ? 13  ASP A O   1 
ATOM   5    C  CB  . ASP A 1 14  ? -9.147  8.654   -15.357 1.00 49.06 ? 13  ASP A CB  1 
ATOM   6    N  N   . ASP A 1 15  ? -6.751  8.202   -13.608 1.00 38.77 ? 14  ASP A N   1 
ATOM   7    C  CA  . ASP A 1 15  ? -5.323  8.250   -13.347 1.00 36.03 ? 14  ASP A CA  1 
ATOM   8    C  C   . ASP A 1 15  ? -5.054  7.608   -12.002 1.00 31.61 ? 14  ASP A C   1 
ATOM   9    O  O   . ASP A 1 15  ? -5.467  8.099   -10.917 1.00 30.01 ? 14  ASP A O   1 
ATOM   10   C  CB  . ASP A 1 15  ? -4.696  9.650   -13.432 1.00 37.25 ? 14  ASP A CB  1 
ATOM   11   C  CG  . ASP A 1 15  ? -3.170  9.606   -13.626 1.00 38.95 ? 14  ASP A CG  1 
ATOM   12   O  OD1 . ASP A 1 15  ? -2.498  8.573   -13.336 1.00 39.74 ? 14  ASP A OD1 1 
ATOM   13   O  OD2 . ASP A 1 15  ? -2.619  10.623  -14.093 1.00 52.81 ? 14  ASP A OD2 1 
ATOM   14   N  N   . ILE A 1 16  ? -4.369  6.479   -12.097 1.00 26.27 ? 15  ILE A N   1 
ATOM   15   C  CA  . ILE A 1 16  ? -4.065  5.723   -10.911 1.00 19.47 ? 15  ILE A CA  1 
ATOM   16   C  C   . ILE A 1 16  ? -3.107  6.504   -9.994  1.00 19.49 ? 15  ILE A C   1 
ATOM   17   O  O   . ILE A 1 16  ? -3.032  6.213   -8.822  1.00 19.96 ? 15  ILE A O   1 
ATOM   18   C  CB  . ILE A 1 16  ? -3.493  4.326   -11.300 1.00 21.24 ? 15  ILE A CB  1 
ATOM   19   C  CG1 . ILE A 1 16  ? -3.635  3.388   -10.119 1.00 20.10 ? 15  ILE A CG1 1 
ATOM   20   C  CG2 . ILE A 1 16  ? -2.050  4.456   -11.845 1.00 22.17 ? 15  ILE A CG2 1 
ATOM   21   C  CD1 . ILE A 1 16  ? -5.040  3.004   -9.800  1.00 19.74 ? 15  ILE A CD1 1 
ATOM   22   N  N   . ALA A 1 17  ? -2.416  7.509   -10.501 1.00 21.02 ? 16  ALA A N   1 
ATOM   23   C  CA  . ALA A 1 17  ? -1.569  8.402   -9.672  1.00 22.33 ? 16  ALA A CA  1 
ATOM   24   C  C   . ALA A 1 17  ? -2.301  9.055   -8.510  1.00 21.44 ? 16  ALA A C   1 
ATOM   25   O  O   . ALA A 1 17  ? -1.763  9.163   -7.410  1.00 21.87 ? 16  ALA A O   1 
ATOM   26   C  CB  . ALA A 1 17  ? -0.854  9.500   -10.584 1.00 23.80 ? 16  ALA A CB  1 
ATOM   27   N  N   . PHE A 1 18  ? -3.548  9.472   -8.729  1.00 24.16 ? 17  PHE A N   1 
ATOM   28   C  CA  . PHE A 1 18  ? -4.406  10.018  -7.675  1.00 21.54 ? 17  PHE A CA  1 
ATOM   29   C  C   . PHE A 1 18  ? -4.533  9.042   -6.494  1.00 21.72 ? 17  PHE A C   1 
ATOM   30   O  O   . PHE A 1 18  ? -4.454  9.425   -5.335  1.00 18.33 ? 17  PHE A O   1 
ATOM   31   C  CB  . PHE A 1 18  ? -5.791  10.311  -8.287  1.00 24.12 ? 17  PHE A CB  1 
ATOM   32   C  CG  . PHE A 1 18  ? -6.818  10.887  -7.323  1.00 21.71 ? 17  PHE A CG  1 
ATOM   33   C  CD1 . PHE A 1 18  ? -6.626  12.136  -6.754  1.00 33.91 ? 17  PHE A CD1 1 
ATOM   34   C  CD2 . PHE A 1 18  ? -7.985  10.224  -7.027  1.00 26.39 ? 17  PHE A CD2 1 
ATOM   35   C  CE1 . PHE A 1 18  ? -7.547  12.669  -5.905  1.00 24.56 ? 17  PHE A CE1 1 
ATOM   36   C  CE2 . PHE A 1 18  ? -8.942  10.768  -6.167  1.00 24.13 ? 17  PHE A CE2 1 
ATOM   37   C  CZ  . PHE A 1 18  ? -8.739  11.991  -5.621  1.00 25.08 ? 17  PHE A CZ  1 
ATOM   38   N  N   . TYR A 1 19  ? -4.722  7.763   -6.801  1.00 17.68 ? 18  TYR A N   1 
ATOM   39   C  CA  . TYR A 1 19  ? -4.992  6.752   -5.735  1.00 16.93 ? 18  TYR A CA  1 
ATOM   40   C  C   . TYR A 1 19  ? -3.693  6.344   -5.067  1.00 15.71 ? 18  TYR A C   1 
ATOM   41   O  O   . TYR A 1 19  ? -3.668  6.215   -3.842  1.00 17.47 ? 18  TYR A O   1 
ATOM   42   C  CB  . TYR A 1 19  ? -5.735  5.571   -6.366  1.00 19.93 ? 18  TYR A CB  1 
ATOM   43   C  CG  . TYR A 1 19  ? -7.060  6.038   -6.842  1.00 18.60 ? 18  TYR A CG  1 
ATOM   44   C  CD1 . TYR A 1 19  ? -8.156  6.022   -6.011  1.00 24.30 ? 18  TYR A CD1 1 
ATOM   45   C  CD2 . TYR A 1 19  ? -7.206  6.522   -8.131  1.00 19.17 ? 18  TYR A CD2 1 
ATOM   46   C  CE1 . TYR A 1 19  ? -9.351  6.526   -6.414  1.00 29.68 ? 18  TYR A CE1 1 
ATOM   47   C  CE2 . TYR A 1 19  ? -8.403  7.019   -8.551  1.00 23.92 ? 18  TYR A CE2 1 
ATOM   48   C  CZ  . TYR A 1 19  ? -9.471  7.008   -7.700  1.00 24.62 ? 18  TYR A CZ  1 
ATOM   49   O  OH  . TYR A 1 19  ? -10.692 7.482   -8.134  1.00 34.81 ? 18  TYR A OH  1 
ATOM   50   N  N   . GLU A 1 20  ? -2.630  6.187   -5.885  1.00 15.78 ? 19  GLU A N   1 
ATOM   51   C  CA  . GLU A 1 20  ? -1.258  5.983   -5.369  1.00 15.15 ? 19  GLU A CA  1 
ATOM   52   C  C   . GLU A 1 20  ? -0.873  7.122   -4.387  1.00 17.36 ? 19  GLU A C   1 
ATOM   53   O  O   . GLU A 1 20  ? -0.361  6.864   -3.284  1.00 15.42 ? 19  GLU A O   1 
ATOM   54   C  CB  . GLU A 1 20  ? -0.265  5.858   -6.511  1.00 19.16 ? 19  GLU A CB  1 
ATOM   55   C  CG  . GLU A 1 20  ? -0.247  4.516   -7.150  1.00 18.13 ? 19  GLU A CG  1 
ATOM   56   C  CD  . GLU A 1 20  ? 0.466   3.470   -6.265  1.00 19.35 ? 19  GLU A CD  1 
ATOM   57   O  OE1 . GLU A 1 20  ? 1.486   3.823   -5.631  1.00 20.19 ? 19  GLU A OE1 1 
ATOM   58   O  OE2 . GLU A 1 20  ? 0.033   2.308   -6.220  1.00 19.93 ? 19  GLU A OE2 1 
ATOM   59   N  N   . GLU A 1 21  ? -1.125  8.367   -4.774  1.00 19.47 ? 20  GLU A N   1 
ATOM   60   C  CA  . GLU A 1 21  ? -0.800  9.484   -3.889  1.00 16.72 ? 20  GLU A CA  1 
ATOM   61   C  C   . GLU A 1 21  ? -1.671  9.488   -2.621  1.00 14.52 ? 20  GLU A C   1 
ATOM   62   O  O   . GLU A 1 21  ? -1.153  9.761   -1.554  1.00 16.22 ? 20  GLU A O   1 
ATOM   63   C  CB  . GLU A 1 21  ? -0.809  10.841  -4.637  1.00 22.36 ? 20  GLU A CB  1 
ATOM   64   C  CG  . GLU A 1 21  ? -0.323  12.005  -3.715  1.00 29.68 ? 20  GLU A CG  1 
ATOM   65   C  CD  . GLU A 1 21  ? 1.038   11.772  -2.992  1.00 38.67 ? 20  GLU A CD  1 
ATOM   66   O  OE1 . GLU A 1 21  ? 2.012   11.287  -3.631  1.00 32.86 ? 20  GLU A OE1 1 
ATOM   67   O  OE2 . GLU A 1 21  ? 1.106   12.093  -1.773  1.00 40.88 ? 20  GLU A OE2 1 
ATOM   68   N  N   . ARG A 1 22  ? -2.970  9.251   -2.756  1.00 15.30 ? 21  ARG A N   1 
ATOM   69   C  CA  . ARG A 1 22  ? -3.867  9.045   -1.597  1.00 15.54 ? 21  ARG A CA  1 
ATOM   70   C  C   . ARG A 1 22  ? -3.376  7.988   -0.651  1.00 16.95 ? 21  ARG A C   1 
ATOM   71   O  O   . ARG A 1 22  ? -3.429  8.158   0.582   1.00 15.15 ? 21  ARG A O   1 
ATOM   72   C  CB  . ARG A 1 22  ? -5.278  8.715   -2.030  1.00 20.22 ? 21  ARG A CB  1 
ATOM   73   C  CG  . ARG A 1 22  ? -6.079  9.960   -2.489  1.00 18.95 ? 21  ARG A CG  1 
ATOM   74   C  CD  . ARG A 1 22  ? -7.429  9.620   -2.987  1.00 16.74 ? 21  ARG A CD  1 
ATOM   75   N  NE  . ARG A 1 22  ? -8.317  9.040   -2.009  1.00 22.30 ? 21  ARG A NE  1 
ATOM   76   C  CZ  . ARG A 1 22  ? -9.465  8.448   -2.321  1.00 27.56 ? 21  ARG A CZ  1 
ATOM   77   N  NH1 . ARG A 1 22  ? -9.877  8.396   -3.573  1.00 30.63 ? 21  ARG A NH1 1 
ATOM   78   N  NH2 . ARG A 1 22  ? -10.193 7.912   -1.376  1.00 24.79 ? 21  ARG A NH2 1 
ATOM   79   N  N   . LEU A 1 23  ? -2.917  6.879   -1.210  1.00 16.86 ? 22  LEU A N   1 
ATOM   80   C  CA  . LEU A 1 23  ? -2.418  5.775   -0.375  1.00 15.05 ? 22  LEU A CA  1 
ATOM   81   C  C   . LEU A 1 23  ? -1.150  6.186   0.373   1.00 13.43 ? 22  LEU A C   1 
ATOM   82   O  O   . LEU A 1 23  ? -1.041  5.959   1.565   1.00 16.08 ? 22  LEU A O   1 
ATOM   83   C  CB  . LEU A 1 23  ? -2.120  4.559   -1.242  1.00 16.99 ? 22  LEU A CB  1 
ATOM   84   C  CG  . LEU A 1 23  ? -1.768  3.288   -0.439  1.00 14.36 ? 22  LEU A CG  1 
ATOM   85   C  CD1 . LEU A 1 23  ? -2.799  2.884   0.630   1.00 15.84 ? 22  LEU A CD1 1 
ATOM   86   C  CD2 . LEU A 1 23  ? -1.495  2.167   -1.430  1.00 15.67 ? 22  LEU A CD2 1 
ATOM   87   N  N   . ARG A 1 24  ? -0.216  6.779   -0.342  1.00 16.16 ? 23  ARG A N   1 
ATOM   88   C  CA  . ARG A 1 24  ? 1.011   7.332   0.254   1.00 15.62 ? 23  ARG A CA  1 
ATOM   89   C  C   . ARG A 1 24  ? 0.670   8.271   1.391   1.00 17.46 ? 23  ARG A C   1 
ATOM   90   O  O   . ARG A 1 24  ? 1.198   8.166   2.454   1.00 17.50 ? 23  ARG A O   1 
ATOM   91   C  CB  . ARG A 1 24  ? 1.863   8.024   -0.798  1.00 18.71 ? 23  ARG A CB  1 
ATOM   92   C  CG  . ARG A 1 24  ? 3.183   8.484   -0.269  1.00 22.43 ? 23  ARG A CG  1 
ATOM   93   C  CD  . ARG A 1 24  ? 3.805   9.505   -1.180  1.00 25.86 ? 23  ARG A CD  1 
ATOM   94   N  NE  . ARG A 1 24  ? 5.021   10.049  -0.586  1.00 35.83 ? 23  ARG A NE  1 
ATOM   95   C  CZ  . ARG A 1 24  ? 5.143   11.263  -0.084  1.00 34.16 ? 23  ARG A CZ  1 
ATOM   96   N  NH1 . ARG A 1 24  ? 4.128   12.117  -0.121  1.00 47.86 ? 23  ARG A NH1 1 
ATOM   97   N  NH2 . ARG A 1 24  ? 6.295   11.652  0.411   1.00 38.50 ? 23  ARG A NH2 1 
ATOM   98   N  N   . ALA A 1 25  ? -0.245  9.211   1.161   1.00 17.82 ? 24  ALA A N   1 
ATOM   99   C  CA  . ALA A 1 25  ? -0.641  10.106  2.247   1.00 18.77 ? 24  ALA A CA  1 
ATOM   100  C  C   . ALA A 1 25  ? -1.290  9.451   3.454   1.00 17.56 ? 24  ALA A C   1 
ATOM   101  O  O   . ALA A 1 25  ? -1.032  9.856   4.587   1.00 20.18 ? 24  ALA A O   1 
ATOM   102  C  CB  . ALA A 1 25  ? -1.547  11.237  1.699   1.00 18.69 ? 24  ALA A CB  1 
ATOM   103  N  N   . ALA A 1 26  ? -2.157  8.458   3.220   1.00 14.52 ? 25  ALA A N   1 
ATOM   104  C  CA  . ALA A 1 26  ? -2.828  7.765   4.289   1.00 14.73 ? 25  ALA A CA  1 
ATOM   105  C  C   . ALA A 1 26  ? -1.809  6.983   5.072   1.00 18.26 ? 25  ALA A C   1 
ATOM   106  O  O   . ALA A 1 26  ? -1.907  6.916   6.277   1.00 18.95 ? 25  ALA A O   1 
ATOM   107  C  CB  . ALA A 1 26  ? -3.933  6.807   3.761   1.00 15.77 ? 25  ALA A CB  1 
HETATM 108  N  N   . MSE A 1 27  ? -0.852  6.354   4.388   1.00 19.35 ? 26  MSE A N   1 
HETATM 109  C  CA  . MSE A 1 27  ? 0.154   5.560   5.122   1.00 19.97 ? 26  MSE A CA  1 
HETATM 110  C  C   . MSE A 1 27  ? 1.037   6.479   5.975   1.00 20.52 ? 26  MSE A C   1 
HETATM 111  O  O   . MSE A 1 27  ? 1.286   6.199   7.148   1.00 21.65 ? 26  MSE A O   1 
HETATM 112  C  CB  . MSE A 1 27  ? 0.980   4.767   4.120   1.00 22.34 ? 26  MSE A CB  1 
HETATM 113  C  CG  . MSE A 1 27  ? 0.218   3.639   3.499   1.00 16.74 ? 26  MSE A CG  1 
HETATM 114  SE SE  . MSE A 1 27  ? 1.177   2.725   2.051   0.75 26.34 ? 26  MSE A SE  1 
HETATM 115  C  CE  . MSE A 1 27  ? 2.886   2.152   2.924   1.00 19.03 ? 26  MSE A CE  1 
ATOM   116  N  N   . LEU A 1 28  ? 1.493   7.556   5.358   1.00 21.95 ? 27  LEU A N   1 
ATOM   117  C  CA  . LEU A 1 28  ? 2.441   8.480   5.993   1.00 25.38 ? 27  LEU A CA  1 
ATOM   118  C  C   . LEU A 1 28  ? 1.812   9.166   7.187   1.00 25.74 ? 27  LEU A C   1 
ATOM   119  O  O   . LEU A 1 28  ? 2.466   9.350   8.213   1.00 29.48 ? 27  LEU A O   1 
ATOM   120  C  CB  . LEU A 1 28  ? 2.939   9.481   4.972   1.00 22.82 ? 27  LEU A CB  1 
ATOM   121  C  CG  . LEU A 1 28  ? 4.200   10.281  5.195   1.00 29.21 ? 27  LEU A CG  1 
ATOM   122  C  CD1 . LEU A 1 28  ? 5.270   9.472   5.924   1.00 26.69 ? 27  LEU A CD1 1 
ATOM   123  C  CD2 . LEU A 1 28  ? 4.657   10.724  3.803   1.00 29.10 ? 27  LEU A CD2 1 
ATOM   124  N  N   . THR A 1 29  ? 0.525   9.498   7.093   1.00 24.27 ? 28  THR A N   1 
ATOM   125  C  CA  . THR A 1 29  ? -0.200  10.195  8.153   1.00 22.39 ? 28  THR A CA  1 
ATOM   126  C  C   . THR A 1 29  ? -0.932  9.280   9.121   1.00 22.78 ? 28  THR A C   1 
ATOM   127  O  O   . THR A 1 29  ? -1.450  9.769   10.111  1.00 25.55 ? 28  THR A O   1 
ATOM   128  C  CB  . THR A 1 29  ? -1.216  11.289  7.569   1.00 21.02 ? 28  THR A CB  1 
ATOM   129  O  OG1 . THR A 1 29  ? -2.260  10.624  6.837   1.00 20.45 ? 28  THR A OG1 1 
ATOM   130  C  CG2 . THR A 1 29  ? -0.482  12.260  6.663   1.00 22.88 ? 28  THR A CG2 1 
ATOM   131  N  N   . GLY A 1 30  ? -1.011  7.967   8.851   1.00 22.51 ? 29  GLY A N   1 
ATOM   132  C  CA  . GLY A 1 30  ? -1.701  7.028   9.746   1.00 22.66 ? 29  GLY A CA  1 
ATOM   133  C  C   . GLY A 1 30  ? -3.207  7.170   9.689   1.00 25.56 ? 29  GLY A C   1 
ATOM   134  O  O   . GLY A 1 30  ? -3.945  6.904   10.681  1.00 24.33 ? 29  GLY A O   1 
ATOM   135  N  N   . ASP A 1 31  ? -3.694  7.562   8.505   1.00 23.46 ? 30  ASP A N   1 
ATOM   136  C  CA  . ASP A 1 31  ? -5.114  7.802   8.317   1.00 23.68 ? 30  ASP A CA  1 
ATOM   137  C  C   . ASP A 1 31  ? -5.832  6.475   8.117   1.00 24.17 ? 30  ASP A C   1 
ATOM   138  O  O   . ASP A 1 31  ? -5.995  6.012   6.999   1.00 20.56 ? 30  ASP A O   1 
ATOM   139  C  CB  . ASP A 1 31  ? -5.280  8.716   7.106   1.00 23.35 ? 30  ASP A CB  1 
ATOM   140  C  CG  . ASP A 1 31  ? -6.714  9.021   6.797   1.00 25.42 ? 30  ASP A CG  1 
ATOM   141  O  OD1 . ASP A 1 31  ? -7.623  8.587   7.527   1.00 22.93 ? 30  ASP A OD1 1 
ATOM   142  O  OD2 . ASP A 1 31  ? -6.907  9.654   5.766   1.00 25.78 ? 30  ASP A OD2 1 
ATOM   143  N  N   . LEU A 1 32  ? -6.286  5.863   9.202   1.00 27.04 ? 31  LEU A N   1 
ATOM   144  C  CA  . LEU A 1 32  ? -6.850  4.528   9.145   1.00 27.97 ? 31  LEU A CA  1 
ATOM   145  C  C   . LEU A 1 32  ? -8.111  4.476   8.293   1.00 29.39 ? 31  LEU A C   1 
ATOM   146  O  O   . LEU A 1 32  ? -8.316  3.522   7.551   1.00 26.55 ? 31  LEU A O   1 
ATOM   147  C  CB  . LEU A 1 32  ? -7.107  4.007   10.572  1.00 30.23 ? 31  LEU A CB  1 
ATOM   148  C  CG  . LEU A 1 32  ? -7.601  2.570   10.698  1.00 32.68 ? 31  LEU A CG  1 
ATOM   149  C  CD1 . LEU A 1 32  ? -6.573  1.571   10.191  1.00 29.60 ? 31  LEU A CD1 1 
ATOM   150  C  CD2 . LEU A 1 32  ? -7.992  2.286   12.149  1.00 34.83 ? 31  LEU A CD2 1 
ATOM   151  N  N   . LYS A 1 33  ? -8.958  5.506   8.378   1.00 26.68 ? 32  LYS A N   1 
ATOM   152  C  CA  . LYS A 1 33  ? -10.179 5.530   7.591   1.00 25.67 ? 32  LYS A CA  1 
ATOM   153  C  C   . LYS A 1 33  ? -9.883  5.647   6.104   1.00 24.52 ? 32  LYS A C   1 
ATOM   154  O  O   . LYS A 1 33  ? -10.530 4.991   5.298   1.00 25.53 ? 32  LYS A O   1 
ATOM   155  C  CB  . LYS A 1 33  ? -11.127 6.655   8.058   1.00 26.59 ? 32  LYS A CB  1 
ATOM   156  N  N   . GLY A 1 34  ? -8.895  6.457   5.775   1.00 22.24 ? 33  GLY A N   1 
ATOM   157  C  CA  . GLY A 1 34  ? -8.395  6.612   4.411   1.00 23.34 ? 33  GLY A CA  1 
ATOM   158  C  C   . GLY A 1 34  ? -7.891  5.288   3.880   1.00 22.48 ? 33  GLY A C   1 
ATOM   159  O  O   . GLY A 1 34  ? -8.218  4.881   2.763   1.00 20.55 ? 33  GLY A O   1 
ATOM   160  N  N   . LEU A 1 35  ? -7.144  4.569   4.713   1.00 20.62 ? 34  LEU A N   1 
ATOM   161  C  CA  . LEU A 1 35  ? -6.632  3.255   4.300   1.00 18.88 ? 34  LEU A CA  1 
ATOM   162  C  C   . LEU A 1 35  ? -7.729  2.283   4.094   1.00 22.61 ? 34  LEU A C   1 
ATOM   163  O  O   . LEU A 1 35  ? -7.698  1.512   3.114   1.00 22.30 ? 34  LEU A O   1 
ATOM   164  C  CB  . LEU A 1 35  ? -5.632  2.718   5.325   1.00 17.81 ? 34  LEU A CB  1 
ATOM   165  C  CG  . LEU A 1 35  ? -4.345  3.489   5.461   1.00 20.87 ? 34  LEU A CG  1 
ATOM   166  C  CD1 . LEU A 1 35  ? -3.612  3.096   6.726   1.00 28.45 ? 34  LEU A CD1 1 
ATOM   167  C  CD2 . LEU A 1 35  ? -3.495  3.293   4.184   1.00 22.46 ? 34  LEU A CD2 1 
ATOM   168  N  N   . GLU A 1 36  ? -8.710  2.288   5.007   1.00 22.60 ? 35  GLU A N   1 
ATOM   169  C  CA  . GLU A 1 36  ? -9.852  1.361   4.893   1.00 26.34 ? 35  GLU A CA  1 
ATOM   170  C  C   . GLU A 1 36  ? -10.635 1.591   3.604   1.00 26.19 ? 35  GLU A C   1 
ATOM   171  O  O   . GLU A 1 36  ? -11.168 0.653   3.012   1.00 26.03 ? 35  GLU A O   1 
ATOM   172  C  CB  . GLU A 1 36  ? -10.789 1.457   6.130   1.00 24.69 ? 35  GLU A CB  1 
ATOM   173  C  CG  . GLU A 1 36  ? -10.177 0.867   7.398   1.00 33.52 ? 35  GLU A CG  1 
ATOM   174  C  CD  . GLU A 1 36  ? -10.933 1.141   8.738   1.00 36.04 ? 35  GLU A CD  1 
ATOM   175  O  OE1 . GLU A 1 36  ? -11.709 2.124   8.874   1.00 43.73 ? 35  GLU A OE1 1 
ATOM   176  O  OE2 . GLU A 1 36  ? -10.691 0.342   9.681   1.00 49.12 ? 35  GLU A OE2 1 
ATOM   177  N  N   . THR A 1 37  ? -10.753 2.841   3.191   1.00 22.12 ? 36  THR A N   1 
ATOM   178  C  CA  . THR A 1 37  ? -11.433 3.204   1.930   1.00 23.45 ? 36  THR A CA  1 
ATOM   179  C  C   . THR A 1 37  ? -10.677 2.770   0.670   1.00 23.29 ? 36  THR A C   1 
ATOM   180  O  O   . THR A 1 37  ? -11.292 2.338   -0.310  1.00 23.44 ? 36  THR A O   1 
ATOM   181  C  CB  . THR A 1 37  ? -11.649 4.718   1.863   1.00 24.72 ? 36  THR A CB  1 
ATOM   182  O  OG1 . THR A 1 37  ? -12.462 5.073   2.974   1.00 25.77 ? 36  THR A OG1 1 
ATOM   183  C  CG2 . THR A 1 37  ? -12.315 5.155   0.548   1.00 29.14 ? 36  THR A CG2 1 
ATOM   184  N  N   . LEU A 1 38  ? -9.355  2.868   0.705   1.00 19.28 ? 37  LEU A N   1 
ATOM   185  C  CA  . LEU A 1 38  ? -8.547  2.550   -0.440  1.00 18.35 ? 37  LEU A CA  1 
ATOM   186  C  C   . LEU A 1 38  ? -8.316  1.071   -0.674  1.00 18.82 ? 37  LEU A C   1 
ATOM   187  O  O   . LEU A 1 38  ? -8.055  0.683   -1.804  1.00 17.16 ? 37  LEU A O   1 
ATOM   188  C  CB  . LEU A 1 38  ? -7.204  3.263   -0.363  1.00 19.55 ? 37  LEU A CB  1 
ATOM   189  C  CG  . LEU A 1 38  ? -7.255  4.792   -0.617  1.00 14.80 ? 37  LEU A CG  1 
ATOM   190  C  CD1 . LEU A 1 38  ? -5.958  5.476   -0.049  1.00 17.63 ? 37  LEU A CD1 1 
ATOM   191  C  CD2 . LEU A 1 38  ? -7.409  5.149   -2.112  1.00 18.31 ? 37  LEU A CD2 1 
ATOM   192  N  N   . LEU A 1 39  ? -8.434  0.260   0.369   1.00 17.50 ? 38  LEU A N   1 
ATOM   193  C  CA  . LEU A 1 39  ? -8.071  -1.158  0.290   1.00 17.88 ? 38  LEU A CA  1 
ATOM   194  C  C   . LEU A 1 39  ? -9.356  -1.975  0.092   1.00 18.77 ? 38  LEU A C   1 
ATOM   195  O  O   . LEU A 1 39  ? -10.309 -1.841  0.858   1.00 19.65 ? 38  LEU A O   1 
ATOM   196  C  CB  . LEU A 1 39  ? -7.337  -1.594  1.545   1.00 19.76 ? 38  LEU A CB  1 
ATOM   197  C  CG  . LEU A 1 39  ? -5.818  -1.429  1.612   1.00 24.80 ? 38  LEU A CG  1 
ATOM   198  C  CD1 . LEU A 1 39  ? -5.331  -0.163  0.931   1.00 22.62 ? 38  LEU A CD1 1 
ATOM   199  C  CD2 . LEU A 1 39  ? -5.324  -1.638  3.065   1.00 24.90 ? 38  LEU A CD2 1 
ATOM   200  N  N   . ALA A 1 40  ? -9.372  -2.821  -0.924  1.00 16.32 ? 39  ALA A N   1 
ATOM   201  C  CA  . ALA A 1 40  ? -10.507 -3.732  -1.096  1.00 15.74 ? 39  ALA A CA  1 
ATOM   202  C  C   . ALA A 1 40  ? -10.556 -4.764  0.012   1.00 17.84 ? 39  ALA A C   1 
ATOM   203  O  O   . ALA A 1 40  ? -9.500  -5.182  0.526   1.00 15.43 ? 39  ALA A O   1 
ATOM   204  C  CB  . ALA A 1 40  ? -10.473 -4.402  -2.501  1.00 19.02 ? 39  ALA A CB  1 
ATOM   205  N  N   . ASP A 1 41  ? -11.765 -5.267  0.338   1.00 17.51 ? 40  ASP A N   1 
ATOM   206  C  CA  . ASP A 1 41  ? -11.920 -6.191  1.467   1.00 18.59 ? 40  ASP A CA  1 
ATOM   207  C  C   . ASP A 1 41  ? -11.287 -7.554  1.191   1.00 16.33 ? 40  ASP A C   1 
ATOM   208  O  O   . ASP A 1 41  ? -10.996 -8.278  2.130   1.00 17.26 ? 40  ASP A O   1 
ATOM   209  C  CB  . ASP A 1 41  ? -13.371 -6.361  1.857   1.00 17.93 ? 40  ASP A CB  1 
ATOM   210  C  CG  . ASP A 1 41  ? -13.967 -5.094  2.472   1.00 21.64 ? 40  ASP A CG  1 
ATOM   211  O  OD1 . ASP A 1 41  ? -13.246 -4.329  3.081   1.00 29.66 ? 40  ASP A OD1 1 
ATOM   212  O  OD2 . ASP A 1 41  ? -15.153 -4.863  2.321   1.00 19.55 ? 40  ASP A OD2 1 
ATOM   213  N  N   . ASP A 1 42  ? -11.059 -7.850  -0.093  1.00 18.39 ? 41  ASP A N   1 
ATOM   214  C  CA  . ASP A 1 42  ? -10.423 -9.110  -0.522  1.00 19.21 ? 41  ASP A CA  1 
ATOM   215  C  C   . ASP A 1 42  ? -8.936  -8.946  -0.738  1.00 16.96 ? 41  ASP A C   1 
ATOM   216  O  O   . ASP A 1 42  ? -8.295  -9.793  -1.332  1.00 18.12 ? 41  ASP A O   1 
ATOM   217  C  CB  . ASP A 1 42  ? -11.124 -9.733  -1.769  1.00 20.43 ? 41  ASP A CB  1 
ATOM   218  C  CG  . ASP A 1 42  ? -11.168 -8.809  -2.988  1.00 22.04 ? 41  ASP A CG  1 
ATOM   219  O  OD1 . ASP A 1 42  ? -10.990 -7.589  -2.860  1.00 18.57 ? 41  ASP A OD1 1 
ATOM   220  O  OD2 . ASP A 1 42  ? -11.405 -9.319  -4.123  1.00 20.67 ? 41  ASP A OD2 1 
ATOM   221  N  N   . LEU A 1 43  ? -8.372  -7.848  -0.228  1.00 17.44 ? 42  LEU A N   1 
ATOM   222  C  CA  . LEU A 1 43  ? -6.934  -7.640  -0.312  1.00 13.08 ? 42  LEU A CA  1 
ATOM   223  C  C   . LEU A 1 43  ? -6.133  -8.887  0.084   1.00 15.04 ? 42  LEU A C   1 
ATOM   224  O  O   . LEU A 1 43  ? -6.412  -9.533  1.107   1.00 15.58 ? 42  LEU A O   1 
ATOM   225  C  CB  . LEU A 1 43  ? -6.540  -6.515  0.637   1.00 14.89 ? 42  LEU A CB  1 
ATOM   226  C  CG  . LEU A 1 43  ? -5.057  -6.145  0.610   1.00 15.78 ? 42  LEU A CG  1 
ATOM   227  C  CD1 . LEU A 1 43  ? -4.757  -5.391  -0.673  1.00 17.36 ? 42  LEU A CD1 1 
ATOM   228  C  CD2 . LEU A 1 43  ? -4.639  -5.350  1.867   1.00 15.09 ? 42  LEU A CD2 1 
ATOM   229  N  N   . ALA A 1 44  ? -5.165  -9.216  -0.774  1.00 14.71 ? 43  ALA A N   1 
ATOM   230  C  CA  . ALA A 1 44  ? -4.098  -10.156 -0.462  1.00 15.61 ? 43  ALA A CA  1 
ATOM   231  C  C   . ALA A 1 44  ? -2.801  -9.395  -0.569  1.00 17.79 ? 43  ALA A C   1 
ATOM   232  O  O   . ALA A 1 44  ? -2.436  -9.009  -1.679  1.00 15.77 ? 43  ALA A O   1 
ATOM   233  C  CB  . ALA A 1 44  ? -4.123  -11.275 -1.481  1.00 16.28 ? 43  ALA A CB  1 
ATOM   234  N  N   . PHE A 1 45  ? -2.120  -9.186  0.553   1.00 14.74 ? 44  PHE A N   1 
ATOM   235  C  CA  . PHE A 1 45  ? -0.891  -8.351  0.559   1.00 17.07 ? 44  PHE A CA  1 
ATOM   236  C  C   . PHE A 1 45  ? 0.266   -9.160  1.094   1.00 16.77 ? 44  PHE A C   1 
ATOM   237  O  O   . PHE A 1 45  ? 0.190   -9.687  2.171   1.00 21.14 ? 44  PHE A O   1 
ATOM   238  C  CB  . PHE A 1 45  ? -1.036  -7.048  1.346   1.00 19.81 ? 44  PHE A CB  1 
ATOM   239  C  CG  . PHE A 1 45  ? 0.006   -6.020  0.951   1.00 27.34 ? 44  PHE A CG  1 
ATOM   240  C  CD1 . PHE A 1 45  ? 1.280   -6.071  1.476   1.00 36.06 ? 44  PHE A CD1 1 
ATOM   241  C  CD2 . PHE A 1 45  ? -0.269  -5.065  0.007   1.00 29.51 ? 44  PHE A CD2 1 
ATOM   242  C  CE1 . PHE A 1 45  ? 2.236   -5.154  1.110   1.00 30.90 ? 44  PHE A CE1 1 
ATOM   243  C  CE2 . PHE A 1 45  ? 0.705   -4.142  -0.374  1.00 43.21 ? 44  PHE A CE2 1 
ATOM   244  C  CZ  . PHE A 1 45  ? 1.961   -4.210  0.169   1.00 31.21 ? 44  PHE A CZ  1 
ATOM   245  N  N   . VAL A 1 46  ? 1.297   -9.324  0.283   1.00 14.24 ? 45  VAL A N   1 
ATOM   246  C  CA  . VAL A 1 46  ? 2.511   -10.050 0.685   1.00 13.15 ? 45  VAL A CA  1 
ATOM   247  C  C   . VAL A 1 46  ? 3.467   -9.064  1.347   1.00 14.95 ? 45  VAL A C   1 
ATOM   248  O  O   . VAL A 1 46  ? 3.920   -8.096  0.743   1.00 14.78 ? 45  VAL A O   1 
ATOM   249  C  CB  . VAL A 1 46  ? 3.196   -10.704 -0.524  1.00 12.58 ? 45  VAL A CB  1 
ATOM   250  C  CG1 . VAL A 1 46  ? 4.423   -11.465 -0.083  1.00 10.54 ? 45  VAL A CG1 1 
ATOM   251  C  CG2 . VAL A 1 46  ? 2.199   -11.633 -1.251  1.00 14.37 ? 45  VAL A CG2 1 
ATOM   252  N  N   . ASP A 1 47  ? 3.832   -9.354  2.561   1.00 15.34 ? 46  ASP A N   1 
ATOM   253  C  CA  . ASP A 1 47  ? 4.742   -8.466  3.324   1.00 18.52 ? 46  ASP A CA  1 
ATOM   254  C  C   . ASP A 1 47  ? 6.207   -8.810  3.079   1.00 17.61 ? 46  ASP A C   1 
ATOM   255  O  O   . ASP A 1 47  ? 6.542   -9.690  2.288   1.00 15.12 ? 46  ASP A O   1 
ATOM   256  C  CB  . ASP A 1 47  ? 4.370   -8.449  4.810   1.00 16.69 ? 46  ASP A CB  1 
ATOM   257  C  CG  . ASP A 1 47  ? 4.824   -9.688  5.576   1.00 21.62 ? 46  ASP A CG  1 
ATOM   258  O  OD1 . ASP A 1 47  ? 5.608   -10.509 5.047   1.00 20.21 ? 46  ASP A OD1 1 
ATOM   259  O  OD2 . ASP A 1 47  ? 4.388   -9.793  6.739   1.00 24.13 ? 46  ASP A OD2 1 
ATOM   260  N  N   . HIS A 1 48  ? 7.086   -8.108  3.788   1.00 17.87 ? 47  HIS A N   1 
ATOM   261  C  CA  . HIS A 1 48  ? 8.502   -8.197  3.451   1.00 17.75 ? 47  HIS A CA  1 
ATOM   262  C  C   . HIS A 1 48  ? 9.145   -9.521  3.899   1.00 17.80 ? 47  HIS A C   1 
ATOM   263  O  O   . HIS A 1 48  ? 10.283  -9.800  3.528   1.00 19.22 ? 47  HIS A O   1 
ATOM   264  C  CB  . HIS A 1 48  ? 9.271   -6.964  3.957   1.00 19.93 ? 47  HIS A CB  1 
ATOM   265  C  CG  . HIS A 1 48  ? 9.319   -6.824  5.442   1.00 22.02 ? 47  HIS A CG  1 
ATOM   266  N  ND1 . HIS A 1 48  ? 9.979   -5.777  6.052   1.00 22.58 ? 47  HIS A ND1 1 
ATOM   267  C  CD2 . HIS A 1 48  ? 8.820   -7.586  6.443   1.00 32.43 ? 47  HIS A CD2 1 
ATOM   268  C  CE1 . HIS A 1 48  ? 9.879   -5.902  7.364   1.00 30.62 ? 47  HIS A CE1 1 
ATOM   269  N  NE2 . HIS A 1 48  ? 9.178   -6.988  7.630   1.00 28.30 ? 47  HIS A NE2 1 
ATOM   270  N  N   . THR A 1 49  ? 8.423   -10.347 4.657   1.00 17.15 ? 48  THR A N   1 
ATOM   271  C  CA  . THR A 1 49  ? 8.895   -11.703 4.953   1.00 18.47 ? 48  THR A CA  1 
ATOM   272  C  C   . THR A 1 49  ? 8.234   -12.801 4.090   1.00 17.25 ? 48  THR A C   1 
ATOM   273  O  O   . THR A 1 49  ? 8.423   -13.995 4.330   1.00 17.72 ? 48  THR A O   1 
ATOM   274  C  CB  . THR A 1 49  ? 8.683   -12.048 6.414   1.00 21.94 ? 48  THR A CB  1 
ATOM   275  O  OG1 . THR A 1 49  ? 7.286   -12.054 6.684   1.00 23.42 ? 48  THR A OG1 1 
ATOM   276  C  CG2 . THR A 1 49  ? 9.402   -11.023 7.303   1.00 23.00 ? 48  THR A CG2 1 
ATOM   277  N  N   . GLY A 1 50  ? 7.420   -12.380 3.114   1.00 15.43 ? 49  GLY A N   1 
ATOM   278  C  CA  . GLY A 1 50  ? 6.675   -13.274 2.259   1.00 17.35 ? 49  GLY A CA  1 
ATOM   279  C  C   . GLY A 1 50  ? 5.399   -13.851 2.835   1.00 16.58 ? 49  GLY A C   1 
ATOM   280  O  O   . GLY A 1 50  ? 4.865   -14.809 2.268   1.00 18.74 ? 49  GLY A O   1 
ATOM   281  N  N   A CYS A 1 51  ? 4.935   -13.289 3.942   0.50 18.76 ? 50  CYS A N   1 
ATOM   282  N  N   B CYS A 1 51  ? 4.929   -13.291 3.941   0.50 18.48 ? 50  CYS A N   1 
ATOM   283  C  CA  A CYS A 1 51  ? 3.686   -13.664 4.583   0.50 18.10 ? 50  CYS A CA  1 
ATOM   284  C  CA  B CYS A 1 51  ? 3.671   -13.665 4.575   0.50 19.91 ? 50  CYS A CA  1 
ATOM   285  C  C   A CYS A 1 51  ? 2.502   -12.969 3.884   0.50 18.73 ? 50  CYS A C   1 
ATOM   286  C  C   B CYS A 1 51  ? 2.496   -12.965 3.885   0.50 19.47 ? 50  CYS A C   1 
ATOM   287  O  O   A CYS A 1 51  ? 2.578   -11.778 3.580   0.50 18.67 ? 50  CYS A O   1 
ATOM   288  O  O   B CYS A 1 51  ? 2.568   -11.772 3.591   0.50 19.43 ? 50  CYS A O   1 
ATOM   289  C  CB  A CYS A 1 51  ? 3.698   -13.263 6.051   0.50 19.83 ? 50  CYS A CB  1 
ATOM   290  C  CB  B CYS A 1 51  ? 3.680   -13.285 6.046   0.50 21.85 ? 50  CYS A CB  1 
ATOM   291  S  SG  A CYS A 1 51  ? 2.295   -13.919 6.950   0.50 23.53 ? 50  CYS A SG  1 
ATOM   292  S  SG  B CYS A 1 51  ? 4.863   -14.236 6.982   0.50 35.82 ? 50  CYS A SG  1 
ATOM   293  N  N   . VAL A 1 52  ? 1.428   -13.714 3.623   1.00 17.84 ? 51  VAL A N   1 
ATOM   294  C  CA  . VAL A 1 52  ? 0.256   -13.155 2.936   1.00 16.81 ? 51  VAL A CA  1 
ATOM   295  C  C   . VAL A 1 52  ? -0.713  -12.657 3.976   1.00 18.52 ? 51  VAL A C   1 
ATOM   296  O  O   . VAL A 1 52  ? -1.154  -13.438 4.853   1.00 21.97 ? 51  VAL A O   1 
ATOM   297  C  CB  . VAL A 1 52  ? -0.447  -14.164 2.005   1.00 20.21 ? 51  VAL A CB  1 
ATOM   298  C  CG1 . VAL A 1 52  ? -1.577  -13.485 1.173   1.00 19.47 ? 51  VAL A CG1 1 
ATOM   299  C  CG2 . VAL A 1 52  ? 0.519   -14.796 1.070   1.00 18.92 ? 51  VAL A CG2 1 
ATOM   300  N  N   . LYS A 1 53  ? -1.047  -11.377 3.886   1.00 20.58 ? 52  LYS A N   1 
ATOM   301  C  CA  . LYS A 1 53  ? -1.888  -10.716 4.855   1.00 20.95 ? 52  LYS A CA  1 
ATOM   302  C  C   . LYS A 1 53  ? -3.243  -10.353 4.204   1.00 21.36 ? 52  LYS A C   1 
ATOM   303  O  O   . LYS A 1 53  ? -3.346  -10.135 3.002   1.00 20.35 ? 52  LYS A O   1 
ATOM   304  C  CB  . LYS A 1 53  ? -1.214  -9.458  5.361   1.00 23.26 ? 52  LYS A CB  1 
ATOM   305  C  CG  . LYS A 1 53  ? 0.152   -9.647  5.985   1.00 33.11 ? 52  LYS A CG  1 
ATOM   306  C  CD  . LYS A 1 53  ? 0.026   -10.205 7.344   1.00 36.59 ? 52  LYS A CD  1 
ATOM   307  C  CE  . LYS A 1 53  ? 1.370   -10.315 8.000   1.00 45.34 ? 52  LYS A CE  1 
ATOM   308  N  NZ  . LYS A 1 53  ? 1.316   -11.368 9.064   1.00 42.72 ? 52  LYS A NZ  1 
ATOM   309  N  N   . THR A 1 54  ? -4.276  -10.325 5.026   1.00 20.40 ? 53  THR A N   1 
ATOM   310  C  CA  . THR A 1 54  ? -5.613  -9.846  4.637   1.00 18.34 ? 53  THR A CA  1 
ATOM   311  C  C   . THR A 1 54  ? -5.665  -8.329  4.855   1.00 18.73 ? 53  THR A C   1 
ATOM   312  O  O   . THR A 1 54  ? -4.760  -7.761  5.462   1.00 19.08 ? 53  THR A O   1 
ATOM   313  C  CB  . THR A 1 54  ? -6.663  -10.526 5.520   1.00 21.62 ? 53  THR A CB  1 
ATOM   314  O  OG1 . THR A 1 54  ? -6.460  -10.144 6.890   1.00 21.32 ? 53  THR A OG1 1 
ATOM   315  C  CG2 . THR A 1 54  ? -6.599  -12.062 5.356   1.00 23.71 ? 53  THR A CG2 1 
ATOM   316  N  N   . LYS A 1 55  ? -6.743  -7.685  4.427   1.00 16.77 ? 54  LYS A N   1 
ATOM   317  C  CA  . LYS A 1 55  ? -6.962  -6.298  4.769   1.00 17.54 ? 54  LYS A CA  1 
ATOM   318  C  C   . LYS A 1 55  ? -6.901  -6.036  6.300   1.00 19.78 ? 54  LYS A C   1 
ATOM   319  O  O   . LYS A 1 55  ? -6.274  -5.082  6.734   1.00 24.08 ? 54  LYS A O   1 
ATOM   320  C  CB  . LYS A 1 55  ? -8.276  -5.822  4.198   1.00 21.35 ? 54  LYS A CB  1 
ATOM   321  C  CG  . LYS A 1 55  ? -8.554  -4.369  4.468   1.00 19.84 ? 54  LYS A CG  1 
ATOM   322  C  CD  . LYS A 1 55  ? -9.883  -3.982  3.900   1.00 19.68 ? 54  LYS A CD  1 
ATOM   323  C  CE  . LYS A 1 55  ? -10.221 -2.514  4.153   1.00 16.44 ? 54  LYS A CE  1 
ATOM   324  N  NZ  . LYS A 1 55  ? -11.499 -2.057  3.451   1.00 17.28 ? 54  LYS A NZ  1 
ATOM   325  N  N   . GLN A 1 56  ? -7.545  -6.874  7.111   1.00 19.53 ? 55  GLN A N   1 
ATOM   326  C  CA  . GLN A 1 56  ? -7.590  -6.591  8.537   1.00 22.10 ? 55  GLN A CA  1 
ATOM   327  C  C   . GLN A 1 56  ? -6.220  -6.806  9.187   1.00 21.05 ? 55  GLN A C   1 
ATOM   328  O  O   . GLN A 1 56  ? -5.787  -5.967  9.960   1.00 22.34 ? 55  GLN A O   1 
ATOM   329  C  CB  . GLN A 1 56  ? -8.764  -7.350  9.191   1.00 24.54 ? 55  GLN A CB  1 
ATOM   330  C  CG  . GLN A 1 56  ? -10.175 -6.705  8.772   1.00 35.24 ? 55  GLN A CG  1 
ATOM   331  C  CD  . GLN A 1 56  ? -10.258 -5.172  8.939   1.00 36.88 ? 55  GLN A CD  1 
ATOM   332  O  OE1 . GLN A 1 56  ? -9.968  -4.665  10.017  1.00 52.03 ? 55  GLN A OE1 1 
ATOM   333  N  NE2 . GLN A 1 56  ? -10.642 -4.438  7.871   1.00 34.66 ? 55  GLN A NE2 1 
ATOM   334  N  N   . THR A 1 57  ? -5.469  -7.841  8.777   1.00 22.62 ? 56  THR A N   1 
ATOM   335  C  CA  . THR A 1 57  ? -4.128  -8.059  9.352   1.00 22.00 ? 56  THR A CA  1 
ATOM   336  C  C   . THR A 1 57  ? -3.139  -7.032  8.833   1.00 23.91 ? 56  THR A C   1 
ATOM   337  O  O   . THR A 1 57  ? -2.305  -6.555  9.583   1.00 26.08 ? 56  THR A O   1 
ATOM   338  C  CB  . THR A 1 57  ? -3.619  -9.495  9.204   1.00 26.46 ? 56  THR A CB  1 
ATOM   339  O  OG1 . THR A 1 57  ? -3.456  -9.828  7.816   1.00 31.85 ? 56  THR A OG1 1 
ATOM   340  C  CG2 . THR A 1 57  ? -4.572  -10.462 9.847   1.00 28.58 ? 56  THR A CG2 1 
ATOM   341  N  N   . HIS A 1 58  ? -3.282  -6.626  7.576   1.00 23.45 ? 57  HIS A N   1 
ATOM   342  C  CA  . HIS A 1 58  ? -2.473  -5.547  7.004   1.00 24.06 ? 57  HIS A CA  1 
ATOM   343  C  C   . HIS A 1 58  ? -2.620  -4.207  7.725   1.00 25.30 ? 57  HIS A C   1 
ATOM   344  O  O   . HIS A 1 58  ? -1.638  -3.509  7.910   1.00 26.22 ? 57  HIS A O   1 
ATOM   345  C  CB  . HIS A 1 58  ? -2.844  -5.342  5.550   1.00 25.15 ? 57  HIS A CB  1 
ATOM   346  C  CG  . HIS A 1 58  ? -1.922  -4.444  4.808   1.00 23.32 ? 57  HIS A CG  1 
ATOM   347  N  ND1 . HIS A 1 58  ? -0.619  -4.799  4.539   1.00 28.13 ? 57  HIS A ND1 1 
ATOM   348  C  CD2 . HIS A 1 58  ? -2.107  -3.222  4.263   1.00 31.64 ? 57  HIS A CD2 1 
ATOM   349  C  CE1 . HIS A 1 58  ? -0.049  -3.837  3.832   1.00 31.77 ? 57  HIS A CE1 1 
ATOM   350  N  NE2 . HIS A 1 58  ? -0.925  -2.864  3.663   1.00 32.61 ? 57  HIS A NE2 1 
ATOM   351  N  N   . LEU A 1 59  ? -3.860  -3.832  8.044   1.00 22.78 ? 58  LEU A N   1 
ATOM   352  C  CA  A LEU A 1 59  ? -4.118  -2.556  8.710   0.50 24.59 ? 58  LEU A CA  1 
ATOM   353  C  CA  B LEU A 1 59  ? -4.223  -2.564  8.714   0.50 24.55 ? 58  LEU A CA  1 
ATOM   354  C  C   . LEU A 1 59  ? -3.955  -2.597  10.232  1.00 22.62 ? 58  LEU A C   1 
ATOM   355  O  O   . LEU A 1 59  ? -3.914  -1.557  10.873  1.00 23.02 ? 58  LEU A O   1 
ATOM   356  C  CB  A LEU A 1 59  ? -5.505  -2.042  8.348   0.50 22.62 ? 58  LEU A CB  1 
ATOM   357  C  CB  B LEU A 1 59  ? -5.726  -2.236  8.515   0.50 23.95 ? 58  LEU A CB  1 
ATOM   358  C  CG  A LEU A 1 59  ? -5.665  -1.774  6.851   0.50 24.81 ? 58  LEU A CG  1 
ATOM   359  C  CG  B LEU A 1 59  ? -6.358  -1.741  7.191   0.50 23.12 ? 58  LEU A CG  1 
ATOM   360  C  CD1 A LEU A 1 59  ? -7.017  -1.126  6.581   0.50 20.73 ? 58  LEU A CD1 1 
ATOM   361  C  CD1 B LEU A 1 59  ? -7.834  -1.996  7.172   0.50 22.43 ? 58  LEU A CD1 1 
ATOM   362  C  CD2 A LEU A 1 59  ? -4.521  -0.897  6.387   0.50 16.05 ? 58  LEU A CD2 1 
ATOM   363  C  CD2 B LEU A 1 59  ? -6.119  -0.238  6.942   0.50 21.15 ? 58  LEU A CD2 1 
ATOM   364  N  N   . GLU A 1 60  ? -3.835  -3.780  10.814  1.00 25.55 ? 59  GLU A N   1 
ATOM   365  C  CA  . GLU A 1 60  ? -3.707  -3.878  12.274  1.00 28.05 ? 59  GLU A CA  1 
ATOM   366  C  C   . GLU A 1 60  ? -2.592  -3.015  12.888  1.00 24.36 ? 59  GLU A C   1 
ATOM   367  O  O   . GLU A 1 60  ? -2.821  -2.324  13.878  1.00 23.18 ? 59  GLU A O   1 
ATOM   368  C  CB  . GLU A 1 60  ? -3.588  -5.349  12.703  1.00 29.47 ? 59  GLU A CB  1 
ATOM   369  C  CG  . GLU A 1 60  ? -3.582  -5.571  14.230  1.00 32.48 ? 59  GLU A CG  1 
ATOM   370  C  CD  . GLU A 1 60  ? -4.764  -4.921  14.977  1.00 39.97 ? 59  GLU A CD  1 
ATOM   371  O  OE1 . GLU A 1 60  ? -5.862  -4.750  14.386  1.00 39.00 ? 59  GLU A OE1 1 
ATOM   372  O  OE2 . GLU A 1 60  ? -4.594  -4.597  16.177  1.00 48.56 ? 59  GLU A OE2 1 
ATOM   373  N  N   . PRO A 1 61  ? -1.387  -3.008  12.301  1.00 26.47 ? 60  PRO A N   1 
ATOM   374  C  CA  . PRO A 1 61  ? -0.329  -2.180  12.920  1.00 26.12 ? 60  PRO A CA  1 
ATOM   375  C  C   . PRO A 1 61  ? -0.638  -0.695  12.955  1.00 25.20 ? 60  PRO A C   1 
ATOM   376  O  O   . PRO A 1 61  ? -0.247  0.006   13.898  1.00 25.04 ? 60  PRO A O   1 
ATOM   377  C  CB  . PRO A 1 61  ? 0.903   -2.452  12.045  1.00 26.86 ? 60  PRO A CB  1 
ATOM   378  C  CG  . PRO A 1 61  ? 0.599   -3.702  11.296  1.00 26.13 ? 60  PRO A CG  1 
ATOM   379  C  CD  . PRO A 1 61  ? -0.895  -3.750  11.129  1.00 24.79 ? 60  PRO A CD  1 
ATOM   380  N  N   . TYR A 1 62  ? -1.337  -0.206  11.942  1.00 22.41 ? 61  TYR A N   1 
ATOM   381  C  CA  . TYR A 1 62  ? -1.806  1.149   11.932  1.00 21.05 ? 61  TYR A CA  1 
ATOM   382  C  C   . TYR A 1 62  ? -2.863  1.367   13.003  1.00 23.86 ? 61  TYR A C   1 
ATOM   383  O  O   . TYR A 1 62  ? -2.804  2.361   13.733  1.00 28.62 ? 61  TYR A O   1 
ATOM   384  C  CB  . TYR A 1 62  ? -2.392  1.506   10.575  1.00 20.86 ? 61  TYR A CB  1 
ATOM   385  C  CG  . TYR A 1 62  ? -1.411  1.564   9.464   1.00 19.45 ? 61  TYR A CG  1 
ATOM   386  C  CD1 . TYR A 1 62  ? -0.624  2.712   9.235   1.00 25.65 ? 61  TYR A CD1 1 
ATOM   387  C  CD2 . TYR A 1 62  ? -1.320  0.500   8.591   1.00 20.37 ? 61  TYR A CD2 1 
ATOM   388  C  CE1 . TYR A 1 62  ? 0.294   2.735   8.181   1.00 22.16 ? 61  TYR A CE1 1 
ATOM   389  C  CE2 . TYR A 1 62  ? -0.417  0.528   7.523   1.00 24.64 ? 61  TYR A CE2 1 
ATOM   390  C  CZ  . TYR A 1 62  ? 0.351   1.620   7.313   1.00 23.43 ? 61  TYR A CZ  1 
ATOM   391  O  OH  . TYR A 1 62  ? 1.231   1.544   6.251   1.00 23.98 ? 61  TYR A OH  1 
ATOM   392  N  N   . ARG A 1 63  ? -3.827  0.450   13.093  1.00 23.03 ? 62  ARG A N   1 
ATOM   393  C  CA  . ARG A 1 63  ? -4.947  0.549   14.011  1.00 24.99 ? 62  ARG A CA  1 
ATOM   394  C  C   . ARG A 1 63  ? -4.532  0.480   15.491  1.00 28.11 ? 62  ARG A C   1 
ATOM   395  O  O   . ARG A 1 63  ? -5.111  1.168   16.345  1.00 28.26 ? 62  ARG A O   1 
ATOM   396  C  CB  . ARG A 1 63  ? -5.889  -0.578  13.716  1.00 25.17 ? 62  ARG A CB  1 
ATOM   397  C  CG  . ARG A 1 63  ? -7.147  -0.598  14.519  1.00 34.01 ? 62  ARG A CG  1 
ATOM   398  C  CD  . ARG A 1 63  ? -7.996  -1.791  14.127  1.00 34.63 ? 62  ARG A CD  1 
ATOM   399  N  NE  . ARG A 1 63  ? -8.475  -1.667  12.753  1.00 48.11 ? 62  ARG A NE  1 
ATOM   400  C  CZ  . ARG A 1 63  ? -8.381  -2.601  11.804  1.00 47.65 ? 62  ARG A CZ  1 
ATOM   401  N  NH1 . ARG A 1 63  ? -7.802  -3.804  12.028  1.00 44.30 ? 62  ARG A NH1 1 
ATOM   402  N  NH2 . ARG A 1 63  ? -8.876  -2.318  10.601  1.00 47.13 ? 62  ARG A NH2 1 
ATOM   403  N  N   . ALA A 1 64  ? -3.545  -0.360  15.782  1.00 26.06 ? 63  ALA A N   1 
ATOM   404  C  CA  . ALA A 1 64  ? -2.932  -0.445  17.112  1.00 27.81 ? 63  ALA A CA  1 
ATOM   405  C  C   . ALA A 1 64  ? -1.935  0.674   17.438  1.00 25.79 ? 63  ALA A C   1 
ATOM   406  O  O   . ALA A 1 64  ? -1.496  0.797   18.571  1.00 30.51 ? 63  ALA A O   1 
ATOM   407  C  CB  . ALA A 1 64  ? -2.244  -1.781  17.246  1.00 26.52 ? 63  ALA A CB  1 
ATOM   408  N  N   . GLY A 1 65  ? -1.520  1.459   16.470  1.00 27.59 ? 64  GLY A N   1 
ATOM   409  C  CA  . GLY A 1 65  ? -0.463  2.450   16.709  1.00 28.71 ? 64  GLY A CA  1 
ATOM   410  C  C   . GLY A 1 65  ? 0.937   1.845   16.789  1.00 30.45 ? 64  GLY A C   1 
ATOM   411  O  O   . GLY A 1 65  ? 1.902   2.505   17.208  1.00 28.54 ? 64  GLY A O   1 
ATOM   412  N  N   . LEU A 1 66  ? 1.060   0.599   16.326  1.00 27.17 ? 65  LEU A N   1 
ATOM   413  C  CA  . LEU A 1 66  ? 2.341   -0.103  16.303  1.00 23.47 ? 65  LEU A CA  1 
ATOM   414  C  C   . LEU A 1 66  ? 3.252   0.268   15.143  1.00 24.85 ? 65  LEU A C   1 
ATOM   415  O  O   . LEU A 1 66  ? 4.449   -0.013  15.188  1.00 28.12 ? 65  LEU A O   1 
ATOM   416  C  CB  . LEU A 1 66  ? 2.097   -1.578  16.268  1.00 26.22 ? 65  LEU A CB  1 
ATOM   417  C  CG  . LEU A 1 66  ? 1.832   -2.143  17.641  1.00 33.47 ? 65  LEU A CG  1 
ATOM   418  C  CD1 . LEU A 1 66  ? 1.396   -3.594  17.469  1.00 43.27 ? 65  LEU A CD1 1 
ATOM   419  C  CD2 . LEU A 1 66  ? 3.082   -1.980  18.533  1.00 37.35 ? 65  LEU A CD2 1 
ATOM   420  N  N   . LEU A 1 67  ? 2.702   0.897   14.110  1.00 22.87 ? 66  LEU A N   1 
ATOM   421  C  CA  . LEU A 1 67  ? 3.476   1.381   12.987  1.00 21.90 ? 66  LEU A CA  1 
ATOM   422  C  C   . LEU A 1 67  ? 3.172   2.846   12.763  1.00 23.76 ? 66  LEU A C   1 
ATOM   423  O  O   . LEU A 1 67  ? 2.000   3.229   12.628  1.00 23.91 ? 66  LEU A O   1 
ATOM   424  C  CB  . LEU A 1 67  ? 3.092   0.606   11.699  1.00 21.95 ? 66  LEU A CB  1 
ATOM   425  C  CG  . LEU A 1 67  ? 3.722   1.063   10.373  1.00 24.34 ? 66  LEU A CG  1 
ATOM   426  C  CD1 . LEU A 1 67  ? 5.223   0.915   10.435  1.00 23.23 ? 66  LEU A CD1 1 
ATOM   427  C  CD2 . LEU A 1 67  ? 3.157   0.262   9.138   1.00 21.92 ? 66  LEU A CD2 1 
ATOM   428  N  N   . LYS A 1 68  ? 4.212   3.662   12.778  1.00 22.96 ? 67  LYS A N   1 
ATOM   429  C  CA  . LYS A 1 68  ? 4.112   5.077   12.445  1.00 22.64 ? 67  LYS A CA  1 
ATOM   430  C  C   . LYS A 1 68  ? 5.211   5.406   11.510  1.00 24.19 ? 67  LYS A C   1 
ATOM   431  O  O   . LYS A 1 68  ? 6.423   5.230   11.813  1.00 25.15 ? 67  LYS A O   1 
ATOM   432  C  CB  . LYS A 1 68  ? 4.206   5.991   13.677  1.00 25.64 ? 67  LYS A CB  1 
ATOM   433  C  CG  . LYS A 1 68  ? 3.871   7.484   13.367  1.00 30.16 ? 67  LYS A CG  1 
ATOM   434  C  CD  . LYS A 1 68  ? 2.351   7.665   13.034  1.00 41.11 ? 67  LYS A CD  1 
ATOM   435  C  CE  . LYS A 1 68  ? 2.017   8.983   12.307  1.00 39.87 ? 67  LYS A CE  1 
ATOM   436  N  NZ  . LYS A 1 68  ? 2.699   9.157   10.996  1.00 34.54 ? 67  LYS A NZ  1 
ATOM   437  N  N   . LEU A 1 69  ? 4.819   5.869   10.343  1.00 20.95 ? 68  LEU A N   1 
ATOM   438  C  CA  . LEU A 1 69  ? 5.802   6.227   9.343   1.00 20.39 ? 68  LEU A CA  1 
ATOM   439  C  C   . LEU A 1 69  ? 6.197   7.697   9.439   1.00 24.38 ? 68  LEU A C   1 
ATOM   440  O  O   . LEU A 1 69  ? 5.328   8.556   9.612   1.00 28.36 ? 68  LEU A O   1 
ATOM   441  C  CB  . LEU A 1 69  ? 5.279   5.955   7.930   1.00 22.60 ? 68  LEU A CB  1 
ATOM   442  C  CG  . LEU A 1 69  ? 5.102   4.513   7.505   1.00 30.03 ? 68  LEU A CG  1 
ATOM   443  C  CD1 . LEU A 1 69  ? 4.581   4.550   6.077   1.00 26.64 ? 68  LEU A CD1 1 
ATOM   444  C  CD2 . LEU A 1 69  ? 6.452   3.752   7.590   1.00 23.12 ? 68  LEU A CD2 1 
ATOM   445  N  N   . SER A 1 70  ? 7.489   7.973   9.284   1.00 18.28 ? 69  SER A N   1 
ATOM   446  C  CA  . SER A 1 70  ? 8.022   9.342   9.181   1.00 22.19 ? 69  SER A CA  1 
ATOM   447  C  C   . SER A 1 70  ? 8.504   9.704   7.775   1.00 22.96 ? 69  SER A C   1 
ATOM   448  O  O   . SER A 1 70  ? 8.655   10.877  7.438   1.00 23.53 ? 69  SER A O   1 
ATOM   449  C  CB  . SER A 1 70  ? 9.124   9.561   10.224  1.00 27.22 ? 69  SER A CB  1 
ATOM   450  O  OG  . SER A 1 70  ? 10.320  8.876   9.888   1.00 29.30 ? 69  SER A OG  1 
ATOM   451  N  N   . ARG A 1 71  ? 8.736   8.712   6.933   1.00 19.60 ? 70  ARG A N   1 
ATOM   452  C  CA  . ARG A 1 71  ? 9.218   8.949   5.585   1.00 17.54 ? 70  ARG A CA  1 
ATOM   453  C  C   . ARG A 1 71  ? 8.645   7.861   4.700   1.00 21.47 ? 70  ARG A C   1 
ATOM   454  O  O   . ARG A 1 71  ? 8.603   6.693   5.093   1.00 17.90 ? 70  ARG A O   1 
ATOM   455  C  CB  . ARG A 1 71  ? 10.746  8.906   5.539   1.00 14.51 ? 70  ARG A CB  1 
ATOM   456  C  CG  . ARG A 1 71  ? 11.423  9.100   4.205   1.00 17.53 ? 70  ARG A CG  1 
ATOM   457  C  CD  . ARG A 1 71  ? 12.898  9.102   4.452   1.00 19.11 ? 70  ARG A CD  1 
ATOM   458  N  NE  . ARG A 1 71  ? 13.654  9.297   3.229   1.00 26.32 ? 70  ARG A NE  1 
ATOM   459  C  CZ  . ARG A 1 71  ? 14.976  9.223   3.172   1.00 38.04 ? 70  ARG A CZ  1 
ATOM   460  N  NH1 . ARG A 1 71  ? 15.687  8.920   4.265   1.00 32.28 ? 70  ARG A NH1 1 
ATOM   461  N  NH2 . ARG A 1 71  ? 15.588  9.423   2.013   1.00 32.99 ? 70  ARG A NH2 1 
ATOM   462  N  N   . LEU A 1 72  ? 8.261   8.264   3.485   1.00 19.27 ? 71  LEU A N   1 
ATOM   463  C  CA  . LEU A 1 72  ? 7.707   7.360   2.477   1.00 18.65 ? 71  LEU A CA  1 
ATOM   464  C  C   . LEU A 1 72  ? 7.860   8.036   1.152   1.00 20.79 ? 71  LEU A C   1 
ATOM   465  O  O   . LEU A 1 72  ? 6.939   8.666   0.628   1.00 23.35 ? 71  LEU A O   1 
ATOM   466  C  CB  . LEU A 1 72  ? 6.248   6.990   2.796   1.00 17.30 ? 71  LEU A CB  1 
ATOM   467  C  CG  . LEU A 1 72  ? 5.571   5.987   1.875   1.00 17.03 ? 71  LEU A CG  1 
ATOM   468  C  CD1 . LEU A 1 72  ? 6.337   4.681   1.765   1.00 20.30 ? 71  LEU A CD1 1 
ATOM   469  C  CD2 . LEU A 1 72  ? 4.161   5.699   2.336   1.00 20.32 ? 71  LEU A CD2 1 
ATOM   470  N  N   . ASP A 1 73  ? 9.048   7.892   0.597   1.00 17.82 ? 72  ASP A N   1 
ATOM   471  C  CA  . ASP A 1 73  ? 9.442   8.567   -0.628  1.00 19.32 ? 72  ASP A CA  1 
ATOM   472  C  C   . ASP A 1 73  ? 9.379   7.567   -1.758  1.00 18.72 ? 72  ASP A C   1 
ATOM   473  O  O   . ASP A 1 73  ? 10.113  6.599   -1.776  1.00 17.21 ? 72  ASP A O   1 
ATOM   474  C  CB  . ASP A 1 73  ? 10.862  9.134   -0.535  1.00 19.09 ? 72  ASP A CB  1 
ATOM   475  C  CG  . ASP A 1 73  ? 11.009  10.262  0.496   1.00 25.42 ? 72  ASP A CG  1 
ATOM   476  O  OD1 . ASP A 1 73  ? 10.023  10.980  0.809   1.00 27.11 ? 72  ASP A OD1 1 
ATOM   477  O  OD2 . ASP A 1 73  ? 12.162  10.436  0.948   1.00 26.91 ? 72  ASP A OD2 1 
ATOM   478  N  N   . LEU A 1 74  ? 8.484   7.810   -2.708  1.00 18.78 ? 73  LEU A N   1 
ATOM   479  C  CA  . LEU A 1 74  ? 8.300   6.929   -3.855  1.00 16.42 ? 73  LEU A CA  1 
ATOM   480  C  C   . LEU A 1 74  ? 9.026   7.454   -5.087  1.00 19.05 ? 73  LEU A C   1 
ATOM   481  O  O   . LEU A 1 74  ? 9.098   8.681   -5.299  1.00 23.50 ? 73  LEU A O   1 
ATOM   482  C  CB  . LEU A 1 74  ? 6.800   6.782   -4.124  1.00 16.75 ? 73  LEU A CB  1 
ATOM   483  C  CG  . LEU A 1 74  ? 5.929   6.362   -2.944  1.00 22.12 ? 73  LEU A CG  1 
ATOM   484  C  CD1 . LEU A 1 74  ? 4.466   6.087   -3.391  1.00 24.47 ? 73  LEU A CD1 1 
ATOM   485  C  CD2 . LEU A 1 74  ? 6.527   5.140   -2.278  1.00 21.17 ? 73  LEU A CD2 1 
ATOM   486  N  N   . SER A 1 75  ? 9.533   6.562   -5.940  1.00 19.29 ? 74  SER A N   1 
ATOM   487  C  CA  . SER A 1 75  ? 10.187  6.940   -7.170  1.00 20.44 ? 74  SER A CA  1 
ATOM   488  C  C   . SER A 1 75  ? 10.152  5.758   -8.140  1.00 20.65 ? 74  SER A C   1 
ATOM   489  O  O   . SER A 1 75  ? 9.806   4.625   -7.749  1.00 19.66 ? 74  SER A O   1 
ATOM   490  C  CB  . SER A 1 75  ? 11.649  7.349   -6.928  1.00 19.78 ? 74  SER A CB  1 
ATOM   491  O  OG  . SER A 1 75  ? 12.459  6.241   -6.471  1.00 20.77 ? 74  SER A OG  1 
ATOM   492  N  N   . ASP A 1 76  ? 10.513  6.054   -9.381  1.00 22.18 ? 75  ASP A N   1 
ATOM   493  C  CA  . ASP A 1 76  ? 10.713  5.096   -10.449 1.00 22.15 ? 75  ASP A CA  1 
ATOM   494  C  C   . ASP A 1 76  ? 9.434   4.276   -10.698 1.00 22.59 ? 75  ASP A C   1 
ATOM   495  O  O   . ASP A 1 76  ? 9.523   3.084   -11.010 1.00 24.53 ? 75  ASP A O   1 
ATOM   496  C  CB  . ASP A 1 76  ? 11.892  4.185   -10.160 1.00 21.42 ? 75  ASP A CB  1 
ATOM   497  C  CG  . ASP A 1 76  ? 13.237  4.933   -10.066 1.00 34.03 ? 75  ASP A CG  1 
ATOM   498  O  OD1 . ASP A 1 76  ? 13.361  6.052   -10.586 1.00 32.11 ? 75  ASP A OD1 1 
ATOM   499  O  OD2 . ASP A 1 76  ? 14.167  4.392   -9.454  1.00 34.40 ? 75  ASP A OD2 1 
ATOM   500  N  N   . ALA A 1 77  ? 8.272   4.884   -10.557 1.00 23.36 ? 76  ALA A N   1 
ATOM   501  C  CA  . ALA A 1 77  ? 7.024   4.137   -10.760 1.00 22.37 ? 76  ALA A CA  1 
ATOM   502  C  C   . ALA A 1 77  ? 6.883   3.601   -12.199 1.00 23.84 ? 76  ALA A C   1 
ATOM   503  O  O   . ALA A 1 77  ? 7.165   4.293   -13.179 1.00 25.64 ? 76  ALA A O   1 
ATOM   504  C  CB  . ALA A 1 77  ? 5.811   4.970   -10.353 1.00 22.55 ? 76  ALA A CB  1 
ATOM   505  N  N   . VAL A 1 78  ? 6.488   2.336   -12.298 1.00 19.06 ? 77  VAL A N   1 
ATOM   506  C  CA  . VAL A 1 78  ? 6.143   1.686   -13.547 1.00 19.55 ? 77  VAL A CA  1 
ATOM   507  C  C   . VAL A 1 78  ? 4.631   1.364   -13.452 1.00 15.15 ? 77  VAL A C   1 
ATOM   508  O  O   . VAL A 1 78  ? 4.176   0.856   -12.410 1.00 19.75 ? 77  VAL A O   1 
ATOM   509  C  CB  . VAL A 1 78  ? 6.985   0.364   -13.701 1.00 20.92 ? 77  VAL A CB  1 
ATOM   510  C  CG1 . VAL A 1 78  ? 6.474   -0.490  -14.851 1.00 21.87 ? 77  VAL A CG1 1 
ATOM   511  C  CG2 . VAL A 1 78  ? 8.480   0.685   -13.861 1.00 28.88 ? 77  VAL A CG2 1 
ATOM   512  N  N   . VAL A 1 79  ? 3.850   1.680   -14.497 1.00 15.16 ? 78  VAL A N   1 
ATOM   513  C  CA  . VAL A 1 79  ? 2.444   1.425   -14.502 1.00 15.71 ? 78  VAL A CA  1 
ATOM   514  C  C   . VAL A 1 79  ? 2.120   0.574   -15.711 1.00 15.29 ? 78  VAL A C   1 
ATOM   515  O  O   . VAL A 1 79  ? 2.664   0.807   -16.795 1.00 17.74 ? 78  VAL A O   1 
ATOM   516  C  CB  . VAL A 1 79  ? 1.588   2.729   -14.561 1.00 16.81 ? 78  VAL A CB  1 
ATOM   517  C  CG1 . VAL A 1 79  ? 0.073   2.403   -14.496 1.00 17.23 ? 78  VAL A CG1 1 
ATOM   518  C  CG2 . VAL A 1 79  ? 2.003   3.697   -13.412 1.00 22.03 ? 78  VAL A CG2 1 
ATOM   519  N  N   . ARG A 1 80  ? 1.310   -0.434  -15.479 1.00 17.68 ? 79  ARG A N   1 
ATOM   520  C  CA  . ARG A 1 80  ? 0.831   -1.329  -16.516 1.00 17.18 ? 79  ARG A CA  1 
ATOM   521  C  C   . ARG A 1 80  ? -0.659  -1.545  -16.338 1.00 16.24 ? 79  ARG A C   1 
ATOM   522  O  O   . ARG A 1 80  ? -1.170  -1.468  -15.271 1.00 18.67 ? 79  ARG A O   1 
ATOM   523  C  CB  . ARG A 1 80  ? 1.583   -2.677  -16.426 1.00 16.56 ? 79  ARG A CB  1 
ATOM   524  C  CG  . ARG A 1 80  ? 3.069   -2.582  -16.723 1.00 16.87 ? 79  ARG A CG  1 
ATOM   525  C  CD  . ARG A 1 80  ? 3.387   -2.213  -18.124 1.00 20.08 ? 79  ARG A CD  1 
ATOM   526  N  NE  . ARG A 1 80  ? 4.819   -2.223  -18.326 1.00 17.11 ? 79  ARG A NE  1 
ATOM   527  C  CZ  . ARG A 1 80  ? 5.620   -1.157  -18.209 1.00 22.34 ? 79  ARG A CZ  1 
ATOM   528  N  NH1 . ARG A 1 80  ? 5.145   0.043   -17.934 1.00 23.67 ? 79  ARG A NH1 1 
ATOM   529  N  NH2 . ARG A 1 80  ? 6.912   -1.273  -18.447 1.00 23.01 ? 79  ARG A NH2 1 
ATOM   530  N  N   . ALA A 1 81  ? -1.317  -1.871  -17.433 1.00 19.49 ? 80  ALA A N   1 
ATOM   531  C  CA  . ALA A 1 81  ? -2.718  -2.177  -17.461 1.00 20.54 ? 80  ALA A CA  1 
ATOM   532  C  C   . ALA A 1 81  ? -2.955  -3.674  -17.552 1.00 22.47 ? 80  ALA A C   1 
ATOM   533  O  O   . ALA A 1 81  ? -2.350  -4.368  -18.388 1.00 24.26 ? 80  ALA A O   1 
ATOM   534  C  CB  . ALA A 1 81  ? -3.373  -1.491  -18.671 1.00 23.26 ? 80  ALA A CB  1 
ATOM   535  N  N   . ALA A 1 82  ? -3.905  -4.135  -16.758 1.00 22.22 ? 81  ALA A N   1 
ATOM   536  C  CA  . ALA A 1 82  ? -4.353  -5.537  -16.754 1.00 26.56 ? 81  ALA A CA  1 
ATOM   537  C  C   . ALA A 1 82  ? -5.826  -5.419  -17.043 1.00 28.70 ? 81  ALA A C   1 
ATOM   538  O  O   . ALA A 1 82  ? -6.667  -5.553  -16.150 1.00 32.17 ? 81  ALA A O   1 
ATOM   539  C  CB  . ALA A 1 82  ? -4.078  -6.190  -15.425 1.00 24.96 ? 81  ALA A CB  1 
ATOM   540  N  N   . GLY A 1 83  ? -6.077  -5.068  -18.296 1.00 30.82 ? 82  GLY A N   1 
ATOM   541  C  CA  . GLY A 1 83  ? -7.367  -4.699  -18.806 1.00 32.84 ? 82  GLY A CA  1 
ATOM   542  C  C   . GLY A 1 83  ? -7.762  -3.281  -18.481 1.00 33.54 ? 82  GLY A C   1 
ATOM   543  O  O   . GLY A 1 83  ? -7.009  -2.525  -17.863 1.00 29.05 ? 82  GLY A O   1 
ATOM   544  N  N   . GLU A 1 84  ? -8.978  -2.925  -18.892 1.00 32.13 ? 83  GLU A N   1 
ATOM   545  C  CA  . GLU A 1 84  ? -9.537  -1.614  -18.629 1.00 32.54 ? 83  GLU A CA  1 
ATOM   546  C  C   . GLU A 1 84  ? -9.739  -1.352  -17.150 1.00 25.07 ? 83  GLU A C   1 
ATOM   547  O  O   . GLU A 1 84  ? -9.650  -0.239  -16.719 1.00 24.56 ? 83  GLU A O   1 
ATOM   548  C  CB  . GLU A 1 84  ? -10.919 -1.472  -19.291 1.00 35.15 ? 83  GLU A CB  1 
ATOM   549  C  CG  . GLU A 1 84  ? -11.158 -0.106  -19.897 1.00 40.62 ? 83  GLU A CG  1 
ATOM   550  C  CD  . GLU A 1 84  ? -12.442 -0.074  -20.717 1.00 41.87 ? 83  GLU A CD  1 
ATOM   551  O  OE1 . GLU A 1 84  ? -12.375 -0.405  -21.922 1.00 57.97 ? 83  GLU A OE1 1 
ATOM   552  O  OE2 . GLU A 1 84  ? -13.506 0.280   -20.150 1.00 60.57 ? 83  GLU A OE2 1 
ATOM   553  N  N   . ASP A 1 85  ? -9.972  -2.409  -16.391 1.00 21.91 ? 84  ASP A N   1 
ATOM   554  C  CA  . ASP A 1 85  ? -10.323 -2.275  -15.009 1.00 21.71 ? 84  ASP A CA  1 
ATOM   555  C  C   . ASP A 1 85  ? -9.253  -2.759  -13.976 1.00 19.80 ? 84  ASP A C   1 
ATOM   556  O  O   . ASP A 1 85  ? -9.573  -2.932  -12.806 1.00 17.39 ? 84  ASP A O   1 
ATOM   557  C  CB  . ASP A 1 85  ? -11.611 -3.047  -14.795 1.00 22.05 ? 84  ASP A CB  1 
ATOM   558  C  CG  . ASP A 1 85  ? -12.807 -2.393  -15.491 1.00 25.19 ? 84  ASP A CG  1 
ATOM   559  O  OD1 . ASP A 1 85  ? -12.725 -1.242  -15.961 1.00 27.52 ? 84  ASP A OD1 1 
ATOM   560  O  OD2 . ASP A 1 85  ? -13.843 -3.049  -15.542 1.00 38.16 ? 84  ASP A OD2 1 
ATOM   561  N  N   . GLY A 1 86  ? -8.020  -2.926  -14.427 1.00 17.51 ? 85  GLY A N   1 
ATOM   562  C  CA  . GLY A 1 86  ? -6.907  -3.313  -13.545 1.00 16.86 ? 85  GLY A CA  1 
ATOM   563  C  C   . GLY A 1 86  ? -5.704  -2.475  -13.839 1.00 15.12 ? 85  GLY A C   1 
ATOM   564  O  O   . GLY A 1 86  ? -5.363  -2.208  -15.027 1.00 16.56 ? 85  GLY A O   1 
ATOM   565  N  N   . ARG A 1 87  ? -4.976  -2.076  -12.787 1.00 15.67 ? 86  ARG A N   1 
ATOM   566  C  CA  . ARG A 1 87  ? -3.763  -1.297  -12.980 1.00 15.97 ? 86  ARG A CA  1 
ATOM   567  C  C   . ARG A 1 87  ? -2.717  -1.835  -12.025 1.00 18.22 ? 86  ARG A C   1 
ATOM   568  O  O   . ARG A 1 87  ? -3.023  -2.073  -10.844 1.00 18.72 ? 86  ARG A O   1 
ATOM   569  C  CB  . ARG A 1 87  ? -3.951  0.182   -12.654 1.00 14.94 ? 86  ARG A CB  1 
ATOM   570  C  CG  . ARG A 1 87  ? -4.841  0.929   -13.601 1.00 19.22 ? 86  ARG A CG  1 
ATOM   571  C  CD  . ARG A 1 87  ? -4.164  1.177   -14.968 1.00 20.66 ? 86  ARG A CD  1 
ATOM   572  N  NE  . ARG A 1 87  ? -5.110  1.865   -15.841 1.00 26.44 ? 86  ARG A NE  1 
ATOM   573  C  CZ  . ARG A 1 87  ? -6.040  1.268   -16.579 1.00 28.40 ? 86  ARG A CZ  1 
ATOM   574  N  NH1 . ARG A 1 87  ? -6.123  -0.058  -16.647 1.00 22.63 ? 86  ARG A NH1 1 
ATOM   575  N  NH2 . ARG A 1 87  ? -6.850  2.002   -17.339 1.00 31.52 ? 86  ARG A NH2 1 
ATOM   576  N  N   . VAL A 1 88  ? -1.546  -2.073  -12.560 1.00 16.66 ? 87  VAL A N   1 
ATOM   577  C  CA  . VAL A 1 88  ? -0.358  -2.464  -11.760 1.00 14.67 ? 87  VAL A CA  1 
ATOM   578  C  C   . VAL A 1 88  ? 0.566   -1.266  -11.609 1.00 15.70 ? 87  VAL A C   1 
ATOM   579  O  O   . VAL A 1 88  ? 0.826   -0.571  -12.560 1.00 16.83 ? 87  VAL A O   1 
ATOM   580  C  CB  . VAL A 1 88  ? 0.431   -3.591  -12.393 1.00 16.05 ? 87  VAL A CB  1 
ATOM   581  C  CG1 . VAL A 1 88  ? 1.480   -4.092  -11.436 1.00 19.33 ? 87  VAL A CG1 1 
ATOM   582  C  CG2 . VAL A 1 88  ? -0.484  -4.710  -12.856 1.00 20.00 ? 87  VAL A CG2 1 
ATOM   583  N  N   . VAL A 1 89  ? 1.038   -1.045  -10.387 1.00 14.56 ? 88  VAL A N   1 
ATOM   584  C  CA  . VAL A 1 89  ? 2.016   -0.019  -10.069 1.00 13.53 ? 88  VAL A CA  1 
ATOM   585  C  C   . VAL A 1 89  ? 3.200   -0.699  -9.373  1.00 15.43 ? 88  VAL A C   1 
ATOM   586  O  O   . VAL A 1 89  ? 3.042   -1.430  -8.427  1.00 16.18 ? 88  VAL A O   1 
ATOM   587  C  CB  . VAL A 1 89  ? 1.442   1.101   -9.210  1.00 15.28 ? 88  VAL A CB  1 
ATOM   588  C  CG1 . VAL A 1 89  ? 2.535   2.103   -8.825  1.00 17.56 ? 88  VAL A CG1 1 
ATOM   589  C  CG2 . VAL A 1 89  ? 0.248   1.750   -9.937  1.00 12.95 ? 88  VAL A CG2 1 
ATOM   590  N  N   . VAL A 1 90  ? 4.390   -0.497  -9.925  1.00 11.71 ? 89  VAL A N   1 
ATOM   591  C  CA  . VAL A 1 90  ? 5.637   -1.072  -9.323  1.00 13.81 ? 89  VAL A CA  1 
ATOM   592  C  C   . VAL A 1 90  ? 6.503   0.131   -9.012  1.00 18.04 ? 89  VAL A C   1 
ATOM   593  O  O   . VAL A 1 90  ? 6.831   0.890   -9.909  1.00 15.54 ? 89  VAL A O   1 
ATOM   594  C  CB  . VAL A 1 90  ? 6.366   -2.056  -10.283 1.00 13.43 ? 89  VAL A CB  1 
ATOM   595  C  CG1 . VAL A 1 90  ? 7.763   -2.498  -9.705  1.00 17.28 ? 89  VAL A CG1 1 
ATOM   596  C  CG2 . VAL A 1 90  ? 5.449   -3.275  -10.524 1.00 14.91 ? 89  VAL A CG2 1 
ATOM   597  N  N   . VAL A 1 91  ? 6.865   0.319   -7.755  1.00 14.64 ? 90  VAL A N   1 
ATOM   598  C  CA  . VAL A 1 91  ? 7.520   1.557   -7.343  1.00 14.84 ? 90  VAL A CA  1 
ATOM   599  C  C   . VAL A 1 91  ? 8.618   1.283   -6.299  1.00 17.09 ? 90  VAL A C   1 
ATOM   600  O  O   . VAL A 1 91  ? 8.525   0.361   -5.498  1.00 16.46 ? 90  VAL A O   1 
ATOM   601  C  CB  . VAL A 1 91  ? 6.431   2.599   -6.894  1.00 21.04 ? 90  VAL A CB  1 
ATOM   602  C  CG1 . VAL A 1 91  ? 5.641   2.107   -5.620  1.00 17.25 ? 90  VAL A CG1 1 
ATOM   603  C  CG2 . VAL A 1 91  ? 7.048   3.988   -6.732  1.00 21.68 ? 90  VAL A CG2 1 
ATOM   604  N  N   . ARG A 1 92  ? 9.646   2.121   -6.310  1.00 18.34 ? 91  ARG A N   1 
ATOM   605  C  CA  . ARG A 1 92  ? 10.686  2.095   -5.265  1.00 18.11 ? 91  ARG A CA  1 
ATOM   606  C  C   . ARG A 1 92  ? 10.211  3.004   -4.116  1.00 17.59 ? 91  ARG A C   1 
ATOM   607  O  O   . ARG A 1 92  ? 9.736   4.110   -4.348  1.00 16.10 ? 91  ARG A O   1 
ATOM   608  C  CB  . ARG A 1 92  ? 12.031  2.535   -5.851  1.00 16.87 ? 91  ARG A CB  1 
ATOM   609  C  CG  . ARG A 1 92  ? 13.142  2.712   -4.832  1.00 20.90 ? 91  ARG A CG  1 
ATOM   610  C  CD  . ARG A 1 92  ? 14.423  3.177   -5.528  1.00 21.35 ? 91  ARG A CD  1 
ATOM   611  N  NE  . ARG A 1 92  ? 15.475  3.451   -4.533  1.00 26.50 ? 91  ARG A NE  1 
ATOM   612  C  CZ  . ARG A 1 92  ? 16.467  2.630   -4.251  1.00 25.26 ? 91  ARG A CZ  1 
ATOM   613  N  NH1 . ARG A 1 92  ? 16.607  1.473   -4.885  1.00 35.29 ? 91  ARG A NH1 1 
ATOM   614  N  NH2 . ARG A 1 92  ? 17.352  2.985   -3.323  1.00 23.35 ? 91  ARG A NH2 1 
ATOM   615  N  N   . ALA A 1 93  ? 10.353  2.538   -2.874  1.00 16.47 ? 92  ALA A N   1 
ATOM   616  C  CA  . ALA A 1 93  ? 9.933   3.301   -1.701  1.00 16.43 ? 92  ALA A CA  1 
ATOM   617  C  C   . ALA A 1 93  ? 11.070  3.333   -0.684  1.00 17.43 ? 92  ALA A C   1 
ATOM   618  O  O   . ALA A 1 93  ? 11.576  2.283   -0.290  1.00 17.75 ? 92  ALA A O   1 
ATOM   619  C  CB  . ALA A 1 93  ? 8.710   2.717   -1.061  1.00 16.74 ? 92  ALA A CB  1 
ATOM   620  N  N   . VAL A 1 94  ? 11.454  4.545   -0.293  1.00 15.86 ? 93  VAL A N   1 
ATOM   621  C  CA  . VAL A 1 94  ? 12.450  4.777   0.746   1.00 17.88 ? 93  VAL A CA  1 
ATOM   622  C  C   . VAL A 1 94  ? 11.646  5.183   1.983   1.00 18.18 ? 93  VAL A C   1 
ATOM   623  O  O   . VAL A 1 94  ? 10.914  6.170   1.987   1.00 16.89 ? 93  VAL A O   1 
ATOM   624  C  CB  . VAL A 1 94  ? 13.539  5.798   0.301   1.00 17.46 ? 93  VAL A CB  1 
ATOM   625  C  CG1 . VAL A 1 94  ? 14.475  6.159   1.480   1.00 20.33 ? 93  VAL A CG1 1 
ATOM   626  C  CG2 . VAL A 1 94  ? 14.312  5.291   -0.928  1.00 16.59 ? 93  VAL A CG2 1 
ATOM   627  N  N   . THR A 1 95  ? 11.689  4.364   3.019   1.00 18.49 ? 94  THR A N   1 
ATOM   628  C  CA  . THR A 1 95  ? 10.782  4.507   4.160   1.00 18.92 ? 94  THR A CA  1 
ATOM   629  C  C   . THR A 1 95  ? 11.602  4.582   5.464   1.00 19.25 ? 94  THR A C   1 
ATOM   630  O  O   . THR A 1 95  ? 12.769  4.135   5.502   1.00 18.58 ? 94  THR A O   1 
ATOM   631  C  CB  . THR A 1 95  ? 9.715   3.373   4.230   1.00 20.94 ? 94  THR A CB  1 
ATOM   632  O  OG1 . THR A 1 95  ? 10.210  2.225   4.952   1.00 18.71 ? 94  THR A OG1 1 
ATOM   633  C  CG2 . THR A 1 95  ? 9.305   2.919   2.775   1.00 16.33 ? 94  THR A CG2 1 
ATOM   634  N  N   . ALA A 1 96  ? 10.980  5.187   6.473   1.00 19.42 ? 95  ALA A N   1 
ATOM   635  C  CA  . ALA A 1 96  ? 11.491  5.262   7.836   1.00 19.89 ? 95  ALA A CA  1 
ATOM   636  C  C   . ALA A 1 96  ? 10.303  5.457   8.751   1.00 19.87 ? 95  ALA A C   1 
ATOM   637  O  O   . ALA A 1 96  ? 9.248   5.961   8.348   1.00 18.27 ? 95  ALA A O   1 
ATOM   638  C  CB  . ALA A 1 96  ? 12.493  6.395   7.967   1.00 20.10 ? 95  ALA A CB  1 
ATOM   639  N  N   . GLY A 1 97  ? 10.451  5.020   9.985   1.00 17.82 ? 96  GLY A N   1 
ATOM   640  C  CA  . GLY A 1 97  ? 9.407   5.189   10.985  1.00 18.24 ? 96  GLY A CA  1 
ATOM   641  C  C   . GLY A 1 97  ? 9.732   4.461   12.255  1.00 19.11 ? 96  GLY A C   1 
ATOM   642  O  O   . GLY A 1 97  ? 10.898  4.271   12.603  1.00 19.69 ? 96  GLY A O   1 
ATOM   643  N  N   . VAL A 1 98  ? 8.691   4.102   12.982  1.00 18.68 ? 97  VAL A N   1 
ATOM   644  C  CA  . VAL A 1 98  ? 8.851   3.242   14.140  1.00 21.41 ? 97  VAL A CA  1 
ATOM   645  C  C   . VAL A 1 98  ? 7.886   2.102   13.975  1.00 22.63 ? 97  VAL A C   1 
ATOM   646  O  O   . VAL A 1 98  ? 6.755   2.306   13.528  1.00 21.76 ? 97  VAL A O   1 
ATOM   647  C  CB  . VAL A 1 98  ? 8.636   3.962   15.494  1.00 17.46 ? 97  VAL A CB  1 
ATOM   648  C  CG1 . VAL A 1 98  ? 8.889   3.032   16.641  1.00 25.27 ? 97  VAL A CG1 1 
ATOM   649  C  CG2 . VAL A 1 98  ? 9.541   5.149   15.659  1.00 21.22 ? 97  VAL A CG2 1 
ATOM   650  N  N   . TYR A 1 99  ? 8.343   0.899   14.315  1.00 20.06 ? 98  TYR A N   1 
ATOM   651  C  CA  . TYR A 1 99  ? 7.548   -0.308  14.214  1.00 24.29 ? 98  TYR A CA  1 
ATOM   652  C  C   . TYR A 1 99  ? 7.791   -1.137  15.436  1.00 25.08 ? 98  TYR A C   1 
ATOM   653  O  O   . TYR A 1 99  ? 8.956   -1.432  15.783  1.00 23.79 ? 98  TYR A O   1 
ATOM   654  C  CB  . TYR A 1 99  ? 7.906   -1.071  12.926  1.00 28.12 ? 98  TYR A CB  1 
ATOM   655  C  CG  . TYR A 1 99  ? 7.078   -2.326  12.735  1.00 32.64 ? 98  TYR A CG  1 
ATOM   656  C  CD1 . TYR A 1 99  ? 5.691   -2.253  12.720  1.00 37.15 ? 98  TYR A CD1 1 
ATOM   657  C  CD2 . TYR A 1 99  ? 7.673   -3.573  12.599  1.00 42.80 ? 98  TYR A CD2 1 
ATOM   658  C  CE1 . TYR A 1 99  ? 4.910   -3.383  12.573  1.00 45.77 ? 98  TYR A CE1 1 
ATOM   659  C  CE2 . TYR A 1 99  ? 6.895   -4.716  12.451  1.00 42.71 ? 98  TYR A CE2 1 
ATOM   660  C  CZ  . TYR A 1 99  ? 5.520   -4.610  12.431  1.00 46.38 ? 98  TYR A CZ  1 
ATOM   661  O  OH  . TYR A 1 99  ? 4.736   -5.737  12.275  1.00 48.18 ? 98  TYR A OH  1 
ATOM   662  N  N   . ASP A 1 100 ? 6.724   -1.498  16.125  1.00 24.96 ? 99  ASP A N   1 
ATOM   663  C  CA  . ASP A 1 100 ? 6.834   -2.297  17.356  1.00 28.64 ? 99  ASP A CA  1 
ATOM   664  C  C   . ASP A 1 100 ? 7.840   -1.731  18.368  1.00 28.79 ? 99  ASP A C   1 
ATOM   665  O  O   . ASP A 1 100 ? 8.619   -2.475  18.956  1.00 31.98 ? 99  ASP A O   1 
ATOM   666  C  CB  . ASP A 1 100 ? 7.211   -3.738  16.984  1.00 30.26 ? 99  ASP A CB  1 
ATOM   667  C  CG  . ASP A 1 100 ? 6.160   -4.428  16.115  1.00 43.46 ? 99  ASP A CG  1 
ATOM   668  O  OD1 . ASP A 1 100 ? 4.968   -4.032  16.159  1.00 49.08 ? 99  ASP A OD1 1 
ATOM   669  O  OD2 . ASP A 1 100 ? 6.530   -5.389  15.389  1.00 54.71 ? 99  ASP A OD2 1 
ATOM   670  N  N   . GLY A 1 101 ? 7.863   -0.410  18.512  1.00 24.05 ? 100 GLY A N   1 
ATOM   671  C  CA  . GLY A 1 101 ? 8.734   0.269   19.452  1.00 22.98 ? 100 GLY A CA  1 
ATOM   672  C  C   . GLY A 1 101 ? 10.127  0.570   18.976  1.00 23.53 ? 100 GLY A C   1 
ATOM   673  O  O   . GLY A 1 101 ? 10.929  1.181   19.686  1.00 24.01 ? 100 GLY A O   1 
ATOM   674  N  N   . GLU A 1 102 ? 10.453  0.145   17.765  1.00 21.36 ? 101 GLU A N   1 
ATOM   675  C  CA  . GLU A 1 102 ? 11.814  0.351   17.261  1.00 23.07 ? 101 GLU A CA  1 
ATOM   676  C  C   . GLU A 1 102 ? 11.863  1.212   16.013  1.00 18.81 ? 101 GLU A C   1 
ATOM   677  O  O   . GLU A 1 102 ? 11.153  0.937   15.039  1.00 21.82 ? 101 GLU A O   1 
ATOM   678  C  CB  . GLU A 1 102 ? 12.474  -1.000  16.964  1.00 24.19 ? 101 GLU A CB  1 
ATOM   679  C  CG  . GLU A 1 102 ? 12.668  -1.850  18.164  1.00 29.60 ? 101 GLU A CG  1 
ATOM   680  C  CD  . GLU A 1 102 ? 13.376  -3.148  17.834  1.00 32.19 ? 101 GLU A CD  1 
ATOM   681  O  OE1 . GLU A 1 102 ? 12.827  -3.936  17.021  1.00 42.02 ? 101 GLU A OE1 1 
ATOM   682  O  OE2 . GLU A 1 102 ? 14.450  -3.364  18.405  1.00 39.38 ? 101 GLU A OE2 1 
ATOM   683  N  N   . ALA A 1 103 ? 12.767  2.200   16.020  1.00 18.35 ? 102 ALA A N   1 
ATOM   684  C  CA  . ALA A 1 103 ? 13.045  3.001   14.838  1.00 19.07 ? 102 ALA A CA  1 
ATOM   685  C  C   . ALA A 1 103 ? 13.581  2.078   13.758  1.00 22.32 ? 102 ALA A C   1 
ATOM   686  O  O   . ALA A 1 103 ? 14.331  1.130   14.056  1.00 20.00 ? 102 ALA A O   1 
ATOM   687  C  CB  . ALA A 1 103 ? 14.053  4.178   15.130  1.00 21.90 ? 102 ALA A CB  1 
ATOM   688  N  N   . PHE A 1 104 ? 13.154  2.326   12.518  1.00 18.39 ? 103 PHE A N   1 
ATOM   689  C  CA  . PHE A 1 104 ? 13.607  1.564   11.363  1.00 21.68 ? 103 PHE A CA  1 
ATOM   690  C  C   . PHE A 1 104 ? 13.721  2.463   10.164  1.00 18.61 ? 103 PHE A C   1 
ATOM   691  O  O   . PHE A 1 104 ? 13.124  3.562   10.099  1.00 19.72 ? 103 PHE A O   1 
ATOM   692  C  CB  . PHE A 1 104 ? 12.668  0.384   11.079  1.00 21.74 ? 103 PHE A CB  1 
ATOM   693  C  CG  . PHE A 1 104 ? 11.369  0.784   10.431  1.00 24.96 ? 103 PHE A CG  1 
ATOM   694  C  CD1 . PHE A 1 104 ? 11.252  0.882   9.055   1.00 25.74 ? 103 PHE A CD1 1 
ATOM   695  C  CD2 . PHE A 1 104 ? 10.268  1.055   11.225  1.00 23.51 ? 103 PHE A CD2 1 
ATOM   696  C  CE1 . PHE A 1 104 ? 10.066  1.278   8.491   1.00 23.14 ? 103 PHE A CE1 1 
ATOM   697  C  CE2 . PHE A 1 104 ? 9.069   1.468   10.651  1.00 25.27 ? 103 PHE A CE2 1 
ATOM   698  C  CZ  . PHE A 1 104 ? 8.994   1.593   9.291   1.00 22.29 ? 103 PHE A CZ  1 
ATOM   699  N  N   . THR A 1 105 ? 14.497  1.991   9.213   1.00 20.56 ? 104 THR A N   1 
ATOM   700  C  CA  . THR A 1 105 ? 14.707  2.603   7.931   1.00 17.27 ? 104 THR A CA  1 
ATOM   701  C  C   . THR A 1 105 ? 14.626  1.369   7.014   1.00 19.81 ? 104 THR A C   1 
ATOM   702  O  O   . THR A 1 105 ? 15.209  0.319   7.333   1.00 21.11 ? 104 THR A O   1 
ATOM   703  C  CB  . THR A 1 105 ? 16.072  3.284   7.862   1.00 20.47 ? 104 THR A CB  1 
ATOM   704  O  OG1 . THR A 1 105 ? 17.095  2.406   8.346   1.00 22.66 ? 104 THR A OG1 1 
ATOM   705  C  CG2 . THR A 1 105 ? 16.099  4.548   8.680   1.00 19.30 ? 104 THR A CG2 1 
ATOM   706  N  N   . GLU A 1 106 ? 13.864  1.444   5.933   1.00 18.66 ? 105 GLU A N   1 
ATOM   707  C  CA  . GLU A 1 106 ? 13.803  0.314   4.990   1.00 19.02 ? 105 GLU A CA  1 
ATOM   708  C  C   . GLU A 1 106 ? 13.519  0.815   3.579   1.00 17.63 ? 105 GLU A C   1 
ATOM   709  O  O   . GLU A 1 106 ? 12.789  1.792   3.395   1.00 18.92 ? 105 GLU A O   1 
ATOM   710  C  CB  . GLU A 1 106 ? 12.711  -0.596  5.545   1.00 21.00 ? 105 GLU A CB  1 
ATOM   711  C  CG  . GLU A 1 106 ? 12.568  -1.925  4.891   1.00 21.65 ? 105 GLU A CG  1 
ATOM   712  C  CD  . GLU A 1 106 ? 11.501  -2.801  5.584   1.00 27.83 ? 105 GLU A CD  1 
ATOM   713  O  OE1 . GLU A 1 106 ? 10.571  -2.257  6.223   1.00 43.96 ? 105 GLU A OE1 1 
ATOM   714  O  OE2 . GLU A 1 106 ? 11.592  -4.035  5.445   1.00 40.45 ? 105 GLU A OE2 1 
ATOM   715  N  N   . THR A 1 107 ? 14.183  0.223   2.574   1.00 15.34 ? 106 THR A N   1 
ATOM   716  C  CA  . THR A 1 107 ? 13.999  0.585   1.171   1.00 16.15 ? 106 THR A CA  1 
ATOM   717  C  C   . THR A 1 107 ? 13.410  -0.648  0.504   1.00 16.17 ? 106 THR A C   1 
ATOM   718  O  O   . THR A 1 107 ? 13.940  -1.757  0.624   1.00 15.63 ? 106 THR A O   1 
ATOM   719  C  CB  . THR A 1 107 ? 15.286  1.059   0.587   1.00 18.68 ? 106 THR A CB  1 
ATOM   720  O  OG1 . THR A 1 107 ? 15.690  2.245   1.299   1.00 21.22 ? 106 THR A OG1 1 
ATOM   721  C  CG2 . THR A 1 107 ? 15.192  1.360   -0.949  1.00 15.01 ? 106 THR A CG2 1 
ATOM   722  N  N   . LEU A 1 108 ? 12.232  -0.431  -0.084  1.00 13.58 ? 107 LEU A N   1 
ATOM   723  C  CA  . LEU A 1 108 ? 11.407  -1.531  -0.618  1.00 12.79 ? 107 LEU A CA  1 
ATOM   724  C  C   . LEU A 1 108 ? 10.965  -1.317  -2.031  1.00 16.44 ? 107 LEU A C   1 
ATOM   725  O  O   . LEU A 1 108 ? 10.850  -0.186  -2.514  1.00 14.19 ? 107 LEU A O   1 
ATOM   726  C  CB  . LEU A 1 108 ? 10.146  -1.709  0.227   1.00 14.70 ? 107 LEU A CB  1 
ATOM   727  C  CG  . LEU A 1 108 ? 10.344  -1.987  1.716   1.00 20.19 ? 107 LEU A CG  1 
ATOM   728  C  CD1 . LEU A 1 108 ? 9.575   -0.947  2.479   1.00 20.17 ? 107 LEU A CD1 1 
ATOM   729  C  CD2 . LEU A 1 108 ? 9.927   -3.391  2.103   1.00 23.72 ? 107 LEU A CD2 1 
ATOM   730  N  N   . ARG A 1 109 ? 10.684  -2.432  -2.694  1.00 13.75 ? 108 ARG A N   1 
ATOM   731  C  CA  . ARG A 1 109 ? 9.954   -2.390  -3.941  1.00 15.55 ? 108 ARG A CA  1 
ATOM   732  C  C   . ARG A 1 109 ? 8.569   -2.839  -3.647  1.00 13.29 ? 108 ARG A C   1 
ATOM   733  O  O   . ARG A 1 109 ? 8.359   -3.867  -3.029  1.00 13.96 ? 108 ARG A O   1 
ATOM   734  C  CB  . ARG A 1 109 ? 10.556  -3.308  -4.987  1.00 19.17 ? 108 ARG A CB  1 
ATOM   735  C  CG  . ARG A 1 109 ? 10.033  -3.097  -6.426  1.00 18.19 ? 108 ARG A CG  1 
ATOM   736  C  CD  . ARG A 1 109 ? 10.665  -1.908  -7.146  1.00 13.75 ? 108 ARG A CD  1 
ATOM   737  N  NE  . ARG A 1 109 ? 12.089  -2.034  -7.316  1.00 17.12 ? 108 ARG A NE  1 
ATOM   738  C  CZ  . ARG A 1 109 ? 12.860  -1.121  -7.885  1.00 16.89 ? 108 ARG A CZ  1 
ATOM   739  N  NH1 . ARG A 1 109 ? 12.300  -0.022  -8.361  1.00 19.45 ? 108 ARG A NH1 1 
ATOM   740  N  NH2 . ARG A 1 109 ? 14.177  -1.321  -7.989  1.00 22.45 ? 108 ARG A NH2 1 
ATOM   741  N  N   . PHE A 1 110 ? 7.618   -2.036  -4.080  1.00 14.43 ? 109 PHE A N   1 
ATOM   742  C  CA  . PHE A 1 110 ? 6.219   -2.346  -3.958  1.00 13.28 ? 109 PHE A CA  1 
ATOM   743  C  C   . PHE A 1 110 ? 5.656   -2.656  -5.341  1.00 14.84 ? 109 PHE A C   1 
ATOM   744  O  O   . PHE A 1 110 ? 5.948   -1.935  -6.358  1.00 16.48 ? 109 PHE A O   1 
ATOM   745  C  CB  . PHE A 1 110 ? 5.390   -1.185  -3.435  1.00 17.56 ? 109 PHE A CB  1 
ATOM   746  C  CG  . PHE A 1 110 ? 5.478   -0.968  -1.973  1.00 17.94 ? 109 PHE A CG  1 
ATOM   747  C  CD1 . PHE A 1 110 ? 6.522   -0.235  -1.454  1.00 17.09 ? 109 PHE A CD1 1 
ATOM   748  C  CD2 . PHE A 1 110 ? 4.510   -1.441  -1.118  1.00 18.89 ? 109 PHE A CD2 1 
ATOM   749  C  CE1 . PHE A 1 110 ? 6.608   0.038   -0.103  1.00 21.72 ? 109 PHE A CE1 1 
ATOM   750  C  CE2 . PHE A 1 110 ? 4.606   -1.184  0.229   1.00 23.09 ? 109 PHE A CE2 1 
ATOM   751  C  CZ  . PHE A 1 110 ? 5.679   -0.435  0.727   1.00 16.91 ? 109 PHE A CZ  1 
ATOM   752  N  N   . THR A 1 111 ? 4.866   -3.725  -5.379  1.00 13.94 ? 110 THR A N   1 
ATOM   753  C  CA  . THR A 1 111 ? 3.947   -4.036  -6.492  1.00 13.82 ? 110 THR A CA  1 
ATOM   754  C  C   . THR A 1 111 ? 2.529   -3.931  -5.943  1.00 14.52 ? 110 THR A C   1 
ATOM   755  O  O   . THR A 1 111 ? 2.219   -4.515  -4.912  1.00 14.34 ? 110 THR A O   1 
ATOM   756  C  CB  . THR A 1 111 ? 4.194   -5.455  -7.057  1.00 13.39 ? 110 THR A CB  1 
ATOM   757  O  OG1 . THR A 1 111 ? 5.548   -5.550  -7.483  1.00 15.37 ? 110 THR A OG1 1 
ATOM   758  C  CG2 . THR A 1 111 ? 3.240   -5.818  -8.234  1.00 16.34 ? 110 THR A CG2 1 
ATOM   759  N  N   . ARG A 1 112 ? 1.681   -3.146  -6.608  1.00 13.05 ? 111 ARG A N   1 
ATOM   760  C  CA  . ARG A 1 112 ? 0.327   -2.959  -6.209  1.00 14.43 ? 111 ARG A CA  1 
ATOM   761  C  C   . ARG A 1 112 ? -0.588  -3.166  -7.391  1.00 15.17 ? 111 ARG A C   1 
ATOM   762  O  O   . ARG A 1 112 ? -0.279  -2.757  -8.498  1.00 15.84 ? 111 ARG A O   1 
ATOM   763  C  CB  . ARG A 1 112 ? 0.128   -1.562  -5.652  1.00 16.68 ? 111 ARG A CB  1 
ATOM   764  C  CG  . ARG A 1 112 ? 0.364   -1.511  -4.146  1.00 17.00 ? 111 ARG A CG  1 
ATOM   765  C  CD  . ARG A 1 112 ? 0.001   -0.115  -3.583  1.00 20.54 ? 111 ARG A CD  1 
ATOM   766  N  NE  . ARG A 1 112 ? 0.965   0.866   -3.997  1.00 19.15 ? 111 ARG A NE  1 
ATOM   767  C  CZ  . ARG A 1 112 ? 2.015   1.239   -3.276  1.00 22.51 ? 111 ARG A CZ  1 
ATOM   768  N  NH1 . ARG A 1 112 ? 2.219   0.737   -2.083  1.00 21.09 ? 111 ARG A NH1 1 
ATOM   769  N  NH2 . ARG A 1 112 ? 2.846   2.154   -3.742  1.00 20.00 ? 111 ARG A NH2 1 
ATOM   770  N  N   . ILE A 1 113 ? -1.683  -3.842  -7.148  1.00 14.09 ? 112 ILE A N   1 
ATOM   771  C  CA  . ILE A 1 113 ? -2.698  -4.158  -8.143  1.00 15.82 ? 112 ILE A CA  1 
ATOM   772  C  C   . ILE A 1 113 ? -4.029  -3.583  -7.696  1.00 15.01 ? 112 ILE A C   1 
ATOM   773  O  O   . ILE A 1 113 ? -4.573  -3.971  -6.643  1.00 16.55 ? 112 ILE A O   1 
ATOM   774  C  CB  . ILE A 1 113 ? -2.910  -5.672  -8.377  1.00 17.81 ? 112 ILE A CB  1 
ATOM   775  C  CG1 . ILE A 1 113 ? -1.617  -6.396  -8.714  1.00 27.11 ? 112 ILE A CG1 1 
ATOM   776  C  CG2 . ILE A 1 113 ? -3.892  -5.810  -9.576  1.00 18.15 ? 112 ILE A CG2 1 
ATOM   777  C  CD1 . ILE A 1 113 ? -0.731  -6.789  -7.579  1.00 26.63 ? 112 ILE A CD1 1 
ATOM   778  N  N   . TRP A 1 114 ? -4.498  -2.620  -8.500  1.00 17.12 ? 113 TRP A N   1 
ATOM   779  C  CA  . TRP A 1 114 ? -5.714  -1.858  -8.289  1.00 15.17 ? 113 TRP A CA  1 
ATOM   780  C  C   . TRP A 1 114 ? -6.796  -2.306  -9.263  1.00 15.04 ? 113 TRP A C   1 
ATOM   781  O  O   . TRP A 1 114 ? -6.488  -2.612  -10.427 1.00 15.66 ? 113 TRP A O   1 
ATOM   782  C  CB  . TRP A 1 114 ? -5.488  -0.373  -8.535  1.00 13.88 ? 113 TRP A CB  1 
ATOM   783  C  CG  . TRP A 1 114 ? -4.461  0.286   -7.657  1.00 17.04 ? 113 TRP A CG  1 
ATOM   784  C  CD1 . TRP A 1 114 ? -3.113  0.319   -7.839  1.00 18.21 ? 113 TRP A CD1 1 
ATOM   785  C  CD2 . TRP A 1 114 ? -4.724  1.038   -6.492  1.00 14.74 ? 113 TRP A CD2 1 
ATOM   786  N  NE1 . TRP A 1 114 ? -2.499  1.068   -6.828  1.00 19.17 ? 113 TRP A NE1 1 
ATOM   787  C  CE2 . TRP A 1 114 ? -3.478  1.517   -5.994  1.00 13.82 ? 113 TRP A CE2 1 
ATOM   788  C  CE3 . TRP A 1 114 ? -5.889  1.368   -5.799  1.00 16.70 ? 113 TRP A CE3 1 
ATOM   789  C  CZ2 . TRP A 1 114 ? -3.389  2.297   -4.843  1.00 17.46 ? 113 TRP A CZ2 1 
ATOM   790  C  CZ3 . TRP A 1 114 ? -5.775  2.167   -4.662  1.00 18.24 ? 113 TRP A CZ3 1 
ATOM   791  C  CH2 . TRP A 1 114 ? -4.534  2.596   -4.197  1.00 16.89 ? 113 TRP A CH2 1 
ATOM   792  N  N   . ARG A 1 115 ? -8.016  -2.397  -8.739  1.00 16.81 ? 114 ARG A N   1 
ATOM   793  C  CA  . ARG A 1 115 ? -9.208  -2.700  -9.531  1.00 18.94 ? 114 ARG A CA  1 
ATOM   794  C  C   . ARG A 1 115 ? -10.089 -1.458  -9.628  1.00 18.53 ? 114 ARG A C   1 
ATOM   795  O  O   . ARG A 1 115 ? -10.198 -0.696  -8.662  1.00 17.62 ? 114 ARG A O   1 
ATOM   796  C  CB  . ARG A 1 115 ? -10.008 -3.861  -8.940  1.00 19.68 ? 114 ARG A CB  1 
ATOM   797  C  CG  . ARG A 1 115 ? -10.726 -3.573  -7.587  1.00 26.64 ? 114 ARG A CG  1 
ATOM   798  C  CD  . ARG A 1 115 ? -12.031 -4.333  -7.526  1.00 25.42 ? 114 ARG A CD  1 
ATOM   799  N  NE  . ARG A 1 115 ? -11.766 -5.774  -7.533  1.00 25.58 ? 114 ARG A NE  1 
ATOM   800  C  CZ  . ARG A 1 115 ? -11.593 -6.540  -6.450  1.00 24.00 ? 114 ARG A CZ  1 
ATOM   801  N  NH1 . ARG A 1 115 ? -11.686 -6.040  -5.240  1.00 25.11 ? 114 ARG A NH1 1 
ATOM   802  N  NH2 . ARG A 1 115 ? -11.350 -7.827  -6.586  1.00 20.42 ? 114 ARG A NH2 1 
ATOM   803  N  N   . ARG A 1 116 ? -10.729 -1.288  -10.780 1.00 19.50 ? 115 ARG A N   1 
ATOM   804  C  CA  . ARG A 1 116 ? -11.663 -0.194  -10.949 1.00 20.24 ? 115 ARG A CA  1 
ATOM   805  C  C   . ARG A 1 116 ? -12.936 -0.532  -10.185 1.00 20.87 ? 115 ARG A C   1 
ATOM   806  O  O   . ARG A 1 116 ? -13.417 -1.660  -10.222 1.00 23.72 ? 115 ARG A O   1 
ATOM   807  C  CB  . ARG A 1 116 ? -12.001 0.006   -12.392 1.00 18.10 ? 115 ARG A CB  1 
ATOM   808  C  CG  . ARG A 1 116 ? -12.901 1.195   -12.653 1.00 24.73 ? 115 ARG A CG  1 
ATOM   809  C  CD  . ARG A 1 116 ? -13.310 1.238   -14.114 1.00 24.58 ? 115 ARG A CD  1 
ATOM   810  N  NE  . ARG A 1 116 ? -12.210 1.361   -15.065 1.00 29.06 ? 115 ARG A NE  1 
ATOM   811  C  CZ  . ARG A 1 116 ? -11.632 2.491   -15.432 1.00 27.94 ? 115 ARG A CZ  1 
ATOM   812  N  NH1 . ARG A 1 116 ? -11.980 3.649   -14.894 1.00 34.12 ? 115 ARG A NH1 1 
ATOM   813  N  NH2 . ARG A 1 116 ? -10.656 2.466   -16.315 1.00 30.06 ? 115 ARG A NH2 1 
ATOM   814  N  N   . THR A 1 117 ? -13.479 0.466   -9.505  1.00 27.21 ? 116 THR A N   1 
ATOM   815  C  CA  . THR A 1 117 ? -14.703 0.305   -8.762  1.00 31.58 ? 116 THR A CA  1 
ATOM   816  C  C   . THR A 1 117 ? -15.732 1.305   -9.324  1.00 37.21 ? 116 THR A C   1 
ATOM   817  O  O   . THR A 1 117 ? -15.375 2.350   -9.898  1.00 36.90 ? 116 THR A O   1 
ATOM   818  C  CB  . THR A 1 117 ? -14.445 0.498   -7.251  1.00 33.29 ? 116 THR A CB  1 
ATOM   819  O  OG1 . THR A 1 117 ? -13.808 1.760   -7.024  1.00 29.31 ? 116 THR A OG1 1 
ATOM   820  C  CG2 . THR A 1 117 ? -13.514 -0.576  -6.728  1.00 28.55 ? 116 THR A CG2 1 
ATOM   821  N  N   . GLN A 1 118 ? -16.999 0.924   -9.202  1.00 43.29 ? 117 GLN A N   1 
ATOM   822  C  CA  . GLN A 1 118 ? -18.135 1.690   -9.732  1.00 47.51 ? 117 GLN A CA  1 
ATOM   823  C  C   . GLN A 1 118 ? -18.995 2.162   -8.568  1.00 51.66 ? 117 GLN A C   1 
ATOM   824  O  O   . GLN A 1 118 ? -18.577 2.096   -7.407  1.00 52.03 ? 117 GLN A O   1 
ATOM   825  C  CB  . GLN A 1 118 ? -18.949 0.834   -10.707 1.00 45.97 ? 117 GLN A CB  1 
ATOM   826  N  N   . GLY A 1 119 ? -20.203 2.634   -8.869  1.00 56.89 ? 118 GLY A N   1 
ATOM   827  C  CA  . GLY A 1 119 ? -21.015 3.340   -7.867  1.00 58.74 ? 118 GLY A CA  1 
ATOM   828  C  C   . GLY A 1 119 ? -20.322 4.684   -7.715  1.00 59.74 ? 118 GLY A C   1 
ATOM   829  O  O   . GLY A 1 119 ? -20.426 5.536   -8.621  1.00 64.65 ? 118 GLY A O   1 
ATOM   830  N  N   . PRO A 1 120 ? -19.594 4.886   -6.594  1.00 55.88 ? 119 PRO A N   1 
ATOM   831  C  CA  . PRO A 1 120 ? -18.557 5.923   -6.649  1.00 52.33 ? 119 PRO A CA  1 
ATOM   832  C  C   . PRO A 1 120 ? -17.412 5.446   -7.572  1.00 52.14 ? 119 PRO A C   1 
ATOM   833  O  O   . PRO A 1 120 ? -16.748 4.464   -7.257  1.00 53.14 ? 119 PRO A O   1 
ATOM   834  C  CB  . PRO A 1 120 ? -18.092 6.048   -5.191  1.00 52.89 ? 119 PRO A CB  1 
ATOM   835  C  CG  . PRO A 1 120 ? -19.044 5.206   -4.372  1.00 53.17 ? 119 PRO A CG  1 
ATOM   836  C  CD  . PRO A 1 120 ? -19.667 4.223   -5.279  1.00 54.20 ? 119 PRO A CD  1 
ATOM   837  N  N   . ALA A 1 121 ? -17.232 6.102   -8.716  1.00 49.82 ? 120 ALA A N   1 
ATOM   838  C  CA  . ALA A 1 121 ? -16.148 5.784   -9.646  1.00 47.03 ? 120 ALA A CA  1 
ATOM   839  C  C   . ALA A 1 121 ? -14.784 5.978   -8.970  1.00 44.07 ? 120 ALA A C   1 
ATOM   840  O  O   . ALA A 1 121 ? -14.400 7.101   -8.625  1.00 43.99 ? 120 ALA A O   1 
ATOM   841  C  CB  . ALA A 1 121 ? -16.231 6.658   -10.868 1.00 45.68 ? 120 ALA A CB  1 
ATOM   842  N  N   . GLY A 1 122 ? -14.043 4.885   -8.794  1.00 38.00 ? 121 GLY A N   1 
ATOM   843  C  CA  . GLY A 1 122 ? -12.726 4.978   -8.208  1.00 30.46 ? 121 GLY A CA  1 
ATOM   844  C  C   . GLY A 1 122 ? -11.875 3.750   -8.518  1.00 26.94 ? 121 GLY A C   1 
ATOM   845  O  O   . GLY A 1 122 ? -12.149 2.997   -9.479  1.00 26.67 ? 121 GLY A O   1 
ATOM   846  N  N   . TRP A 1 123 ? -10.859 3.573   -7.694  1.00 22.46 ? 122 TRP A N   1 
ATOM   847  C  CA  . TRP A 1 123 ? -9.984  2.392   -7.712  1.00 19.12 ? 122 TRP A CA  1 
ATOM   848  C  C   . TRP A 1 123 ? -9.744  1.941   -6.275  1.00 21.29 ? 122 TRP A C   1 
ATOM   849  O  O   . TRP A 1 123 ? -9.643  2.790   -5.370  1.00 20.57 ? 122 TRP A O   1 
ATOM   850  C  CB  . TRP A 1 123 ? -8.654  2.709   -8.396  1.00 20.24 ? 122 TRP A CB  1 
ATOM   851  C  CG  . TRP A 1 123 ? -8.779  3.045   -9.875  1.00 20.68 ? 122 TRP A CG  1 
ATOM   852  C  CD1 . TRP A 1 123 ? -9.148  4.243   -10.438 1.00 26.23 ? 122 TRP A CD1 1 
ATOM   853  C  CD2 . TRP A 1 123 ? -8.560  2.156   -10.962 1.00 19.91 ? 122 TRP A CD2 1 
ATOM   854  N  NE1 . TRP A 1 123 ? -9.162  4.140   -11.810 1.00 27.37 ? 122 TRP A NE1 1 
ATOM   855  C  CE2 . TRP A 1 123 ? -8.830  2.861   -12.157 1.00 21.96 ? 122 TRP A CE2 1 
ATOM   856  C  CE3 . TRP A 1 123 ? -8.190  0.810   -11.047 1.00 19.54 ? 122 TRP A CE3 1 
ATOM   857  C  CZ2 . TRP A 1 123 ? -8.717  2.263   -13.409 1.00 25.60 ? 122 TRP A CZ2 1 
ATOM   858  C  CZ3 . TRP A 1 123 ? -8.095  0.229   -12.301 1.00 20.78 ? 122 TRP A CZ3 1 
ATOM   859  C  CH2 . TRP A 1 123 ? -8.341  0.948   -13.450 1.00 20.64 ? 122 TRP A CH2 1 
ATOM   860  N  N   . LYS A 1 124 ? -9.669  0.627   -6.057  1.00 17.33 ? 123 LYS A N   1 
ATOM   861  C  CA  . LYS A 1 124 ? -9.266  0.064   -4.775  1.00 16.11 ? 123 LYS A CA  1 
ATOM   862  C  C   . LYS A 1 124 ? -8.183  -1.003  -4.952  1.00 17.33 ? 123 LYS A C   1 
ATOM   863  O  O   . LYS A 1 124 ? -8.087  -1.627  -5.991  1.00 15.46 ? 123 LYS A O   1 
ATOM   864  C  CB  . LYS A 1 124 ? -10.469 -0.521  -4.059  1.00 18.12 ? 123 LYS A CB  1 
ATOM   865  C  CG  . LYS A 1 124 ? -11.431 0.565   -3.693  1.00 23.31 ? 123 LYS A CG  1 
ATOM   866  C  CD  . LYS A 1 124 ? -12.512 0.055   -2.791  1.00 22.81 ? 123 LYS A CD  1 
ATOM   867  C  CE  . LYS A 1 124 ? -13.538 1.204   -2.560  1.00 33.53 ? 123 LYS A CE  1 
ATOM   868  N  NZ  . LYS A 1 124 ? -14.056 1.116   -1.169  1.00 46.79 ? 123 LYS A NZ  1 
ATOM   869  N  N   . LEU A 1 125 ? -7.367  -1.160  -3.910  1.00 14.78 ? 124 LEU A N   1 
ATOM   870  C  CA  . LEU A 1 125 ? -6.233  -2.046  -3.947  1.00 14.62 ? 124 LEU A CA  1 
ATOM   871  C  C   . LEU A 1 125 ? -6.687  -3.458  -3.685  1.00 16.47 ? 124 LEU A C   1 
ATOM   872  O  O   . LEU A 1 125 ? -7.248  -3.744  -2.650  1.00 13.51 ? 124 LEU A O   1 
ATOM   873  C  CB  . LEU A 1 125 ? -5.193  -1.610  -2.905  1.00 15.61 ? 124 LEU A CB  1 
ATOM   874  C  CG  . LEU A 1 125 ? -3.852  -2.330  -3.052  1.00 16.16 ? 124 LEU A CG  1 
ATOM   875  C  CD1 . LEU A 1 125 ? -3.188  -1.943  -4.386  1.00 16.28 ? 124 LEU A CD1 1 
ATOM   876  C  CD2 . LEU A 1 125 ? -2.981  -2.005  -1.795  1.00 13.88 ? 124 LEU A CD2 1 
ATOM   877  N  N   . VAL A 1 126 ? -6.437  -4.361  -4.635  1.00 15.83 ? 125 VAL A N   1 
ATOM   878  C  CA  A VAL A 1 126 ? -6.843  -5.754  -4.462  0.50 15.41 ? 125 VAL A CA  1 
ATOM   879  C  CA  B VAL A 1 126 ? -6.841  -5.764  -4.478  0.50 17.51 ? 125 VAL A CA  1 
ATOM   880  C  C   . VAL A 1 126 ? -5.674  -6.641  -4.028  1.00 14.76 ? 125 VAL A C   1 
ATOM   881  O  O   . VAL A 1 126 ? -5.877  -7.627  -3.337  1.00 15.62 ? 125 VAL A O   1 
ATOM   882  C  CB  A VAL A 1 126 ? -7.550  -6.327  -5.713  0.50 16.42 ? 125 VAL A CB  1 
ATOM   883  C  CB  B VAL A 1 126 ? -7.623  -6.346  -5.730  0.50 19.09 ? 125 VAL A CB  1 
ATOM   884  C  CG1 A VAL A 1 126 ? -6.680  -6.285  -6.850  0.50 5.89  ? 125 VAL A CG1 1 
ATOM   885  C  CG1 B VAL A 1 126 ? -7.815  -5.315  -6.775  0.50 18.16 ? 125 VAL A CG1 1 
ATOM   886  C  CG2 A VAL A 1 126 ? -8.005  -7.762  -5.470  0.50 8.06  ? 125 VAL A CG2 1 
ATOM   887  C  CG2 B VAL A 1 126 ? -6.996  -7.615  -6.312  0.50 19.55 ? 125 VAL A CG2 1 
ATOM   888  N  N   . ALA A 1 127 ? -4.476  -6.276  -4.431  1.00 15.71 ? 126 ALA A N   1 
ATOM   889  C  CA  . ALA A 1 127 ? -3.300  -7.042  -3.997  1.00 15.38 ? 126 ALA A CA  1 
ATOM   890  C  C   . ALA A 1 127 ? -2.050  -6.222  -4.052  1.00 15.67 ? 126 ALA A C   1 
ATOM   891  O  O   . ALA A 1 127 ? -1.954  -5.188  -4.688  1.00 13.51 ? 126 ALA A O   1 
ATOM   892  C  CB  . ALA A 1 127 ? -3.150  -8.344  -4.814  1.00 15.04 ? 126 ALA A CB  1 
ATOM   893  N  N   . GLY A 1 128 ? -1.059  -6.704  -3.331  1.00 17.61 ? 127 GLY A N   1 
ATOM   894  C  CA  . GLY A 1 128 ? 0.220   -6.081  -3.344  1.00 18.12 ? 127 GLY A CA  1 
ATOM   895  C  C   . GLY A 1 128 ? 1.285   -6.992  -2.758  1.00 19.22 ? 127 GLY A C   1 
ATOM   896  O  O   . GLY A 1 128 ? 0.987   -8.014  -2.142  1.00 16.45 ? 127 GLY A O   1 
ATOM   897  N  N   . HIS A 1 129 ? 2.524   -6.564  -2.941  1.00 14.38 ? 128 HIS A N   1 
ATOM   898  C  CA  . HIS A 1 129 ? 3.709   -7.296  -2.516  1.00 13.41 ? 128 HIS A CA  1 
ATOM   899  C  C   . HIS A 1 129 ? 4.784   -6.243  -2.230  1.00 15.94 ? 128 HIS A C   1 
ATOM   900  O  O   . HIS A 1 129 ? 5.048   -5.362  -3.061  1.00 14.09 ? 128 HIS A O   1 
ATOM   901  C  CB  . HIS A 1 129 ? 4.152   -8.186  -3.669  1.00 12.31 ? 128 HIS A CB  1 
ATOM   902  C  CG  . HIS A 1 129 ? 5.108   -9.296  -3.323  1.00 13.25 ? 128 HIS A CG  1 
ATOM   903  N  ND1 . HIS A 1 129 ? 4.980   -10.549 -3.877  1.00 15.20 ? 128 HIS A ND1 1 
ATOM   904  C  CD2 . HIS A 1 129 ? 6.226   -9.327  -2.568  1.00 14.59 ? 128 HIS A CD2 1 
ATOM   905  C  CE1 . HIS A 1 129 ? 5.958   -11.319 -3.431  1.00 13.88 ? 128 HIS A CE1 1 
ATOM   906  N  NE2 . HIS A 1 129 ? 6.736   -10.606 -2.636  1.00 13.25 ? 128 HIS A NE2 1 
ATOM   907  N  N   . CYS A 1 130 ? 5.459   -6.382  -1.108  1.00 16.39 ? 129 CYS A N   1 
ATOM   908  C  CA  . CYS A 1 130 ? 6.638   -5.559  -0.865  1.00 15.55 ? 129 CYS A CA  1 
ATOM   909  C  C   . CYS A 1 130 ? 7.803   -6.402  -0.432  1.00 15.38 ? 129 CYS A C   1 
ATOM   910  O  O   . CYS A 1 130 ? 7.620   -7.392  0.292   1.00 18.65 ? 129 CYS A O   1 
ATOM   911  C  CB  . CYS A 1 130 ? 6.335   -4.496  0.184   1.00 19.61 ? 129 CYS A CB  1 
ATOM   912  S  SG  . CYS A 1 130 ? 6.175   -5.088  1.868   1.00 22.50 ? 129 CYS A SG  1 
ATOM   913  N  N   . SER A 1 131 ? 8.999   -6.025  -0.899  1.00 14.25 ? 130 SER A N   1 
ATOM   914  C  CA  . SER A 1 131 ? 10.205  -6.733  -0.480  1.00 14.72 ? 130 SER A CA  1 
ATOM   915  C  C   . SER A 1 131 ? 11.358  -5.755  -0.504  1.00 14.76 ? 130 SER A C   1 
ATOM   916  O  O   . SER A 1 131 ? 11.320  -4.744  -1.163  1.00 14.47 ? 130 SER A O   1 
ATOM   917  C  CB  . SER A 1 131 ? 10.459  -7.930  -1.387  1.00 13.17 ? 130 SER A CB  1 
ATOM   918  O  OG  . SER A 1 131 ? 10.791  -7.560  -2.686  1.00 18.78 ? 130 SER A OG  1 
ATOM   919  N  N   . VAL A 1 132 ? 12.371  -6.043  0.284   1.00 16.30 ? 131 VAL A N   1 
ATOM   920  C  CA  . VAL A 1 132 ? 13.497  -5.140  0.356   1.00 14.69 ? 131 VAL A CA  1 
ATOM   921  C  C   . VAL A 1 132 ? 14.343  -5.137  -0.895  1.00 16.51 ? 131 VAL A C   1 
ATOM   922  O  O   . VAL A 1 132 ? 14.585  -6.187  -1.552  1.00 17.36 ? 131 VAL A O   1 
ATOM   923  C  CB  . VAL A 1 132 ? 14.384  -5.440  1.619   1.00 18.36 ? 131 VAL A CB  1 
ATOM   924  C  CG1 . VAL A 1 132 ? 13.621  -5.226  2.892   1.00 16.34 ? 131 VAL A CG1 1 
ATOM   925  C  CG2 . VAL A 1 132 ? 14.996  -6.806  1.563   1.00 24.07 ? 131 VAL A CG2 1 
ATOM   926  N  N   . ILE A 1 133 ? 14.859  -3.952  -1.227  1.00 14.75 ? 132 ILE A N   1 
ATOM   927  C  CA  . ILE A 1 133 ? 15.743  -3.804  -2.368  1.00 16.58 ? 132 ILE A CA  1 
ATOM   928  C  C   . ILE A 1 133 ? 17.156  -3.987  -1.858  1.00 21.52 ? 132 ILE A C   1 
ATOM   929  O  O   . ILE A 1 133 ? 17.606  -3.253  -0.948  1.00 20.18 ? 132 ILE A O   1 
ATOM   930  C  CB  . ILE A 1 133 ? 15.602  -2.463  -3.041  1.00 16.20 ? 132 ILE A CB  1 
ATOM   931  C  CG1 . ILE A 1 133 ? 14.212  -2.353  -3.664  1.00 17.50 ? 132 ILE A CG1 1 
ATOM   932  C  CG2 . ILE A 1 133 ? 16.679  -2.315  -4.115  1.00 18.45 ? 132 ILE A CG2 1 
ATOM   933  C  CD1 . ILE A 1 133 ? 13.800  -0.994  -4.059  1.00 17.39 ? 132 ILE A CD1 1 
ATOM   934  N  N   . LEU A 1 134 ? 17.837  -4.972  -2.425  1.00 20.92 ? 133 LEU A N   1 
ATOM   935  C  CA  . LEU A 1 134 ? 19.193  -5.319  -1.994  1.00 24.75 ? 133 LEU A CA  1 
ATOM   936  C  C   . LEU A 1 134 ? 20.171  -5.083  -3.133  1.00 32.77 ? 133 LEU A C   1 
ATOM   937  O  O   . LEU A 1 134 ? 21.379  -4.887  -2.884  1.00 39.73 ? 133 LEU A O   1 
ATOM   938  C  CB  . LEU A 1 134 ? 19.228  -6.756  -1.536  1.00 27.05 ? 133 LEU A CB  1 
ATOM   939  C  CG  . LEU A 1 134 ? 18.397  -7.069  -0.301  1.00 27.63 ? 133 LEU A CG  1 
ATOM   940  C  CD1 . LEU A 1 134 ? 18.279  -8.547  -0.061  1.00 37.15 ? 133 LEU A CD1 1 
ATOM   941  C  CD2 . LEU A 1 134 ? 18.972  -6.417  0.922   1.00 32.60 ? 133 LEU A CD2 1 
ATOM   942  O  OXT . LEU A 1 134 ? 19.789  -5.070  -4.307  1.00 34.20 ? 133 LEU A OXT 1 
HETATM 943  O  O1  . UNL B 2 .   ? 5.471   -3.458  3.301   1.00 37.94 ? 134 UNL A O1  1 
HETATM 944  O  O2  . UNL B 2 .   ? 6.335   -3.839  4.936   1.00 40.94 ? 134 UNL A O2  1 
HETATM 945  O  O3  . UNL B 2 .   ? 6.094   -5.314  5.160   1.00 37.10 ? 134 UNL A O3  1 
HETATM 946  O  O4  . UNL B 2 .   ? 3.794   -4.564  4.538   1.00 41.59 ? 134 UNL A O4  1 
HETATM 947  O  O5  . UNL B 2 .   ? 4.699   -1.843  4.437   1.00 32.47 ? 134 UNL A O5  1 
HETATM 948  O  O6  . UNL B 2 .   ? 7.574   -0.250  6.050   1.00 57.36 ? 134 UNL A O6  1 
HETATM 949  O  O7  . UNL B 2 .   ? 5.307   -0.049  5.642   1.00 44.30 ? 134 UNL A O7  1 
HETATM 950  O  O8  . UNL B 2 .   ? 7.215   -2.597  5.912   1.00 43.09 ? 134 UNL A O8  1 
HETATM 951  O  O9  . UNL B 2 .   ? 6.350   -2.990  8.608   1.00 48.06 ? 134 UNL A O9  1 
HETATM 952  O  O10 . UNL B 2 .   ? 5.142   -5.113  7.749   1.00 59.15 ? 134 UNL A O10 1 
HETATM 953  C  C1  . EDO C 3 .   ? 1.981   5.909   -10.354 1.00 44.34 ? 135 EDO A C1  1 
HETATM 954  O  O1  . EDO C 3 .   ? 1.854   6.645   -9.133  1.00 36.66 ? 135 EDO A O1  1 
HETATM 955  C  C2  . EDO C 3 .   ? 1.780   6.841   -11.538 1.00 43.69 ? 135 EDO A C2  1 
HETATM 956  O  O2  . EDO C 3 .   ? 2.998   7.565   -11.743 1.00 47.33 ? 135 EDO A O2  1 
HETATM 957  C  C1  . EDO D 3 .   ? 9.821   -3.353  -16.888 1.00 30.59 ? 136 EDO A C1  1 
HETATM 958  O  O1  . EDO D 3 .   ? 8.888   -3.343  -18.013 1.00 25.12 ? 136 EDO A O1  1 
HETATM 959  C  C2  . EDO D 3 .   ? 10.316  -1.961  -16.536 1.00 35.72 ? 136 EDO A C2  1 
HETATM 960  O  O2  . EDO D 3 .   ? 10.686  -1.325  -17.754 1.00 46.47 ? 136 EDO A O2  1 
HETATM 961  O  O   . HOH E 4 .   ? 9.959   0.611   -9.945  1.00 17.19 ? 137 HOH A O   1 
HETATM 962  O  O   . HOH E 4 .   ? 12.248  6.210   -3.626  1.00 22.54 ? 138 HOH A O   1 
HETATM 963  O  O   . HOH E 4 .   ? -5.243  9.797   1.614   1.00 17.73 ? 139 HOH A O   1 
HETATM 964  O  O   . HOH E 4 .   ? -4.719  10.725  4.212   1.00 29.34 ? 140 HOH A O   1 
HETATM 965  O  O   . HOH E 4 .   ? -7.827  9.703   0.823   1.00 39.80 ? 141 HOH A O   1 
HETATM 966  O  O   . HOH E 4 .   ? -8.500  -9.335  2.816   1.00 17.78 ? 142 HOH A O   1 
HETATM 967  O  O   . HOH E 4 .   ? 1.113   4.729   -2.886  1.00 22.64 ? 143 HOH A O   1 
HETATM 968  O  O   . HOH E 4 .   ? -11.181 -10.864 -6.328  1.00 22.83 ? 144 HOH A O   1 
HETATM 969  O  O   . HOH E 4 .   ? 0.422   5.026   11.693  1.00 27.90 ? 145 HOH A O   1 
HETATM 970  O  O   . HOH E 4 .   ? 2.132   6.326   9.816   1.00 26.69 ? 146 HOH A O   1 
HETATM 971  O  O   . HOH E 4 .   ? 2.670   4.230   -0.742  1.00 21.86 ? 147 HOH A O   1 
HETATM 972  O  O   . HOH E 4 .   ? 16.194  0.967   16.082  1.00 31.40 ? 148 HOH A O   1 
HETATM 973  O  O   . HOH E 4 .   ? 5.245   3.097   -16.849 1.00 29.70 ? 149 HOH A O   1 
HETATM 974  O  O   . HOH E 4 .   ? 12.027  0.387   21.665  1.00 33.52 ? 150 HOH A O   1 
HETATM 975  O  O   . HOH E 4 .   ? -13.307 -4.007  -11.437 1.00 34.30 ? 151 HOH A O   1 
HETATM 976  O  O   . HOH E 4 .   ? 8.108   1.677   -17.816 1.00 30.57 ? 152 HOH A O   1 
HETATM 977  O  O   . HOH E 4 .   ? -12.855 -6.654  -10.113 1.00 26.95 ? 153 HOH A O   1 
HETATM 978  O  O   . HOH E 4 .   ? 14.361  9.709   -0.678  1.00 25.93 ? 154 HOH A O   1 
HETATM 979  O  O   . HOH E 4 .   ? 14.057  8.202   -2.921  1.00 25.98 ? 155 HOH A O   1 
HETATM 980  O  O   . HOH E 4 .   ? -13.969 -10.188 -3.835  1.00 22.49 ? 156 HOH A O   1 
HETATM 981  O  O   . HOH E 4 .   ? 6.907   -15.543 6.009   1.00 32.63 ? 157 HOH A O   1 
HETATM 982  O  O   . HOH E 4 .   ? 16.040  -1.825  3.375   1.00 22.92 ? 158 HOH A O   1 
HETATM 983  O  O   . HOH E 4 .   ? -6.515  0.275   18.473  1.00 36.67 ? 159 HOH A O   1 
HETATM 984  O  O   . HOH E 4 .   ? 15.602  -5.457  17.030  1.00 34.29 ? 160 HOH A O   1 
HETATM 985  O  O   . HOH E 4 .   ? 13.532  -8.527  -2.029  1.00 30.04 ? 161 HOH A O   1 
HETATM 986  O  O   . HOH E 4 .   ? 14.339  1.848   -9.267  1.00 33.93 ? 162 HOH A O   1 
HETATM 987  O  O   . HOH E 4 .   ? 12.018  -8.544  1.778   1.00 19.85 ? 163 HOH A O   1 
HETATM 988  O  O   . HOH E 4 .   ? 1.335   -16.490 4.638   1.00 25.30 ? 164 HOH A O   1 
HETATM 989  O  O   . HOH E 4 .   ? 0.724   -0.808  0.105   1.00 22.21 ? 165 HOH A O   1 
HETATM 990  O  O   . HOH E 4 .   ? -9.561  -8.800  6.263   1.00 21.17 ? 166 HOH A O   1 
HETATM 991  O  O   . HOH E 4 .   ? 12.535  10.105  8.896   1.00 34.72 ? 167 HOH A O   1 
HETATM 992  O  O   . HOH E 4 .   ? 1.368   9.021   -7.946  1.00 34.52 ? 168 HOH A O   1 
HETATM 993  O  O   . HOH E 4 .   ? -11.859 -8.127  4.692   1.00 26.79 ? 169 HOH A O   1 
HETATM 994  O  O   . HOH E 4 .   ? 3.228   5.504   -7.107  1.00 23.49 ? 170 HOH A O   1 
HETATM 995  O  O   . HOH E 4 .   ? 4.581   2.489   -1.230  1.00 29.62 ? 171 HOH A O   1 
HETATM 996  O  O   . HOH E 4 .   ? 17.130  -2.510  -7.792  1.00 38.54 ? 172 HOH A O   1 
HETATM 997  O  O   . HOH E 4 .   ? -12.136 8.487   -5.979  1.00 40.66 ? 173 HOH A O   1 
HETATM 998  O  O   . HOH E 4 .   ? 13.761  6.095   11.583  1.00 35.11 ? 174 HOH A O   1 
HETATM 999  O  O   . HOH E 4 .   ? 2.052   -1.371  2.940   1.00 31.00 ? 175 HOH A O   1 
HETATM 1000 O  O   . HOH E 4 .   ? -3.557  -12.526 7.737   1.00 38.43 ? 176 HOH A O   1 
HETATM 1001 O  O   . HOH E 4 .   ? 7.001   10.320  -2.711  1.00 26.31 ? 177 HOH A O   1 
HETATM 1002 O  O   . HOH E 4 .   ? 0.999   -3.241  7.369   1.00 41.76 ? 178 HOH A O   1 
HETATM 1003 O  O   . HOH E 4 .   ? -0.694  13.957  -1.378  1.00 23.34 ? 179 HOH A O   1 
HETATM 1004 O  O   . HOH E 4 .   ? 9.467   -3.124  21.418  1.00 41.36 ? 180 HOH A O   1 
HETATM 1005 O  O   . HOH E 4 .   ? 1.427   -6.040  6.432   1.00 41.05 ? 181 HOH A O   1 
HETATM 1006 O  O   . HOH E 4 .   ? -6.860  3.536   15.994  1.00 42.48 ? 182 HOH A O   1 
HETATM 1007 O  O   . HOH E 4 .   ? 8.097   10.973  2.765   1.00 26.59 ? 183 HOH A O   1 
HETATM 1008 O  O   . HOH E 4 .   ? -7.883  -11.452 8.642   1.00 40.26 ? 184 HOH A O   1 
HETATM 1009 O  O   . HOH E 4 .   ? 2.679   8.551   -5.588  1.00 47.12 ? 185 HOH A O   1 
HETATM 1010 O  O   . HOH E 4 .   ? 19.034  0.849   -2.931  1.00 38.88 ? 186 HOH A O   1 
HETATM 1011 O  O   . HOH E 4 .   ? -9.806  -12.283 2.871   1.00 42.90 ? 187 HOH A O   1 
HETATM 1012 O  O   . HOH E 4 .   ? 10.648  8.910   -10.120 1.00 31.45 ? 188 HOH A O   1 
HETATM 1013 O  O   . HOH E 4 .   ? -11.001 4.272   -3.497  1.00 41.19 ? 189 HOH A O   1 
HETATM 1014 O  O   . HOH E 4 .   ? -9.114  7.173   1.205   1.00 38.81 ? 190 HOH A O   1 
HETATM 1015 O  O   . HOH E 4 .   ? -12.946 -0.194  0.761   1.00 41.16 ? 191 HOH A O   1 
HETATM 1016 O  O   . HOH E 4 .   ? -6.950  7.216   11.913  1.00 39.58 ? 192 HOH A O   1 
HETATM 1017 O  O   . HOH E 4 .   ? 17.953  -2.781  1.802   1.00 42.85 ? 193 HOH A O   1 
HETATM 1018 O  O   . HOH E 4 .   ? 5.084   10.395  -4.842  1.00 43.23 ? 194 HOH A O   1 
HETATM 1019 O  O   . HOH E 4 .   ? -13.366 -3.374  -4.434  1.00 24.71 ? 195 HOH A O   1 
HETATM 1020 O  O   . HOH E 4 .   ? -1.167  -0.507  2.323   1.00 46.30 ? 196 HOH A O   1 
HETATM 1021 O  O   . HOH E 4 .   ? 5.857   14.071  2.876   1.00 49.40 ? 197 HOH A O   1 
HETATM 1022 O  O   . HOH E 4 .   ? 18.518  -0.594  -0.999  1.00 48.62 ? 198 HOH A O   1 
HETATM 1023 O  O   . HOH E 4 .   ? -14.782 3.847   -5.693  1.00 48.17 ? 199 HOH A O   1 
HETATM 1024 O  O   . HOH E 4 .   ? -14.620 -1.697  0.382   1.00 50.11 ? 200 HOH A O   1 
HETATM 1025 O  O   . HOH E 4 .   ? 4.374   11.089  9.105   1.00 41.02 ? 201 HOH A O   1 
HETATM 1026 O  O   . HOH E 4 .   ? -11.693 9.787   1.058   1.00 42.72 ? 202 HOH A O   1 
HETATM 1027 O  O   . HOH E 4 .   ? -13.623 -0.605  4.890   1.00 50.71 ? 203 HOH A O   1 
HETATM 1028 O  O   . HOH E 4 .   ? -3.601  6.821   13.545  1.00 41.22 ? 204 HOH A O   1 
HETATM 1029 O  O   . HOH E 4 .   ? -11.540 7.718   -11.235 1.00 54.25 ? 205 HOH A O   1 
HETATM 1030 O  O   . HOH E 4 .   ? 10.255  10.660  -3.946  1.00 45.48 ? 206 HOH A O   1 
HETATM 1031 O  O   . HOH E 4 .   ? 10.574  -3.659  15.198  1.00 38.02 ? 207 HOH A O   1 
HETATM 1032 O  O   . HOH E 4 .   ? 9.224   6.222   -13.673 1.00 48.79 ? 208 HOH A O   1 
HETATM 1033 O  O   . HOH E 4 .   ? 7.478   7.860   13.048  1.00 35.72 ? 209 HOH A O   1 
HETATM 1034 O  O   . HOH E 4 .   ? -16.943 -3.123  1.355   1.00 42.64 ? 210 HOH A O   1 
HETATM 1035 O  O   . HOH E 4 .   ? 12.199  -9.071  -3.889  1.00 36.45 ? 211 HOH A O   1 
HETATM 1036 O  O   . HOH E 4 .   ? -14.599 4.314   -13.302 1.00 51.18 ? 212 HOH A O   1 
HETATM 1037 O  O   . HOH E 4 .   ? -15.574 -2.708  4.089   1.00 42.70 ? 213 HOH A O   1 
HETATM 1038 O  O   . HOH E 4 .   ? -8.723  7.211   10.613  1.00 35.89 ? 214 HOH A O   1 
HETATM 1039 O  O   . HOH E 4 .   ? -0.501  12.424  11.017  1.00 42.25 ? 215 HOH A O   1 
HETATM 1040 O  O   . HOH E 4 .   ? 10.238  8.233   13.403  1.00 45.32 ? 216 HOH A O   1 
HETATM 1041 O  O   . HOH E 4 .   ? 3.308   -3.503  8.681   1.00 50.89 ? 217 HOH A O   1 
HETATM 1042 O  O   . HOH E 4 .   ? -4.926  12.231  0.329   0.50 23.40 ? 218 HOH A O   1 
HETATM 1043 O  O   . HOH E 4 .   ? -3.291  12.780  -1.776  0.50 18.32 ? 219 HOH A O   1 
HETATM 1044 O  O   . HOH E 4 .   ? 13.499  -10.298 0.623   0.50 54.01 ? 220 HOH A O   1 
HETATM 1045 O  O   . HOH E 4 .   ? 15.942  11.834  -0.734  1.00 39.42 ? 221 HOH A O   1 
HETATM 1046 O  O   . HOH E 4 .   ? -9.381  -5.707  -15.918 0.50 18.94 ? 222 HOH A O   1 
HETATM 1047 O  O   . HOH E 4 .   ? 19.138  -0.521  1.118   1.00 45.59 ? 223 HOH A O   1 
HETATM 1048 O  O   A HOH E 4 .   ? -16.536 -1.113  1.084   0.50 18.25 ? 224 HOH A O   1 
HETATM 1049 O  O   B HOH E 4 .   ? -17.933 -1.052  -0.135  0.50 27.97 ? 224 HOH A O   1 
HETATM 1050 O  O   . HOH E 4 .   ? -6.470  5.152   -17.110 1.00 44.94 ? 225 HOH A O   1 
HETATM 1051 O  O   . HOH E 4 .   ? 14.982  8.828   7.255   1.00 38.57 ? 226 HOH A O   1 
HETATM 1052 O  O   . HOH E 4 .   ? 12.692  12.558  2.961   1.00 48.35 ? 227 HOH A O   1 
HETATM 1053 O  O   . HOH E 4 .   ? -12.492 10.962  -6.216  1.00 48.25 ? 228 HOH A O   1 
HETATM 1054 O  O   . HOH E 4 .   ? -2.457  14.237  9.808   1.00 50.76 ? 229 HOH A O   1 
# 
